data_2VRI
# 
_entry.id   2VRI 
# 
_audit_conform.dict_name       mmcif_pdbx.dic 
_audit_conform.dict_version    5.382 
_audit_conform.dict_location   http://mmcif.pdb.org/dictionaries/ascii/mmcif_pdbx.dic 
# 
loop_
_database_2.database_id 
_database_2.database_code 
_database_2.pdbx_database_accession 
_database_2.pdbx_DOI 
PDB   2VRI         pdb_00002vri 10.2210/pdb2vri/pdb 
PDBE  EBI-30366    ?            ?                   
WWPDB D_1290030366 ?            ?                   
# 
_pdbx_database_status.status_code                     REL 
_pdbx_database_status.entry_id                        2VRI 
_pdbx_database_status.deposit_site                    PDBE 
_pdbx_database_status.process_site                    PDBE 
_pdbx_database_status.SG_entry                        . 
_pdbx_database_status.recvd_initial_deposition_date   2008-04-08 
_pdbx_database_status.pdb_format_compatible           Y 
_pdbx_database_status.status_code_sf                  REL 
_pdbx_database_status.status_code_mr                  ? 
_pdbx_database_status.status_code_cs                  ? 
_pdbx_database_status.methods_development_category    ? 
_pdbx_database_status.status_code_nmr_data            ? 
# 
loop_
_audit_author.name 
_audit_author.pdbx_ordinal 
'Piotrowski, Y.' 1 
'Mesters, J.R.'  2 
'Moll, R.'       3 
'Hilgenfeld, R.' 4 
# 
_citation.id                        primary 
_citation.title                     'Structure of the Nsp3 X-Domain of Human Coronavirus Nl63' 
_citation.journal_abbrev            'To be Published' 
_citation.journal_volume            ? 
_citation.page_first                ? 
_citation.page_last                 ? 
_citation.year                      ? 
_citation.journal_id_ASTM           ? 
_citation.country                   ? 
_citation.journal_id_ISSN           ? 
_citation.journal_id_CSD            0353 
_citation.book_publisher            ? 
_citation.pdbx_database_id_PubMed   ? 
_citation.pdbx_database_id_DOI      ? 
# 
loop_
_citation_author.citation_id 
_citation_author.name 
_citation_author.ordinal 
_citation_author.identifier_ORCID 
primary 'Piotrowski, Y.'   1 ? 
primary 'Mesters, J.R.'    2 ? 
primary 'Van Der Hoek, L.' 3 ? 
primary 'Moll, R.'         4 ? 
primary 'Hilgenfeld, R.'   5 ? 
# 
_cell.entry_id           2VRI 
_cell.length_a           53.970 
_cell.length_b           54.770 
_cell.length_c           57.330 
_cell.angle_alpha        90.00 
_cell.angle_beta         90.00 
_cell.angle_gamma        90.00 
_cell.Z_PDB              4 
_cell.pdbx_unique_axis   ? 
# 
_symmetry.entry_id                         2VRI 
_symmetry.space_group_name_H-M             'P 21 21 21' 
_symmetry.pdbx_full_space_group_name_H-M   ? 
_symmetry.cell_setting                     ? 
_symmetry.Int_Tables_number                19 
# 
loop_
_entity.id 
_entity.type 
_entity.src_method 
_entity.pdbx_description 
_entity.formula_weight 
_entity.pdbx_number_of_molecules 
_entity.pdbx_ec 
_entity.pdbx_mutation 
_entity.pdbx_fragment 
_entity.details 
1 polymer     man 'NON-STRUCTURAL PROTEIN 3' 18874.654 1  ? ? 'NSP3 X-DOMAIN, RESIDUES 1258-1421' ? 
2 non-polymer syn 1,2-ETHANEDIOL             62.068    2  ? ? ?                                   ? 
3 water       nat water                      18.015    97 ? ? ?                                   ? 
# 
_entity_name_com.entity_id   1 
_entity_name_com.name        'REPLICASE POLYPROTEIN 1AB, PP1AB, ORF1AB POLYPROTEIN' 
# 
_entity_poly.entity_id                      1 
_entity_poly.type                           'polypeptide(L)' 
_entity_poly.nstd_linkage                   no 
_entity_poly.nstd_monomer                   no 
_entity_poly.pdbx_seq_one_letter_code       
;KAGSAAAPFTKPFAVYKNVKFYLGDISHLVNCVSFDFVVNAANENLLHGGGVARAIDILTEGQLQSLSKDYISSNGPLKV
GAGVMLECEKFNVFNVVGPRTGKHEHSLLVEAYNSILFENGIPLMPLLSCGIFGVRIENSLKALFSCDINKPLQVFVYSS
NEEQAVLKFLDGLD
;
_entity_poly.pdbx_seq_one_letter_code_can   
;KAGSAAAPFTKPFAVYKNVKFYLGDISHLVNCVSFDFVVNAANENLLHGGGVARAIDILTEGQLQSLSKDYISSNGPLKV
GAGVMLECEKFNVFNVVGPRTGKHEHSLLVEAYNSILFENGIPLMPLLSCGIFGVRIENSLKALFSCDINKPLQVFVYSS
NEEQAVLKFLDGLD
;
_entity_poly.pdbx_strand_id                 A 
_entity_poly.pdbx_target_identifier         ? 
# 
loop_
_entity_poly_seq.entity_id 
_entity_poly_seq.num 
_entity_poly_seq.mon_id 
_entity_poly_seq.hetero 
1 1   LYS n 
1 2   ALA n 
1 3   GLY n 
1 4   SER n 
1 5   ALA n 
1 6   ALA n 
1 7   ALA n 
1 8   PRO n 
1 9   PHE n 
1 10  THR n 
1 11  LYS n 
1 12  PRO n 
1 13  PHE n 
1 14  ALA n 
1 15  VAL n 
1 16  TYR n 
1 17  LYS n 
1 18  ASN n 
1 19  VAL n 
1 20  LYS n 
1 21  PHE n 
1 22  TYR n 
1 23  LEU n 
1 24  GLY n 
1 25  ASP n 
1 26  ILE n 
1 27  SER n 
1 28  HIS n 
1 29  LEU n 
1 30  VAL n 
1 31  ASN n 
1 32  CYS n 
1 33  VAL n 
1 34  SER n 
1 35  PHE n 
1 36  ASP n 
1 37  PHE n 
1 38  VAL n 
1 39  VAL n 
1 40  ASN n 
1 41  ALA n 
1 42  ALA n 
1 43  ASN n 
1 44  GLU n 
1 45  ASN n 
1 46  LEU n 
1 47  LEU n 
1 48  HIS n 
1 49  GLY n 
1 50  GLY n 
1 51  GLY n 
1 52  VAL n 
1 53  ALA n 
1 54  ARG n 
1 55  ALA n 
1 56  ILE n 
1 57  ASP n 
1 58  ILE n 
1 59  LEU n 
1 60  THR n 
1 61  GLU n 
1 62  GLY n 
1 63  GLN n 
1 64  LEU n 
1 65  GLN n 
1 66  SER n 
1 67  LEU n 
1 68  SER n 
1 69  LYS n 
1 70  ASP n 
1 71  TYR n 
1 72  ILE n 
1 73  SER n 
1 74  SER n 
1 75  ASN n 
1 76  GLY n 
1 77  PRO n 
1 78  LEU n 
1 79  LYS n 
1 80  VAL n 
1 81  GLY n 
1 82  ALA n 
1 83  GLY n 
1 84  VAL n 
1 85  MET n 
1 86  LEU n 
1 87  GLU n 
1 88  CYS n 
1 89  GLU n 
1 90  LYS n 
1 91  PHE n 
1 92  ASN n 
1 93  VAL n 
1 94  PHE n 
1 95  ASN n 
1 96  VAL n 
1 97  VAL n 
1 98  GLY n 
1 99  PRO n 
1 100 ARG n 
1 101 THR n 
1 102 GLY n 
1 103 LYS n 
1 104 HIS n 
1 105 GLU n 
1 106 HIS n 
1 107 SER n 
1 108 LEU n 
1 109 LEU n 
1 110 VAL n 
1 111 GLU n 
1 112 ALA n 
1 113 TYR n 
1 114 ASN n 
1 115 SER n 
1 116 ILE n 
1 117 LEU n 
1 118 PHE n 
1 119 GLU n 
1 120 ASN n 
1 121 GLY n 
1 122 ILE n 
1 123 PRO n 
1 124 LEU n 
1 125 MET n 
1 126 PRO n 
1 127 LEU n 
1 128 LEU n 
1 129 SER n 
1 130 CYS n 
1 131 GLY n 
1 132 ILE n 
1 133 PHE n 
1 134 GLY n 
1 135 VAL n 
1 136 ARG n 
1 137 ILE n 
1 138 GLU n 
1 139 ASN n 
1 140 SER n 
1 141 LEU n 
1 142 LYS n 
1 143 ALA n 
1 144 LEU n 
1 145 PHE n 
1 146 SER n 
1 147 CYS n 
1 148 ASP n 
1 149 ILE n 
1 150 ASN n 
1 151 LYS n 
1 152 PRO n 
1 153 LEU n 
1 154 GLN n 
1 155 VAL n 
1 156 PHE n 
1 157 VAL n 
1 158 TYR n 
1 159 SER n 
1 160 SER n 
1 161 ASN n 
1 162 GLU n 
1 163 GLU n 
1 164 GLN n 
1 165 ALA n 
1 166 VAL n 
1 167 LEU n 
1 168 LYS n 
1 169 PHE n 
1 170 LEU n 
1 171 ASP n 
1 172 GLY n 
1 173 LEU n 
1 174 ASP n 
# 
_entity_src_gen.entity_id                          1 
_entity_src_gen.pdbx_src_id                        1 
_entity_src_gen.pdbx_alt_source_flag               sample 
_entity_src_gen.pdbx_seq_type                      ? 
_entity_src_gen.pdbx_beg_seq_num                   ? 
_entity_src_gen.pdbx_end_seq_num                   ? 
_entity_src_gen.gene_src_common_name               HCOV-NL63 
_entity_src_gen.gene_src_genus                     ? 
_entity_src_gen.pdbx_gene_src_gene                 ? 
_entity_src_gen.gene_src_species                   ? 
_entity_src_gen.gene_src_strain                    ? 
_entity_src_gen.gene_src_tissue                    ? 
_entity_src_gen.gene_src_tissue_fraction           ? 
_entity_src_gen.gene_src_details                   ? 
_entity_src_gen.pdbx_gene_src_fragment             ? 
_entity_src_gen.pdbx_gene_src_scientific_name      'HUMAN CORONAVIRUS NL63' 
_entity_src_gen.pdbx_gene_src_ncbi_taxonomy_id     277944 
_entity_src_gen.pdbx_gene_src_variant              ? 
_entity_src_gen.pdbx_gene_src_cell_line            ? 
_entity_src_gen.pdbx_gene_src_atcc                 ? 
_entity_src_gen.pdbx_gene_src_organ                ? 
_entity_src_gen.pdbx_gene_src_organelle            ? 
_entity_src_gen.pdbx_gene_src_cell                 ? 
_entity_src_gen.pdbx_gene_src_cellular_location    ? 
_entity_src_gen.host_org_common_name               ? 
_entity_src_gen.pdbx_host_org_scientific_name      'ESCHERICHIA COLI' 
_entity_src_gen.pdbx_host_org_ncbi_taxonomy_id     469008 
_entity_src_gen.host_org_genus                     ? 
_entity_src_gen.pdbx_host_org_gene                 ? 
_entity_src_gen.pdbx_host_org_organ                ? 
_entity_src_gen.host_org_species                   ? 
_entity_src_gen.pdbx_host_org_tissue               ? 
_entity_src_gen.pdbx_host_org_tissue_fraction      ? 
_entity_src_gen.pdbx_host_org_strain               'BL21(DE3)' 
_entity_src_gen.pdbx_host_org_variant              ? 
_entity_src_gen.pdbx_host_org_cell_line            ? 
_entity_src_gen.pdbx_host_org_atcc                 ? 
_entity_src_gen.pdbx_host_org_culture_collection   ? 
_entity_src_gen.pdbx_host_org_cell                 ? 
_entity_src_gen.pdbx_host_org_organelle            ? 
_entity_src_gen.pdbx_host_org_cellular_location    ? 
_entity_src_gen.pdbx_host_org_vector_type          ? 
_entity_src_gen.pdbx_host_org_vector               ? 
_entity_src_gen.host_org_details                   ? 
_entity_src_gen.expression_system_id               ? 
_entity_src_gen.plasmid_name                       PGEX-DEST7 
_entity_src_gen.plasmid_details                    ? 
_entity_src_gen.pdbx_description                   ? 
# 
loop_
_struct_ref.id 
_struct_ref.db_name 
_struct_ref.db_code 
_struct_ref.entity_id 
_struct_ref.pdbx_seq_one_letter_code 
_struct_ref.pdbx_align_begin 
_struct_ref.pdbx_db_accession 
_struct_ref.pdbx_db_isoform 
1 PDB 2VRI      1 ? ? 2VRI   ? 
2 UNP R1A_CVHNL 1 ? ? P0C6U6 ? 
# 
loop_
_struct_ref_seq.align_id 
_struct_ref_seq.ref_id 
_struct_ref_seq.pdbx_PDB_id_code 
_struct_ref_seq.pdbx_strand_id 
_struct_ref_seq.seq_align_beg 
_struct_ref_seq.pdbx_seq_align_beg_ins_code 
_struct_ref_seq.seq_align_end 
_struct_ref_seq.pdbx_seq_align_end_ins_code 
_struct_ref_seq.pdbx_db_accession 
_struct_ref_seq.db_align_beg 
_struct_ref_seq.pdbx_db_align_beg_ins_code 
_struct_ref_seq.db_align_end 
_struct_ref_seq.pdbx_db_align_end_ins_code 
_struct_ref_seq.pdbx_auth_seq_align_beg 
_struct_ref_seq.pdbx_auth_seq_align_end 
1 1 2VRI A 1  ? 10  ? 2VRI   -9   ? 0    ? -9 0   
2 2 2VRI A 11 ? 174 ? P0C6U6 1258 ? 1421 ? 1  164 
# 
loop_
_chem_comp.id 
_chem_comp.type 
_chem_comp.mon_nstd_flag 
_chem_comp.name 
_chem_comp.pdbx_synonyms 
_chem_comp.formula 
_chem_comp.formula_weight 
ALA 'L-peptide linking' y ALANINE         ?                 'C3 H7 N O2'     89.093  
ARG 'L-peptide linking' y ARGININE        ?                 'C6 H15 N4 O2 1' 175.209 
ASN 'L-peptide linking' y ASPARAGINE      ?                 'C4 H8 N2 O3'    132.118 
ASP 'L-peptide linking' y 'ASPARTIC ACID' ?                 'C4 H7 N O4'     133.103 
CYS 'L-peptide linking' y CYSTEINE        ?                 'C3 H7 N O2 S'   121.158 
EDO non-polymer         . 1,2-ETHANEDIOL  'ETHYLENE GLYCOL' 'C2 H6 O2'       62.068  
GLN 'L-peptide linking' y GLUTAMINE       ?                 'C5 H10 N2 O3'   146.144 
GLU 'L-peptide linking' y 'GLUTAMIC ACID' ?                 'C5 H9 N O4'     147.129 
GLY 'peptide linking'   y GLYCINE         ?                 'C2 H5 N O2'     75.067  
HIS 'L-peptide linking' y HISTIDINE       ?                 'C6 H10 N3 O2 1' 156.162 
HOH non-polymer         . WATER           ?                 'H2 O'           18.015  
ILE 'L-peptide linking' y ISOLEUCINE      ?                 'C6 H13 N O2'    131.173 
LEU 'L-peptide linking' y LEUCINE         ?                 'C6 H13 N O2'    131.173 
LYS 'L-peptide linking' y LYSINE          ?                 'C6 H15 N2 O2 1' 147.195 
MET 'L-peptide linking' y METHIONINE      ?                 'C5 H11 N O2 S'  149.211 
PHE 'L-peptide linking' y PHENYLALANINE   ?                 'C9 H11 N O2'    165.189 
PRO 'L-peptide linking' y PROLINE         ?                 'C5 H9 N O2'     115.130 
SER 'L-peptide linking' y SERINE          ?                 'C3 H7 N O3'     105.093 
THR 'L-peptide linking' y THREONINE       ?                 'C4 H9 N O3'     119.119 
TYR 'L-peptide linking' y TYROSINE        ?                 'C9 H11 N O3'    181.189 
VAL 'L-peptide linking' y VALINE          ?                 'C5 H11 N O2'    117.146 
# 
_exptl.entry_id          2VRI 
_exptl.method            'X-RAY DIFFRACTION' 
_exptl.crystals_number   1 
# 
_exptl_crystal.id                    1 
_exptl_crystal.density_meas          ? 
_exptl_crystal.density_Matthews      2.2 
_exptl_crystal.density_percent_sol   44.2 
_exptl_crystal.description           NONE 
# 
_exptl_crystal_grow.crystal_id      1 
_exptl_crystal_grow.method          ? 
_exptl_crystal_grow.temp            ? 
_exptl_crystal_grow.temp_details    ? 
_exptl_crystal_grow.pH              7.5 
_exptl_crystal_grow.pdbx_pH_range   ? 
_exptl_crystal_grow.pdbx_details    'pH 7.5' 
# 
_diffrn.id                     1 
_diffrn.ambient_temp           100 
_diffrn.ambient_temp_details   ? 
_diffrn.crystal_id             1 
# 
_diffrn_detector.diffrn_id              1 
_diffrn_detector.detector               CCD 
_diffrn_detector.type                   MARRESEARCH 
_diffrn_detector.pdbx_collection_date   2006-07-06 
_diffrn_detector.details                MIRRORS 
# 
_diffrn_radiation.diffrn_id                        1 
_diffrn_radiation.wavelength_id                    1 
_diffrn_radiation.pdbx_monochromatic_or_laue_m_l   M 
_diffrn_radiation.monochromator                    ? 
_diffrn_radiation.pdbx_diffrn_protocol             'SINGLE WAVELENGTH' 
_diffrn_radiation.pdbx_scattering_type             x-ray 
# 
_diffrn_radiation_wavelength.id           1 
_diffrn_radiation_wavelength.wavelength   0.8075 
_diffrn_radiation_wavelength.wt           1.0 
# 
_diffrn_source.diffrn_id                   1 
_diffrn_source.source                      SYNCHROTRON 
_diffrn_source.type                        'EMBL/DESY, HAMBURG BEAMLINE X13' 
_diffrn_source.pdbx_synchrotron_site       'EMBL/DESY, HAMBURG' 
_diffrn_source.pdbx_synchrotron_beamline   X13 
_diffrn_source.pdbx_wavelength             0.8075 
_diffrn_source.pdbx_wavelength_list        ? 
# 
_reflns.pdbx_diffrn_id               1 
_reflns.pdbx_ordinal                 1 
_reflns.entry_id                     2VRI 
_reflns.observed_criterion_sigma_I   2.0 
_reflns.observed_criterion_sigma_F   ? 
_reflns.d_resolution_low             40.00 
_reflns.d_resolution_high            1.70 
_reflns.number_obs                   19914 
_reflns.number_all                   ? 
_reflns.percent_possible_obs         99.0 
_reflns.pdbx_Rmerge_I_obs            0.10 
_reflns.pdbx_Rsym_value              ? 
_reflns.pdbx_netI_over_sigmaI        8.70 
_reflns.B_iso_Wilson_estimate        ? 
_reflns.pdbx_redundancy              5.5 
# 
_reflns_shell.pdbx_diffrn_id         1 
_reflns_shell.pdbx_ordinal           1 
_reflns_shell.d_res_high             1.70 
_reflns_shell.d_res_low              1.74 
_reflns_shell.percent_possible_all   88.3 
_reflns_shell.Rmerge_I_obs           0.95 
_reflns_shell.pdbx_Rsym_value        ? 
_reflns_shell.meanI_over_sigI_obs    1.64 
_reflns_shell.pdbx_redundancy        4.2 
# 
_refine.pdbx_refine_id                           'X-RAY DIFFRACTION' 
_refine.entry_id                                 2VRI 
_refine.pdbx_diffrn_id                           1 
_refine.pdbx_TLS_residual_ADP_flag               ? 
_refine.ls_number_reflns_obs                     12892 
_refine.ls_number_reflns_all                     ? 
_refine.pdbx_ls_sigma_I                          ? 
_refine.pdbx_ls_sigma_F                          ? 
_refine.pdbx_data_cutoff_high_absF               ? 
_refine.pdbx_data_cutoff_low_absF                ? 
_refine.pdbx_data_cutoff_high_rms_absF           ? 
_refine.ls_d_res_low                             39.59 
_refine.ls_d_res_high                            1.90 
_refine.ls_percent_reflns_obs                    99.8 
_refine.ls_R_factor_obs                          0.189 
_refine.ls_R_factor_all                          ? 
_refine.ls_R_factor_R_work                       0.185 
_refine.ls_R_factor_R_free                       0.243 
_refine.ls_R_factor_R_free_error                 ? 
_refine.ls_R_factor_R_free_error_details         ? 
_refine.ls_percent_reflns_R_free                 7.100 
_refine.ls_number_reflns_R_free                  990 
_refine.ls_number_parameters                     ? 
_refine.ls_number_restraints                     ? 
_refine.occupancy_min                            ? 
_refine.occupancy_max                            ? 
_refine.correlation_coeff_Fo_to_Fc               0.949 
_refine.correlation_coeff_Fo_to_Fc_free          0.918 
_refine.B_iso_mean                               21.25 
_refine.aniso_B[1][1]                            0.93000 
_refine.aniso_B[2][2]                            1.34000 
_refine.aniso_B[3][3]                            -2.27000 
_refine.aniso_B[1][2]                            0.00000 
_refine.aniso_B[1][3]                            0.00000 
_refine.aniso_B[2][3]                            0.00000 
_refine.solvent_model_details                    MASK 
_refine.solvent_model_param_ksol                 ? 
_refine.solvent_model_param_bsol                 ? 
_refine.pdbx_solvent_vdw_probe_radii             1.20 
_refine.pdbx_solvent_ion_probe_radii             0.80 
_refine.pdbx_solvent_shrinkage_radii             0.80 
_refine.pdbx_ls_cross_valid_method               THROUGHOUT 
_refine.details                                  'HYDROGENS HAVE BEEN ADDED IN THE RIDING POSITIONS' 
_refine.pdbx_starting_model                      'PDB ENTRY 2ACF' 
_refine.pdbx_method_to_determine_struct          'MOLECULAR REPLACEMENT' 
_refine.pdbx_isotropic_thermal_model             ? 
_refine.pdbx_stereochemistry_target_values       'MAXIMUM LIKELIHOOD' 
_refine.pdbx_stereochem_target_val_spec_case     ? 
_refine.pdbx_R_Free_selection_details            RANDOM 
_refine.pdbx_overall_ESU_R                       0.163 
_refine.pdbx_overall_ESU_R_Free                  0.158 
_refine.overall_SU_ML                            0.098 
_refine.pdbx_overall_phase_error                 ? 
_refine.overall_SU_B                             3.261 
_refine.overall_SU_R_Cruickshank_DPI             ? 
_refine.pdbx_overall_SU_R_free_Cruickshank_DPI   ? 
_refine.pdbx_overall_SU_R_Blow_DPI               ? 
_refine.pdbx_overall_SU_R_free_Blow_DPI          ? 
# 
_refine_hist.pdbx_refine_id                   'X-RAY DIFFRACTION' 
_refine_hist.cycle_id                         LAST 
_refine_hist.pdbx_number_atoms_protein        1320 
_refine_hist.pdbx_number_atoms_nucleic_acid   0 
_refine_hist.pdbx_number_atoms_ligand         8 
_refine_hist.number_atoms_solvent             97 
_refine_hist.number_atoms_total               1425 
_refine_hist.d_res_high                       1.90 
_refine_hist.d_res_low                        39.59 
# 
loop_
_refine_ls_restr.type 
_refine_ls_restr.dev_ideal 
_refine_ls_restr.dev_ideal_target 
_refine_ls_restr.weight 
_refine_ls_restr.number 
_refine_ls_restr.pdbx_refine_id 
_refine_ls_restr.pdbx_restraint_function 
r_bond_refined_d             0.014  0.022  ? 1375 'X-RAY DIFFRACTION' ? 
r_bond_other_d               ?      ?      ? ?    'X-RAY DIFFRACTION' ? 
r_angle_refined_deg          1.520  1.969  ? 1864 'X-RAY DIFFRACTION' ? 
r_angle_other_deg            ?      ?      ? ?    'X-RAY DIFFRACTION' ? 
r_dihedral_angle_1_deg       7.453  5.000  ? 180  'X-RAY DIFFRACTION' ? 
r_dihedral_angle_2_deg       42.082 25.424 ? 59   'X-RAY DIFFRACTION' ? 
r_dihedral_angle_3_deg       13.902 15.000 ? 230  'X-RAY DIFFRACTION' ? 
r_dihedral_angle_4_deg       13.357 15.000 ? 3    'X-RAY DIFFRACTION' ? 
r_chiral_restr               0.103  0.200  ? 213  'X-RAY DIFFRACTION' ? 
r_gen_planes_refined         0.006  0.020  ? 1035 'X-RAY DIFFRACTION' ? 
r_gen_planes_other           ?      ?      ? ?    'X-RAY DIFFRACTION' ? 
r_nbd_refined                0.220  0.200  ? 704  'X-RAY DIFFRACTION' ? 
r_nbd_other                  ?      ?      ? ?    'X-RAY DIFFRACTION' ? 
r_nbtor_refined              0.315  0.200  ? 978  'X-RAY DIFFRACTION' ? 
r_nbtor_other                ?      ?      ? ?    'X-RAY DIFFRACTION' ? 
r_xyhbond_nbd_refined        0.138  0.200  ? 114  'X-RAY DIFFRACTION' ? 
r_xyhbond_nbd_other          ?      ?      ? ?    'X-RAY DIFFRACTION' ? 
r_metal_ion_refined          ?      ?      ? ?    'X-RAY DIFFRACTION' ? 
r_metal_ion_other            ?      ?      ? ?    'X-RAY DIFFRACTION' ? 
r_symmetry_vdw_refined       0.262  0.200  ? 53   'X-RAY DIFFRACTION' ? 
r_symmetry_vdw_other         ?      ?      ? ?    'X-RAY DIFFRACTION' ? 
r_symmetry_hbond_refined     0.159  0.200  ? 8    'X-RAY DIFFRACTION' ? 
r_symmetry_hbond_other       ?      ?      ? ?    'X-RAY DIFFRACTION' ? 
r_symmetry_metal_ion_refined ?      ?      ? ?    'X-RAY DIFFRACTION' ? 
r_symmetry_metal_ion_other   ?      ?      ? ?    'X-RAY DIFFRACTION' ? 
r_mcbond_it                  0.935  1.500  ? 885  'X-RAY DIFFRACTION' ? 
r_mcbond_other               ?      ?      ? ?    'X-RAY DIFFRACTION' ? 
r_mcangle_it                 1.604  2.000  ? 1398 'X-RAY DIFFRACTION' ? 
r_mcangle_other              ?      ?      ? ?    'X-RAY DIFFRACTION' ? 
r_scbond_it                  2.532  3.000  ? 535  'X-RAY DIFFRACTION' ? 
r_scbond_other               ?      ?      ? ?    'X-RAY DIFFRACTION' ? 
r_scangle_it                 3.906  4.500  ? 462  'X-RAY DIFFRACTION' ? 
r_scangle_other              ?      ?      ? ?    'X-RAY DIFFRACTION' ? 
r_long_range_B_refined       ?      ?      ? ?    'X-RAY DIFFRACTION' ? 
r_long_range_B_other         ?      ?      ? ?    'X-RAY DIFFRACTION' ? 
r_rigid_bond_restr           ?      ?      ? ?    'X-RAY DIFFRACTION' ? 
r_sphericity_free            ?      ?      ? ?    'X-RAY DIFFRACTION' ? 
r_sphericity_bonded          ?      ?      ? ?    'X-RAY DIFFRACTION' ? 
# 
_refine_ls_shell.pdbx_refine_id                   'X-RAY DIFFRACTION' 
_refine_ls_shell.pdbx_total_number_of_bins_used   20 
_refine_ls_shell.d_res_high                       1.90 
_refine_ls_shell.d_res_low                        1.95 
_refine_ls_shell.number_reflns_R_work             923 
_refine_ls_shell.R_factor_R_work                  0.2150 
_refine_ls_shell.percent_reflns_obs               100.00 
_refine_ls_shell.R_factor_R_free                  0.2830 
_refine_ls_shell.R_factor_R_free_error            ? 
_refine_ls_shell.percent_reflns_R_free            ? 
_refine_ls_shell.number_reflns_R_free             73 
_refine_ls_shell.number_reflns_all                ? 
_refine_ls_shell.R_factor_all                     ? 
# 
_struct.entry_id                  2VRI 
_struct.title                     'Structure of the NSP3 X-domain of human coronavirus NL63' 
_struct.pdbx_model_details        ? 
_struct.pdbx_CASP_flag            ? 
_struct.pdbx_model_type_details   ? 
# 
_struct_keywords.entry_id        2VRI 
_struct_keywords.pdbx_keywords   'VIRAL PROTEIN' 
_struct_keywords.text            
;RNA REPLICATION, NUCLEOTIDE-BINDING, ENDONUCLEASE, MACRO DOMAIN, VIRAL PROTEIN, ATP-BINDING, EXONUCLEASE, RNA-BINDING, TRANSFERASE, NSP3, ADRP, ZINC, MEMBRANE, HELICASE, PROTEASE, METAL-BINDING, TRANSMEMBRANE, THIOL PROTEASE, NUCLEASE, HYDROLASE, CYTOPLASM, HCOV-NL63, ZINC-FINGER, NUCLEOTIDYLTRANSFERASE, RIBOSOMAL FRAMESHIFTING, RNA-DIRECTED RNA POLYMERASE
;
# 
loop_
_struct_asym.id 
_struct_asym.pdbx_blank_PDB_chainid_flag 
_struct_asym.pdbx_modified 
_struct_asym.entity_id 
_struct_asym.details 
A N N 1 ? 
B N N 2 ? 
C N N 2 ? 
D N N 3 ? 
# 
_struct_biol.id   1 
# 
loop_
_struct_conf.conf_type_id 
_struct_conf.id 
_struct_conf.pdbx_PDB_helix_id 
_struct_conf.beg_label_comp_id 
_struct_conf.beg_label_asym_id 
_struct_conf.beg_label_seq_id 
_struct_conf.pdbx_beg_PDB_ins_code 
_struct_conf.end_label_comp_id 
_struct_conf.end_label_asym_id 
_struct_conf.end_label_seq_id 
_struct_conf.pdbx_end_PDB_ins_code 
_struct_conf.beg_auth_comp_id 
_struct_conf.beg_auth_asym_id 
_struct_conf.beg_auth_seq_id 
_struct_conf.end_auth_comp_id 
_struct_conf.end_auth_asym_id 
_struct_conf.end_auth_seq_id 
_struct_conf.pdbx_PDB_helix_class 
_struct_conf.details 
_struct_conf.pdbx_PDB_helix_length 
HELX_P HELX_P1 1 ASP A 25  ? VAL A 30  ? ASP A 15  VAL A 20  1 ? 6  
HELX_P HELX_P2 2 GLY A 50  ? THR A 60  ? GLY A 40  THR A 50  1 ? 11 
HELX_P HELX_P3 3 GLY A 62  ? GLY A 76  ? GLY A 52  GLY A 66  1 ? 15 
HELX_P HELX_P4 4 HIS A 104 ? GLU A 119 ? HIS A 94  GLU A 109 1 ? 16 
HELX_P HELX_P5 5 CYS A 130 ? GLY A 134 ? CYS A 120 GLY A 124 5 ? 5  
HELX_P HELX_P6 6 ARG A 136 ? SER A 146 ? ARG A 126 SER A 136 1 ? 11 
HELX_P HELX_P7 7 SER A 159 ? GLY A 172 ? SER A 149 GLY A 162 1 ? 14 
# 
_struct_conf_type.id          HELX_P 
_struct_conf_type.criteria    ? 
_struct_conf_type.reference   ? 
# 
_struct_sheet.id               AA 
_struct_sheet.type             ? 
_struct_sheet.number_strands   7 
_struct_sheet.details          ? 
# 
loop_
_struct_sheet_order.sheet_id 
_struct_sheet_order.range_id_1 
_struct_sheet_order.range_id_2 
_struct_sheet_order.offset 
_struct_sheet_order.sense 
AA 1 2 ? anti-parallel 
AA 2 3 ? parallel      
AA 3 4 ? parallel      
AA 4 5 ? parallel      
AA 5 6 ? parallel      
AA 6 7 ? anti-parallel 
# 
loop_
_struct_sheet_range.sheet_id 
_struct_sheet_range.id 
_struct_sheet_range.beg_label_comp_id 
_struct_sheet_range.beg_label_asym_id 
_struct_sheet_range.beg_label_seq_id 
_struct_sheet_range.pdbx_beg_PDB_ins_code 
_struct_sheet_range.end_label_comp_id 
_struct_sheet_range.end_label_asym_id 
_struct_sheet_range.end_label_seq_id 
_struct_sheet_range.pdbx_end_PDB_ins_code 
_struct_sheet_range.beg_auth_comp_id 
_struct_sheet_range.beg_auth_asym_id 
_struct_sheet_range.beg_auth_seq_id 
_struct_sheet_range.end_auth_comp_id 
_struct_sheet_range.end_auth_asym_id 
_struct_sheet_range.end_auth_seq_id 
AA 1 ALA A 14  ? TYR A 16  ? ALA A 4   TYR A 6   
AA 2 VAL A 19  ? LEU A 23  ? VAL A 9   LEU A 13  
AA 3 LEU A 153 ? VAL A 157 ? LEU A 143 VAL A 147 
AA 4 PRO A 123 ? PRO A 126 ? PRO A 113 PRO A 116 
AA 5 PHE A 37  ? ALA A 42  ? PHE A 27  ALA A 32  
AA 6 ASN A 92  ? VAL A 97  ? ASN A 82  VAL A 87  
AA 7 GLY A 83  ? GLU A 87  ? GLY A 73  GLU A 77  
# 
loop_
_pdbx_struct_sheet_hbond.sheet_id 
_pdbx_struct_sheet_hbond.range_id_1 
_pdbx_struct_sheet_hbond.range_id_2 
_pdbx_struct_sheet_hbond.range_1_label_atom_id 
_pdbx_struct_sheet_hbond.range_1_label_comp_id 
_pdbx_struct_sheet_hbond.range_1_label_asym_id 
_pdbx_struct_sheet_hbond.range_1_label_seq_id 
_pdbx_struct_sheet_hbond.range_1_PDB_ins_code 
_pdbx_struct_sheet_hbond.range_1_auth_atom_id 
_pdbx_struct_sheet_hbond.range_1_auth_comp_id 
_pdbx_struct_sheet_hbond.range_1_auth_asym_id 
_pdbx_struct_sheet_hbond.range_1_auth_seq_id 
_pdbx_struct_sheet_hbond.range_2_label_atom_id 
_pdbx_struct_sheet_hbond.range_2_label_comp_id 
_pdbx_struct_sheet_hbond.range_2_label_asym_id 
_pdbx_struct_sheet_hbond.range_2_label_seq_id 
_pdbx_struct_sheet_hbond.range_2_PDB_ins_code 
_pdbx_struct_sheet_hbond.range_2_auth_atom_id 
_pdbx_struct_sheet_hbond.range_2_auth_comp_id 
_pdbx_struct_sheet_hbond.range_2_auth_asym_id 
_pdbx_struct_sheet_hbond.range_2_auth_seq_id 
AA 1 2 N TYR A 16  ? N TYR A 6   O VAL A 19  ? O VAL A 9   
AA 2 3 N LYS A 20  ? N LYS A 10  O LEU A 153 ? O LEU A 143 
AA 3 4 N GLN A 154 ? N GLN A 144 O PRO A 123 ? O PRO A 113 
AA 4 5 N LEU A 124 ? N LEU A 114 O PHE A 37  ? O PHE A 27  
AA 5 6 N VAL A 38  ? N VAL A 28  O ASN A 92  ? O ASN A 82  
AA 6 7 N ASN A 95  ? N ASN A 85  O VAL A 84  ? O VAL A 74  
# 
loop_
_struct_site.id 
_struct_site.pdbx_evidence_code 
_struct_site.pdbx_auth_asym_id 
_struct_site.pdbx_auth_comp_id 
_struct_site.pdbx_auth_seq_id 
_struct_site.pdbx_auth_ins_code 
_struct_site.pdbx_num_residues 
_struct_site.details 
AC1 Software A EDO 1164 ? 5 'BINDING SITE FOR RESIDUE EDO A 1164' 
AC2 Software A EDO 1165 ? 2 'BINDING SITE FOR RESIDUE EDO A 1165' 
# 
loop_
_struct_site_gen.id 
_struct_site_gen.site_id 
_struct_site_gen.pdbx_num_res 
_struct_site_gen.label_comp_id 
_struct_site_gen.label_asym_id 
_struct_site_gen.label_seq_id 
_struct_site_gen.pdbx_auth_ins_code 
_struct_site_gen.auth_comp_id 
_struct_site_gen.auth_asym_id 
_struct_site_gen.auth_seq_id 
_struct_site_gen.label_atom_id 
_struct_site_gen.label_alt_id 
_struct_site_gen.symmetry 
_struct_site_gen.details 
1 AC1 5 SER A 74  ? SER A 64  . ? 1_555 ? 
2 AC1 5 ASN A 75  ? ASN A 65  . ? 1_555 ? 
3 AC1 5 GLY A 102 ? GLY A 92  . ? 2_554 ? 
4 AC1 5 GLU A 105 ? GLU A 95  . ? 2_554 ? 
5 AC1 5 SER A 160 ? SER A 150 . ? 4_555 ? 
6 AC2 2 ARG A 136 ? ARG A 126 . ? 1_555 ? 
7 AC2 2 ASN A 139 ? ASN A 129 . ? 1_555 ? 
# 
_atom_sites.entry_id                    2VRI 
_atom_sites.fract_transf_matrix[1][1]   0.01277063 
_atom_sites.fract_transf_matrix[1][2]   -0.00334518 
_atom_sites.fract_transf_matrix[1][3]   0.01300171 
_atom_sites.fract_transf_matrix[2][1]   -0.00893517 
_atom_sites.fract_transf_matrix[2][2]   0.01092133 
_atom_sites.fract_transf_matrix[2][3]   0.01158628 
_atom_sites.fract_transf_matrix[3][1]   -0.00931975 
_atom_sites.fract_transf_matrix[3][2]   -0.01361898 
_atom_sites.fract_transf_matrix[3][3]   0.00565012 
_atom_sites.fract_transf_vector[1]      0.194418 
_atom_sites.fract_transf_vector[2]      0.251368 
_atom_sites.fract_transf_vector[3]      0.065543 
# 
loop_
_atom_type.symbol 
C 
N 
O 
S 
# 
loop_
_atom_site.group_PDB 
_atom_site.id 
_atom_site.type_symbol 
_atom_site.label_atom_id 
_atom_site.label_alt_id 
_atom_site.label_comp_id 
_atom_site.label_asym_id 
_atom_site.label_entity_id 
_atom_site.label_seq_id 
_atom_site.pdbx_PDB_ins_code 
_atom_site.Cartn_x 
_atom_site.Cartn_y 
_atom_site.Cartn_z 
_atom_site.occupancy 
_atom_site.B_iso_or_equiv 
_atom_site.pdbx_formal_charge 
_atom_site.auth_seq_id 
_atom_site.auth_comp_id 
_atom_site.auth_asym_id 
_atom_site.auth_atom_id 
_atom_site.pdbx_PDB_model_num 
ATOM   1    N N   . LYS A 1 1   ? -14.740 7.025   7.786   1.00 45.33 ? -9   LYS A N   1 
ATOM   2    C CA  . LYS A 1 1   ? -14.903 8.008   8.891   1.00 46.03 ? -9   LYS A CA  1 
ATOM   3    C C   . LYS A 1 1   ? -14.437 7.356   10.180  1.00 45.80 ? -9   LYS A C   1 
ATOM   4    O O   . LYS A 1 1   ? -14.686 6.168   10.406  1.00 45.64 ? -9   LYS A O   1 
ATOM   5    C CB  . LYS A 1 1   ? -16.378 8.439   9.025   1.00 46.59 ? -9   LYS A CB  1 
ATOM   6    C CG  . LYS A 1 1   ? -16.814 9.588   8.104   1.00 47.98 ? -9   LYS A CG  1 
ATOM   7    C CD  . LYS A 1 1   ? -18.205 9.347   7.529   1.00 49.94 ? -9   LYS A CD  1 
ATOM   8    C CE  . LYS A 1 1   ? -18.497 10.353  6.412   1.00 52.09 ? -9   LYS A CE  1 
ATOM   9    N NZ  . LYS A 1 1   ? -19.749 10.072  5.624   1.00 51.02 ? -9   LYS A NZ  1 
ATOM   10   N N   . ALA A 1 2   ? -13.765 8.132   11.021  1.00 46.00 ? -8   ALA A N   1 
ATOM   11   C CA  . ALA A 1 2   ? -13.397 7.651   12.351  1.00 46.41 ? -8   ALA A CA  1 
ATOM   12   C C   . ALA A 1 2   ? -14.662 7.333   13.188  1.00 46.81 ? -8   ALA A C   1 
ATOM   13   O O   . ALA A 1 2   ? -15.632 8.097   13.160  1.00 45.95 ? -8   ALA A O   1 
ATOM   14   C CB  . ALA A 1 2   ? -12.533 8.692   13.051  1.00 46.37 ? -8   ALA A CB  1 
ATOM   15   N N   . GLY A 1 3   ? -14.654 6.196   13.889  1.00 47.26 ? -7   GLY A N   1 
ATOM   16   C CA  . GLY A 1 3   ? -15.637 5.906   14.952  1.00 48.09 ? -7   GLY A CA  1 
ATOM   17   C C   . GLY A 1 3   ? -15.405 6.893   16.090  1.00 48.79 ? -7   GLY A C   1 
ATOM   18   O O   . GLY A 1 3   ? -16.345 7.514   16.612  1.00 49.08 ? -7   GLY A O   1 
ATOM   19   N N   . SER A 1 4   ? -14.133 7.003   16.472  1.00 49.09 ? -6   SER A N   1 
ATOM   20   C CA  . SER A 1 4   ? -13.564 8.120   17.227  1.00 49.68 ? -6   SER A CA  1 
ATOM   21   C C   . SER A 1 4   ? -12.052 7.988   17.047  1.00 49.66 ? -6   SER A C   1 
ATOM   22   O O   . SER A 1 4   ? -11.619 7.447   16.014  1.00 48.94 ? -6   SER A O   1 
ATOM   23   C CB  . SER A 1 4   ? -13.965 8.129   18.711  1.00 50.39 ? -6   SER A CB  1 
ATOM   24   O OG  . SER A 1 4   ? -12.929 7.643   19.577  1.00 52.36 ? -6   SER A OG  1 
ATOM   25   N N   . ALA A 1 5   ? -11.263 8.435   18.042  1.00 49.54 ? -5   ALA A N   1 
ATOM   26   C CA  . ALA A 1 5   ? -9.817  8.620   17.851  1.00 49.83 ? -5   ALA A CA  1 
ATOM   27   C C   . ALA A 1 5   ? -8.966  9.116   19.037  1.00 49.86 ? -5   ALA A C   1 
ATOM   28   O O   . ALA A 1 5   ? -8.710  10.324  19.126  1.00 50.60 ? -5   ALA A O   1 
ATOM   29   C CB  . ALA A 1 5   ? -9.592  9.581   16.663  1.00 49.99 ? -5   ALA A CB  1 
ATOM   30   N N   . ALA A 1 6   ? -8.488  8.228   19.917  1.00 49.21 ? -4   ALA A N   1 
ATOM   31   C CA  . ALA A 1 6   ? -7.295  8.574   20.728  1.00 48.28 ? -4   ALA A CA  1 
ATOM   32   C C   . ALA A 1 6   ? -6.092  8.150   19.882  1.00 47.43 ? -4   ALA A C   1 
ATOM   33   O O   . ALA A 1 6   ? -5.191  7.433   20.353  1.00 47.93 ? -4   ALA A O   1 
ATOM   34   C CB  . ALA A 1 6   ? -7.296  7.874   22.086  1.00 48.64 ? -4   ALA A CB  1 
ATOM   35   N N   . ALA A 1 7   ? -6.083  8.668   18.647  1.00 45.49 ? -3   ALA A N   1 
ATOM   36   C CA  . ALA A 1 7   ? -5.546  8.017   17.435  1.00 43.11 ? -3   ALA A CA  1 
ATOM   37   C C   . ALA A 1 7   ? -6.766  7.410   16.730  1.00 41.02 ? -3   ALA A C   1 
ATOM   38   O O   . ALA A 1 7   ? -7.491  6.612   17.335  1.00 40.95 ? -3   ALA A O   1 
ATOM   39   C CB  . ALA A 1 7   ? -4.511  6.934   17.761  1.00 43.43 ? -3   ALA A CB  1 
ATOM   40   N N   . PRO A 1 8   ? -7.017  7.790   15.463  1.00 38.81 ? -2   PRO A N   1 
ATOM   41   C CA  . PRO A 1 8   ? -8.262  7.387   14.796  1.00 36.87 ? -2   PRO A CA  1 
ATOM   42   C C   . PRO A 1 8   ? -8.438  5.874   14.632  1.00 35.00 ? -2   PRO A C   1 
ATOM   43   O O   . PRO A 1 8   ? -7.453  5.121   14.565  1.00 34.62 ? -2   PRO A O   1 
ATOM   44   C CB  . PRO A 1 8   ? -8.171  8.061   13.429  1.00 37.10 ? -2   PRO A CB  1 
ATOM   45   C CG  . PRO A 1 8   ? -7.152  9.130   13.590  1.00 37.62 ? -2   PRO A CG  1 
ATOM   46   C CD  . PRO A 1 8   ? -6.165  8.597   14.574  1.00 39.17 ? -2   PRO A CD  1 
ATOM   47   N N   . PHE A 1 9   ? -9.696  5.447   14.599  1.00 32.46 ? -1   PHE A N   1 
ATOM   48   C CA  . PHE A 1 9   ? -10.043 4.079   14.272  1.00 30.48 ? -1   PHE A CA  1 
ATOM   49   C C   . PHE A 1 9   ? -11.412 4.032   13.620  1.00 30.16 ? -1   PHE A C   1 
ATOM   50   O O   . PHE A 1 9   ? -12.242 4.901   13.834  1.00 29.65 ? -1   PHE A O   1 
ATOM   51   C CB  . PHE A 1 9   ? -9.993  3.166   15.506  1.00 30.40 ? -1   PHE A CB  1 
ATOM   52   C CG  . PHE A 1 9   ? -10.971 3.543   16.593  1.00 27.65 ? -1   PHE A CG  1 
ATOM   53   C CD1 . PHE A 1 9   ? -12.248 3.017   16.607  1.00 27.98 ? -1   PHE A CD1 1 
ATOM   54   C CD2 . PHE A 1 9   ? -10.586 4.394   17.624  1.00 29.33 ? -1   PHE A CD2 1 
ATOM   55   C CE1 . PHE A 1 9   ? -13.151 3.357   17.624  1.00 26.89 ? -1   PHE A CE1 1 
ATOM   56   C CE2 . PHE A 1 9   ? -11.478 4.736   18.648  1.00 28.70 ? -1   PHE A CE2 1 
ATOM   57   C CZ  . PHE A 1 9   ? -12.758 4.203   18.640  1.00 27.24 ? -1   PHE A CZ  1 
ATOM   58   N N   . THR A 1 10  ? -11.634 2.992   12.835  1.00 29.42 ? 0    THR A N   1 
ATOM   59   C CA  . THR A 1 10  ? -12.907 2.759   12.202  1.00 29.35 ? 0    THR A CA  1 
ATOM   60   C C   . THR A 1 10  ? -13.061 1.258   12.103  1.00 28.70 ? 0    THR A C   1 
ATOM   61   O O   . THR A 1 10  ? -12.092 0.520   12.298  1.00 28.30 ? 0    THR A O   1 
ATOM   62   C CB  . THR A 1 10  ? -12.965 3.418   10.810  1.00 30.16 ? 0    THR A CB  1 
ATOM   63   O OG1 . THR A 1 10  ? -14.306 3.354   10.292  1.00 33.07 ? 0    THR A OG1 1 
ATOM   64   C CG2 . THR A 1 10  ? -12.046 2.725   9.856   1.00 28.82 ? 0    THR A CG2 1 
ATOM   65   N N   . LYS A 1 11  ? -14.269 0.788   11.813  1.00 28.19 ? 1    LYS A N   1 
ATOM   66   C CA  . LYS A 1 11  ? -14.479 -0.637  11.711  1.00 28.44 ? 1    LYS A CA  1 
ATOM   67   C C   . LYS A 1 11  ? -13.853 -1.155  10.427  1.00 27.40 ? 1    LYS A C   1 
ATOM   68   O O   . LYS A 1 11  ? -14.232 -0.745  9.315   1.00 27.21 ? 1    LYS A O   1 
ATOM   69   C CB  . LYS A 1 11  ? -15.961 -1.025  11.770  1.00 29.24 ? 1    LYS A CB  1 
ATOM   70   C CG  . LYS A 1 11  ? -16.692 -0.476  12.968  1.00 32.15 ? 1    LYS A CG  1 
ATOM   71   C CD  . LYS A 1 11  ? -18.070 -1.106  13.083  1.00 36.15 ? 1    LYS A CD  1 
ATOM   72   C CE  . LYS A 1 11  ? -18.829 -0.527  14.277  1.00 38.63 ? 1    LYS A CE  1 
ATOM   73   N NZ  . LYS A 1 11  ? -19.656 0.653   13.917  1.00 39.70 ? 1    LYS A NZ  1 
ATOM   74   N N   . PRO A 1 12  ? -12.898 -2.074  10.581  1.00 26.75 ? 2    PRO A N   1 
ATOM   75   C CA  . PRO A 1 12  ? -12.436 -2.805  9.406   1.00 25.87 ? 2    PRO A CA  1 
ATOM   76   C C   . PRO A 1 12  ? -13.561 -3.723  8.919   1.00 25.89 ? 2    PRO A C   1 
ATOM   77   O O   . PRO A 1 12  ? -14.430 -4.098  9.717   1.00 25.79 ? 2    PRO A O   1 
ATOM   78   C CB  . PRO A 1 12  ? -11.243 -3.616  9.935   1.00 26.30 ? 2    PRO A CB  1 
ATOM   79   C CG  . PRO A 1 12  ? -11.370 -3.643  11.422  1.00 27.01 ? 2    PRO A CG  1 
ATOM   80   C CD  . PRO A 1 12  ? -12.249 -2.500  11.836  1.00 25.93 ? 2    PRO A CD  1 
ATOM   81   N N   . PHE A 1 13  ? -13.590 -4.079  7.648   1.00 24.04 ? 3    PHE A N   1 
ATOM   82   C CA  . PHE A 1 13  ? -14.567 -5.094  7.214   1.00 24.87 ? 3    PHE A CA  1 
ATOM   83   C C   . PHE A 1 13  ? -14.066 -6.518  7.474   1.00 24.65 ? 3    PHE A C   1 
ATOM   84   O O   . PHE A 1 13  ? -14.829 -7.497  7.422   1.00 24.38 ? 3    PHE A O   1 
ATOM   85   C CB  . PHE A 1 13  ? -15.022 -4.874  5.762   1.00 24.02 ? 3    PHE A CB  1 
ATOM   86   C CG  . PHE A 1 13  ? -13.969 -5.181  4.724   1.00 22.69 ? 3    PHE A CG  1 
ATOM   87   C CD1 . PHE A 1 13  ? -13.301 -4.140  4.061   1.00 22.78 ? 3    PHE A CD1 1 
ATOM   88   C CD2 . PHE A 1 13  ? -13.651 -6.499  4.398   1.00 22.29 ? 3    PHE A CD2 1 
ATOM   89   C CE1 . PHE A 1 13  ? -12.322 -4.417  3.086   1.00 22.18 ? 3    PHE A CE1 1 
ATOM   90   C CE2 . PHE A 1 13  ? -12.680 -6.789  3.439   1.00 22.19 ? 3    PHE A CE2 1 
ATOM   91   C CZ  . PHE A 1 13  ? -12.014 -5.742  2.775   1.00 21.97 ? 3    PHE A CZ  1 
ATOM   92   N N   . ALA A 1 14  ? -12.764 -6.647  7.747   1.00 24.66 ? 4    ALA A N   1 
ATOM   93   C CA  . ALA A 1 14  ? -12.194 -7.942  8.086   1.00 24.21 ? 4    ALA A CA  1 
ATOM   94   C C   . ALA A 1 14  ? -10.866 -7.715  8.777   1.00 24.81 ? 4    ALA A C   1 
ATOM   95   O O   . ALA A 1 14  ? -10.177 -6.722  8.514   1.00 23.63 ? 4    ALA A O   1 
ATOM   96   C CB  . ALA A 1 14  ? -12.019 -8.804  6.861   1.00 23.97 ? 4    ALA A CB  1 
ATOM   97   N N   . VAL A 1 15  ? -10.528 -8.636  9.675   1.00 25.30 ? 5    VAL A N   1 
ATOM   98   C CA  . VAL A 1 15  ? -9.248  -8.635  10.374  1.00 26.13 ? 5    VAL A CA  1 
ATOM   99   C C   . VAL A 1 15  ? -8.755  -10.053 10.346  1.00 26.59 ? 5    VAL A C   1 
ATOM   100  O O   . VAL A 1 15  ? -9.520  -10.996 10.548  1.00 26.56 ? 5    VAL A O   1 
ATOM   101  C CB  . VAL A 1 15  ? -9.367  -8.200  11.854  1.00 26.04 ? 5    VAL A CB  1 
ATOM   102  C CG1 . VAL A 1 15  ? -7.962  -8.077  12.508  1.00 25.91 ? 5    VAL A CG1 1 
ATOM   103  C CG2 . VAL A 1 15  ? -10.160 -6.918  11.968  1.00 25.39 ? 5    VAL A CG2 1 
ATOM   104  N N   . TYR A 1 16  ? -7.474  -10.206 10.083  1.00 26.82 ? 6    TYR A N   1 
ATOM   105  C CA  . TYR A 1 16  ? -6.832  -11.487 10.247  1.00 27.77 ? 6    TYR A CA  1 
ATOM   106  C C   . TYR A 1 16  ? -5.510  -11.215 10.937  1.00 27.92 ? 6    TYR A C   1 
ATOM   107  O O   . TYR A 1 16  ? -4.645  -10.518 10.381  1.00 26.51 ? 6    TYR A O   1 
ATOM   108  C CB  . TYR A 1 16  ? -6.623  -12.170 8.898   1.00 29.15 ? 6    TYR A CB  1 
ATOM   109  C CG  . TYR A 1 16  ? -6.020  -13.537 9.038   1.00 31.11 ? 6    TYR A CG  1 
ATOM   110  C CD1 . TYR A 1 16  ? -6.833  -14.660 9.207   1.00 32.14 ? 6    TYR A CD1 1 
ATOM   111  C CD2 . TYR A 1 16  ? -4.641  -13.709 9.046   1.00 32.71 ? 6    TYR A CD2 1 
ATOM   112  C CE1 . TYR A 1 16  ? -6.287  -15.925 9.358   1.00 32.81 ? 6    TYR A CE1 1 
ATOM   113  C CE2 . TYR A 1 16  ? -4.080  -14.979 9.195   1.00 33.98 ? 6    TYR A CE2 1 
ATOM   114  C CZ  . TYR A 1 16  ? -4.919  -16.076 9.345   1.00 33.62 ? 6    TYR A CZ  1 
ATOM   115  O OH  . TYR A 1 16  ? -4.374  -17.327 9.493   1.00 36.23 ? 6    TYR A OH  1 
ATOM   116  N N   . LYS A 1 17  ? -5.375  -11.752 12.155  1.00 27.69 ? 7    LYS A N   1 
ATOM   117  C CA  . LYS A 1 17  ? -4.210  -11.529 13.012  1.00 27.99 ? 7    LYS A CA  1 
ATOM   118  C C   . LYS A 1 17  ? -3.856  -10.033 12.994  1.00 27.10 ? 7    LYS A C   1 
ATOM   119  O O   . LYS A 1 17  ? -4.629  -9.210  13.482  1.00 27.20 ? 7    LYS A O   1 
ATOM   120  C CB  . LYS A 1 17  ? -3.034  -12.446 12.611  1.00 28.31 ? 7    LYS A CB  1 
ATOM   121  C CG  . LYS A 1 17  ? -3.375  -13.960 12.569  1.00 29.94 ? 7    LYS A CG  1 
ATOM   122  C CD  . LYS A 1 17  ? -2.176  -14.801 12.134  1.00 30.54 ? 7    LYS A CD  1 
ATOM   123  C CE  . LYS A 1 17  ? -2.311  -16.268 12.547  1.00 35.28 ? 7    LYS A CE  1 
ATOM   124  N NZ  . LYS A 1 17  ? -1.013  -16.812 13.123  1.00 36.84 ? 7    LYS A NZ  1 
ATOM   125  N N   . ASN A 1 18  ? -2.730  -9.681  12.389  1.00 26.14 ? 8    ASN A N   1 
ATOM   126  C CA  . ASN A 1 18  ? -2.268  -8.278  12.377  1.00 25.29 ? 8    ASN A CA  1 
ATOM   127  C C   . ASN A 1 18  ? -2.909  -7.359  11.317  1.00 23.71 ? 8    ASN A C   1 
ATOM   128  O O   . ASN A 1 18  ? -2.766  -6.121  11.354  1.00 23.23 ? 8    ASN A O   1 
ATOM   129  C CB  . ASN A 1 18  ? -0.754  -8.269  12.212  1.00 25.40 ? 8    ASN A CB  1 
ATOM   130  C CG  . ASN A 1 18  ? -0.050  -8.395  13.525  1.00 29.00 ? 8    ASN A CG  1 
ATOM   131  O OD1 . ASN A 1 18  ? -0.341  -7.637  14.459  1.00 33.41 ? 8    ASN A OD1 1 
ATOM   132  N ND2 . ASN A 1 18  ? 0.896   -9.332  13.617  1.00 29.03 ? 8    ASN A ND2 1 
ATOM   133  N N   . VAL A 1 19  ? -3.600  -7.961  10.367  1.00 21.28 ? 9    VAL A N   1 
ATOM   134  C CA  . VAL A 1 19  ? -4.024  -7.220  9.171   1.00 20.77 ? 9    VAL A CA  1 
ATOM   135  C C   . VAL A 1 19  ? -5.501  -6.811  9.243   1.00 19.91 ? 9    VAL A C   1 
ATOM   136  O O   . VAL A 1 19  ? -6.376  -7.669  9.409   1.00 19.57 ? 9    VAL A O   1 
ATOM   137  C CB  . VAL A 1 19  ? -3.736  -8.042  7.923   1.00 20.67 ? 9    VAL A CB  1 
ATOM   138  C CG1 . VAL A 1 19  ? -3.895  -7.199  6.667   1.00 20.77 ? 9    VAL A CG1 1 
ATOM   139  C CG2 . VAL A 1 19  ? -2.305  -8.621  7.973   1.00 20.61 ? 9    VAL A CG2 1 
ATOM   140  N N   . LYS A 1 20  ? -5.768  -5.508  9.189   1.00 19.18 ? 10   LYS A N   1 
ATOM   141  C CA  . LYS A 1 20  ? -7.153  -4.986  9.141   1.00 19.52 ? 10   LYS A CA  1 
ATOM   142  C C   . LYS A 1 20  ? -7.432  -4.459  7.737   1.00 19.00 ? 10   LYS A C   1 
ATOM   143  O O   . LYS A 1 20  ? -6.566  -3.831  7.130   1.00 18.53 ? 10   LYS A O   1 
ATOM   144  C CB  . LYS A 1 20  ? -7.370  -3.858  10.156  1.00 18.37 ? 10   LYS A CB  1 
ATOM   145  C CG  . LYS A 1 20  ? -7.075  -4.265  11.593  1.00 21.44 ? 10   LYS A CG  1 
ATOM   146  C CD  . LYS A 1 20  ? -7.098  -3.103  12.569  1.00 20.46 ? 10   LYS A CD  1 
ATOM   147  C CE  . LYS A 1 20  ? -6.808  -3.618  14.000  1.00 23.75 ? 10   LYS A CE  1 
ATOM   148  N NZ  . LYS A 1 20  ? -6.843  -2.462  14.905  1.00 22.20 ? 10   LYS A NZ  1 
ATOM   149  N N   . PHE A 1 21  ? -8.622  -4.736  7.215   1.00 18.59 ? 11   PHE A N   1 
ATOM   150  C CA  . PHE A 1 21  ? -8.983  -4.333  5.862   1.00 19.15 ? 11   PHE A CA  1 
ATOM   151  C C   . PHE A 1 21  ? -10.147 -3.361  5.890   1.00 19.45 ? 11   PHE A C   1 
ATOM   152  O O   . PHE A 1 21  ? -11.111 -3.525  6.673   1.00 19.44 ? 11   PHE A O   1 
ATOM   153  C CB  . PHE A 1 21  ? -9.385  -5.510  5.002   1.00 18.96 ? 11   PHE A CB  1 
ATOM   154  C CG  . PHE A 1 21  ? -8.288  -6.487  4.738   1.00 19.70 ? 11   PHE A CG  1 
ATOM   155  C CD1 . PHE A 1 21  ? -7.581  -6.440  3.541   1.00 19.84 ? 11   PHE A CD1 1 
ATOM   156  C CD2 . PHE A 1 21  ? -8.005  -7.494  5.655   1.00 18.25 ? 11   PHE A CD2 1 
ATOM   157  C CE1 . PHE A 1 21  ? -6.611  -7.366  3.270   1.00 18.65 ? 11   PHE A CE1 1 
ATOM   158  C CE2 . PHE A 1 21  ? -7.026  -8.438  5.402   1.00 15.20 ? 11   PHE A CE2 1 
ATOM   159  C CZ  . PHE A 1 21  ? -6.316  -8.373  4.214   1.00 20.18 ? 11   PHE A CZ  1 
ATOM   160  N N   . TYR A 1 22  ? -10.041 -2.349  5.043   1.00 18.65 ? 12   TYR A N   1 
ATOM   161  C CA  . TYR A 1 22  ? -11.017 -1.276  4.989   1.00 18.98 ? 12   TYR A CA  1 
ATOM   162  C C   . TYR A 1 22  ? -11.457 -1.087  3.555   1.00 20.64 ? 12   TYR A C   1 
ATOM   163  O O   . TYR A 1 22  ? -10.664 -1.280  2.602   1.00 20.49 ? 12   TYR A O   1 
ATOM   164  C CB  . TYR A 1 22  ? -10.418 0.020   5.511   1.00 18.20 ? 12   TYR A CB  1 
ATOM   165  C CG  . TYR A 1 22  ? -9.850  -0.090  6.894   1.00 17.61 ? 12   TYR A CG  1 
ATOM   166  C CD1 . TYR A 1 22  ? -10.632 0.194   8.022   1.00 16.94 ? 12   TYR A CD1 1 
ATOM   167  C CD2 . TYR A 1 22  ? -8.531  -0.489  7.084   1.00 15.71 ? 12   TYR A CD2 1 
ATOM   168  C CE1 . TYR A 1 22  ? -10.091 0.081   9.326   1.00 16.17 ? 12   TYR A CE1 1 
ATOM   169  C CE2 . TYR A 1 22  ? -7.984  -0.608  8.347   1.00 17.51 ? 12   TYR A CE2 1 
ATOM   170  C CZ  . TYR A 1 22  ? -8.779  -0.312  9.475   1.00 18.72 ? 12   TYR A CZ  1 
ATOM   171  O OH  . TYR A 1 22  ? -8.239  -0.417  10.720  1.00 17.94 ? 12   TYR A OH  1 
ATOM   172  N N   . LEU A 1 23  ? -12.734 -0.741  3.402   1.00 20.86 ? 13   LEU A N   1 
ATOM   173  C CA  . LEU A 1 23  ? -13.276 -0.359  2.118   1.00 22.07 ? 13   LEU A CA  1 
ATOM   174  C C   . LEU A 1 23  ? -13.334 1.161   2.092   1.00 22.60 ? 13   LEU A C   1 
ATOM   175  O O   . LEU A 1 23  ? -14.018 1.788   2.898   1.00 22.59 ? 13   LEU A O   1 
ATOM   176  C CB  . LEU A 1 23  ? -14.659 -0.952  1.952   1.00 23.10 ? 13   LEU A CB  1 
ATOM   177  C CG  . LEU A 1 23  ? -15.319 -0.696  0.605   1.00 23.89 ? 13   LEU A CG  1 
ATOM   178  C CD1 . LEU A 1 23  ? -14.530 -1.312  -0.532  1.00 23.55 ? 13   LEU A CD1 1 
ATOM   179  C CD2 . LEU A 1 23  ? -16.708 -1.250  0.659   1.00 26.22 ? 13   LEU A CD2 1 
ATOM   180  N N   . GLY A 1 24  ? -12.568 1.791   1.221   1.00 23.45 ? 14   GLY A N   1 
ATOM   181  C CA  . GLY A 1 24  ? -12.502 3.237   1.317   1.00 24.68 ? 14   GLY A CA  1 
ATOM   182  C C   . GLY A 1 24  ? -11.430 3.843   0.463   1.00 25.65 ? 14   GLY A C   1 
ATOM   183  O O   . GLY A 1 24  ? -10.475 3.169   0.100   1.00 25.74 ? 14   GLY A O   1 
ATOM   184  N N   . ASP A 1 25  ? -11.637 5.116   0.136   1.00 26.21 ? 15   ASP A N   1 
ATOM   185  C CA  . ASP A 1 25  ? -10.713 5.935   -0.632  1.00 26.77 ? 15   ASP A CA  1 
ATOM   186  C C   . ASP A 1 25  ? -9.568  6.298   0.314   1.00 25.57 ? 15   ASP A C   1 
ATOM   187  O O   . ASP A 1 25  ? -9.815  6.583   1.464   1.00 24.87 ? 15   ASP A O   1 
ATOM   188  C CB  . ASP A 1 25  ? -11.454 7.199   -1.057  1.00 27.93 ? 15   ASP A CB  1 
ATOM   189  C CG  . ASP A 1 25  ? -10.677 8.047   -2.041  1.00 32.35 ? 15   ASP A CG  1 
ATOM   190  O OD1 . ASP A 1 25  ? -9.430  8.135   -1.969  1.00 36.24 ? 15   ASP A OD1 1 
ATOM   191  O OD2 . ASP A 1 25  ? -11.347 8.657   -2.898  1.00 38.57 ? 15   ASP A OD2 1 
ATOM   192  N N   . ILE A 1 26  ? -8.326  6.306   -0.181  1.00 23.89 ? 16   ILE A N   1 
ATOM   193  C CA  . ILE A 1 26  ? -7.202  6.707   0.677   1.00 22.72 ? 16   ILE A CA  1 
ATOM   194  C C   . ILE A 1 26  ? -7.349  8.163   1.163   1.00 22.63 ? 16   ILE A C   1 
ATOM   195  O O   . ILE A 1 26  ? -6.888  8.497   2.243   1.00 23.71 ? 16   ILE A O   1 
ATOM   196  C CB  . ILE A 1 26  ? -5.839  6.514   -0.013  1.00 22.25 ? 16   ILE A CB  1 
ATOM   197  C CG1 . ILE A 1 26  ? -4.720  6.534   1.040   1.00 23.29 ? 16   ILE A CG1 1 
ATOM   198  C CG2 . ILE A 1 26  ? -5.653  7.552   -1.163  1.00 21.68 ? 16   ILE A CG2 1 
ATOM   199  C CD1 . ILE A 1 26  ? -3.393  5.971   0.543   1.00 27.41 ? 16   ILE A CD1 1 
ATOM   200  N N   . SER A 1 27  ? -8.004  9.010   0.372   1.00 22.20 ? 17   SER A N   1 
ATOM   201  C CA  . SER A 1 27  ? -8.197  10.423  0.705   1.00 22.73 ? 17   SER A CA  1 
ATOM   202  C C   . SER A 1 27  ? -9.099  10.560  1.923   1.00 22.99 ? 17   SER A C   1 
ATOM   203  O O   . SER A 1 27  ? -8.988  11.502  2.707   1.00 22.84 ? 17   SER A O   1 
ATOM   204  C CB  . SER A 1 27  ? -8.822  11.153  -0.497  1.00 23.25 ? 17   SER A CB  1 
ATOM   205  O OG  . SER A 1 27  ? -8.088  10.810  -1.673  1.00 27.84 ? 17   SER A OG  1 
ATOM   206  N N   . HIS A 1 28  ? -9.999  9.606   2.063   1.00 23.01 ? 18   HIS A N   1 
ATOM   207  C CA  . HIS A 1 28  ? -10.846 9.517   3.242   1.00 23.30 ? 18   HIS A CA  1 
ATOM   208  C C   . HIS A 1 28  ? -10.169 8.770   4.387   1.00 22.23 ? 18   HIS A C   1 
ATOM   209  O O   . HIS A 1 28  ? -10.130 9.247   5.515   1.00 22.75 ? 18   HIS A O   1 
ATOM   210  C CB  . HIS A 1 28  ? -12.163 8.828   2.876   1.00 23.94 ? 18   HIS A CB  1 
ATOM   211  C CG  . HIS A 1 28  ? -13.101 8.702   4.032   1.00 25.48 ? 18   HIS A CG  1 
ATOM   212  N ND1 . HIS A 1 28  ? -13.410 9.769   4.848   1.00 26.48 ? 18   HIS A ND1 1 
ATOM   213  C CD2 . HIS A 1 28  ? -13.784 7.637   4.518   1.00 26.57 ? 18   HIS A CD2 1 
ATOM   214  C CE1 . HIS A 1 28  ? -14.253 9.371   5.787   1.00 27.91 ? 18   HIS A CE1 1 
ATOM   215  N NE2 . HIS A 1 28  ? -14.503 8.083   5.604   1.00 28.33 ? 18   HIS A NE2 1 
ATOM   216  N N   . LEU A 1 29  ? -9.627  7.595   4.086   1.00 21.19 ? 19   LEU A N   1 
ATOM   217  C CA  . LEU A 1 29  ? -9.068  6.731   5.119   1.00 19.92 ? 19   LEU A CA  1 
ATOM   218  C C   . LEU A 1 29  ? -7.887  7.300   5.885   1.00 20.22 ? 19   LEU A C   1 
ATOM   219  O O   . LEU A 1 29  ? -7.659  6.910   7.029   1.00 18.80 ? 19   LEU A O   1 
ATOM   220  C CB  . LEU A 1 29  ? -8.693  5.366   4.550   1.00 19.67 ? 19   LEU A CB  1 
ATOM   221  C CG  . LEU A 1 29  ? -9.858  4.462   4.166   1.00 19.97 ? 19   LEU A CG  1 
ATOM   222  C CD1 . LEU A 1 29  ? -9.319  3.231   3.433   1.00 18.08 ? 19   LEU A CD1 1 
ATOM   223  C CD2 . LEU A 1 29  ? -10.739 4.083   5.380   1.00 20.02 ? 19   LEU A CD2 1 
ATOM   224  N N   . VAL A 1 30  ? -7.149  8.234   5.296   1.00 19.96 ? 20   VAL A N   1 
ATOM   225  C CA  . VAL A 1 30  ? -6.106  8.885   6.087   1.00 20.80 ? 20   VAL A CA  1 
ATOM   226  C C   . VAL A 1 30  ? -6.699  9.646   7.301   1.00 21.62 ? 20   VAL A C   1 
ATOM   227  O O   . VAL A 1 30  ? -5.976  10.025  8.202   1.00 20.77 ? 20   VAL A O   1 
ATOM   228  C CB  . VAL A 1 30  ? -5.214  9.814   5.259   1.00 20.92 ? 20   VAL A CB  1 
ATOM   229  C CG1 . VAL A 1 30  ? -4.373  8.995   4.248   1.00 18.81 ? 20   VAL A CG1 1 
ATOM   230  C CG2 . VAL A 1 30  ? -6.055  10.922  4.579   1.00 18.90 ? 20   VAL A CG2 1 
ATOM   231  N N   . ASN A 1 31  ? -8.008  9.865   7.306   1.00 22.59 ? 21   ASN A N   1 
ATOM   232  C CA  . ASN A 1 31  ? -8.644  10.460  8.498   1.00 24.36 ? 21   ASN A CA  1 
ATOM   233  C C   . ASN A 1 31  ? -9.404  9.431   9.370   1.00 24.62 ? 21   ASN A C   1 
ATOM   234  O O   . ASN A 1 31  ? -9.930  9.778   10.438  1.00 26.19 ? 21   ASN A O   1 
ATOM   235  C CB  . ASN A 1 31  ? -9.559  11.611  8.092   1.00 24.75 ? 21   ASN A CB  1 
ATOM   236  C CG  . ASN A 1 31  ? -8.843  12.666  7.255   1.00 25.35 ? 21   ASN A CG  1 
ATOM   237  O OD1 . ASN A 1 31  ? -7.834  13.251  7.674   1.00 25.63 ? 21   ASN A OD1 1 
ATOM   238  N ND2 . ASN A 1 31  ? -9.358  12.900  6.056   1.00 27.25 ? 21   ASN A ND2 1 
ATOM   239  N N   . CYS A 1 32  ? -9.433  8.171   8.932   1.00 24.09 ? 22   CYS A N   1 
ATOM   240  C CA  . CYS A 1 32  ? -10.229 7.126   9.576   1.00 24.23 ? 22   CYS A CA  1 
ATOM   241  C C   . CYS A 1 32  ? -9.434  6.189   10.475  1.00 23.72 ? 22   CYS A C   1 
ATOM   242  O O   . CYS A 1 32  ? -10.005 5.579   11.382  1.00 23.79 ? 22   CYS A O   1 
ATOM   243  C CB  . CYS A 1 32  ? -10.909 6.234   8.528   1.00 24.16 ? 22   CYS A CB  1 
ATOM   244  S SG  . CYS A 1 32  ? -12.017 7.073   7.409   1.00 27.81 ? 22   CYS A SG  1 
ATOM   245  N N   . VAL A 1 33  ? -8.155  5.985   10.151  1.00 22.30 ? 23   VAL A N   1 
ATOM   246  C CA  . VAL A 1 33  ? -7.370  4.957   10.800  1.00 20.92 ? 23   VAL A CA  1 
ATOM   247  C C   . VAL A 1 33  ? -6.044  5.520   11.256  1.00 20.77 ? 23   VAL A C   1 
ATOM   248  O O   . VAL A 1 33  ? -5.625  6.608   10.812  1.00 19.74 ? 23   VAL A O   1 
ATOM   249  C CB  . VAL A 1 33  ? -7.175  3.703   9.880   1.00 21.84 ? 23   VAL A CB  1 
ATOM   250  C CG1 . VAL A 1 33  ? -8.504  3.165   9.465   1.00 21.80 ? 23   VAL A CG1 1 
ATOM   251  C CG2 . VAL A 1 33  ? -6.337  4.035   8.653   1.00 20.72 ? 23   VAL A CG2 1 
ATOM   252  N N   . SER A 1 34  ? -5.401  4.770   12.149  1.00 19.93 ? 24   SER A N   1 
ATOM   253  C CA  . SER A 1 34  ? -4.110  5.109   12.677  1.00 21.03 ? 24   SER A CA  1 
ATOM   254  C C   . SER A 1 34  ? -3.016  4.450   11.876  1.00 20.30 ? 24   SER A C   1 
ATOM   255  O O   . SER A 1 34  ? -3.086  3.266   11.616  1.00 20.07 ? 24   SER A O   1 
ATOM   256  C CB  . SER A 1 34  ? -4.000  4.592   14.102  1.00 21.53 ? 24   SER A CB  1 
ATOM   257  O OG  . SER A 1 34  ? -2.648  4.621   14.499  1.00 26.23 ? 24   SER A OG  1 
ATOM   258  N N   . PHE A 1 35  ? -1.990  5.217   11.539  1.00 19.68 ? 25   PHE A N   1 
ATOM   259  C CA  . PHE A 1 35  ? -0.921  4.733   10.643  1.00 18.88 ? 25   PHE A CA  1 
ATOM   260  C C   . PHE A 1 35  ? 0.266   5.662   10.800  1.00 18.11 ? 25   PHE A C   1 
ATOM   261  O O   . PHE A 1 35  ? 0.087   6.837   11.151  1.00 16.48 ? 25   PHE A O   1 
ATOM   262  C CB  . PHE A 1 35  ? -1.397  4.681   9.164   1.00 19.15 ? 25   PHE A CB  1 
ATOM   263  C CG  . PHE A 1 35  ? -1.743  6.028   8.590   1.00 20.19 ? 25   PHE A CG  1 
ATOM   264  C CD1 . PHE A 1 35  ? -0.775  6.806   7.972   1.00 20.40 ? 25   PHE A CD1 1 
ATOM   265  C CD2 . PHE A 1 35  ? -3.035  6.540   8.718   1.00 22.63 ? 25   PHE A CD2 1 
ATOM   266  C CE1 . PHE A 1 35  ? -1.081  8.068   7.476   1.00 20.50 ? 25   PHE A CE1 1 
ATOM   267  C CE2 . PHE A 1 35  ? -3.359  7.797   8.236   1.00 21.81 ? 25   PHE A CE2 1 
ATOM   268  C CZ  . PHE A 1 35  ? -2.386  8.571   7.612   1.00 22.25 ? 25   PHE A CZ  1 
ATOM   269  N N   . ASP A 1 36  ? 1.464   5.143   10.518  1.00 16.15 ? 26   ASP A N   1 
ATOM   270  C CA  . ASP A 1 36  ? 2.664   5.949   10.537  1.00 15.88 ? 26   ASP A CA  1 
ATOM   271  C C   . ASP A 1 36  ? 3.060   6.444   9.153   1.00 15.28 ? 26   ASP A C   1 
ATOM   272  O O   . ASP A 1 36  ? 3.637   7.512   9.023   1.00 14.15 ? 26   ASP A O   1 
ATOM   273  C CB  . ASP A 1 36  ? 3.794   5.180   11.188  1.00 16.43 ? 26   ASP A CB  1 
ATOM   274  C CG  . ASP A 1 36  ? 3.477   4.840   12.615  1.00 17.13 ? 26   ASP A CG  1 
ATOM   275  O OD1 . ASP A 1 36  ? 3.380   5.772   13.423  1.00 21.60 ? 26   ASP A OD1 1 
ATOM   276  O OD2 . ASP A 1 36  ? 3.249   3.657   12.904  1.00 19.59 ? 26   ASP A OD2 1 
ATOM   277  N N   . PHE A 1 37  ? 2.736   5.665   8.124   1.00 13.97 ? 27   PHE A N   1 
ATOM   278  C CA  . PHE A 1 37  ? 3.021   6.075   6.763   1.00 13.82 ? 27   PHE A CA  1 
ATOM   279  C C   . PHE A 1 37  ? 1.981   5.494   5.829   1.00 12.25 ? 27   PHE A C   1 
ATOM   280  O O   . PHE A 1 37  ? 1.315   4.511   6.143   1.00 13.18 ? 27   PHE A O   1 
ATOM   281  C CB  . PHE A 1 37  ? 4.445   5.696   6.328   1.00 13.76 ? 27   PHE A CB  1 
ATOM   282  C CG  . PHE A 1 37  ? 4.708   4.232   6.297   1.00 13.86 ? 27   PHE A CG  1 
ATOM   283  C CD1 . PHE A 1 37  ? 4.597   3.523   5.110   1.00 13.54 ? 27   PHE A CD1 1 
ATOM   284  C CD2 . PHE A 1 37  ? 5.119   3.561   7.434   1.00 12.25 ? 27   PHE A CD2 1 
ATOM   285  C CE1 . PHE A 1 37  ? 4.868   2.154   5.069   1.00 12.19 ? 27   PHE A CE1 1 
ATOM   286  C CE2 . PHE A 1 37  ? 5.405   2.194   7.405   1.00 14.67 ? 27   PHE A CE2 1 
ATOM   287  C CZ  . PHE A 1 37  ? 5.282   1.484   6.233   1.00 14.73 ? 27   PHE A CZ  1 
ATOM   288  N N   . VAL A 1 38  ? 1.836   6.136   4.678   1.00 12.49 ? 28   VAL A N   1 
ATOM   289  C CA  A VAL A 1 38  ? 0.955   5.631   3.646   0.50 11.32 ? 28   VAL A CA  1 
ATOM   290  C CA  B VAL A 1 38  ? 0.958   5.672   3.641   0.50 11.85 ? 28   VAL A CA  1 
ATOM   291  C C   . VAL A 1 38  ? 1.801   4.966   2.572   1.00 11.68 ? 28   VAL A C   1 
ATOM   292  O O   . VAL A 1 38  ? 2.903   5.406   2.273   1.00 12.66 ? 28   VAL A O   1 
ATOM   293  C CB  A VAL A 1 38  ? 0.035   6.726   3.007   0.50 11.45 ? 28   VAL A CB  1 
ATOM   294  C CB  B VAL A 1 38  ? 0.175   6.861   3.034   0.50 12.02 ? 28   VAL A CB  1 
ATOM   295  C CG1 A VAL A 1 38  ? -0.819  7.421   4.065   0.50 8.21  ? 28   VAL A CG1 1 
ATOM   296  C CG1 B VAL A 1 38  ? 1.121   7.930   2.486   0.50 13.08 ? 28   VAL A CG1 1 
ATOM   297  C CG2 A VAL A 1 38  ? 0.835   7.738   2.152   0.50 11.67 ? 28   VAL A CG2 1 
ATOM   298  C CG2 B VAL A 1 38  ? -0.743  6.389   1.953   0.50 11.14 ? 28   VAL A CG2 1 
ATOM   299  N N   . VAL A 1 39  ? 1.279   3.897   2.005   1.00 11.97 ? 29   VAL A N   1 
ATOM   300  C CA  . VAL A 1 39  ? 1.999   3.216   0.950   1.00 11.16 ? 29   VAL A CA  1 
ATOM   301  C C   . VAL A 1 39  ? 1.396   3.635   -0.359  1.00 12.07 ? 29   VAL A C   1 
ATOM   302  O O   . VAL A 1 39  ? 0.192   3.547   -0.545  1.00 11.35 ? 29   VAL A O   1 
ATOM   303  C CB  . VAL A 1 39  ? 1.931   1.701   1.127   1.00 11.38 ? 29   VAL A CB  1 
ATOM   304  C CG1 . VAL A 1 39  ? 2.526   0.946   -0.081  1.00 10.07 ? 29   VAL A CG1 1 
ATOM   305  C CG2 . VAL A 1 39  ? 2.666   1.315   2.390   1.00 9.48  ? 29   VAL A CG2 1 
ATOM   306  N N   . ASN A 1 40  ? 2.268   4.082   -1.268  1.00 11.68 ? 30   ASN A N   1 
ATOM   307  C CA  . ASN A 1 40  ? 1.876   4.377   -2.610  1.00 12.62 ? 30   ASN A CA  1 
ATOM   308  C C   . ASN A 1 40  ? 2.283   3.160   -3.465  1.00 12.90 ? 30   ASN A C   1 
ATOM   309  O O   . ASN A 1 40  ? 3.453   2.779   -3.467  1.00 12.56 ? 30   ASN A O   1 
ATOM   310  C CB  . ASN A 1 40  ? 2.589   5.660   -3.081  1.00 11.73 ? 30   ASN A CB  1 
ATOM   311  C CG  . ASN A 1 40  ? 2.329   5.957   -4.526  1.00 12.64 ? 30   ASN A CG  1 
ATOM   312  O OD1 . ASN A 1 40  ? 1.349   5.479   -5.075  1.00 15.44 ? 30   ASN A OD1 1 
ATOM   313  N ND2 . ASN A 1 40  ? 3.207   6.738   -5.159  1.00 12.20 ? 30   ASN A ND2 1 
ATOM   314  N N   . ALA A 1 41  ? 1.318   2.580   -4.176  1.00 13.22 ? 31   ALA A N   1 
ATOM   315  C CA  . ALA A 1 41  ? 1.623   1.539   -5.168  1.00 15.03 ? 31   ALA A CA  1 
ATOM   316  C C   . ALA A 1 41  ? 2.122   2.267   -6.404  1.00 15.14 ? 31   ALA A C   1 
ATOM   317  O O   . ALA A 1 41  ? 1.322   2.715   -7.265  1.00 14.92 ? 31   ALA A O   1 
ATOM   318  C CB  . ALA A 1 41  ? 0.367   0.703   -5.485  1.00 14.74 ? 31   ALA A CB  1 
ATOM   319  N N   . ALA A 1 42  ? 3.441   2.408   -6.482  1.00 14.09 ? 32   ALA A N   1 
ATOM   320  C CA  . ALA A 1 42  ? 4.079   3.286   -7.464  1.00 13.39 ? 32   ALA A CA  1 
ATOM   321  C C   . ALA A 1 42  ? 4.544   2.527   -8.696  1.00 13.47 ? 32   ALA A C   1 
ATOM   322  O O   . ALA A 1 42  ? 4.545   1.287   -8.724  1.00 13.08 ? 32   ALA A O   1 
ATOM   323  C CB  . ALA A 1 42  ? 5.290   3.986   -6.817  1.00 13.30 ? 32   ALA A CB  1 
ATOM   324  N N   . ASN A 1 43  ? 4.918   3.281   -9.729  1.00 13.55 ? 33   ASN A N   1 
ATOM   325  C CA  . ASN A 1 43  ? 5.604   2.706   -10.850 1.00 13.54 ? 33   ASN A CA  1 
ATOM   326  C C   . ASN A 1 43  ? 7.094   3.005   -10.664 1.00 14.79 ? 33   ASN A C   1 
ATOM   327  O O   . ASN A 1 43  ? 7.497   3.805   -9.799  1.00 14.80 ? 33   ASN A O   1 
ATOM   328  C CB  . ASN A 1 43  ? 5.041   3.231   -12.193 1.00 13.81 ? 33   ASN A CB  1 
ATOM   329  C CG  . ASN A 1 43  ? 4.984   4.748   -12.259 1.00 14.67 ? 33   ASN A CG  1 
ATOM   330  O OD1 . ASN A 1 43  ? 5.951   5.428   -11.948 1.00 16.98 ? 33   ASN A OD1 1 
ATOM   331  N ND2 . ASN A 1 43  ? 3.825   5.290   -12.642 1.00 16.29 ? 33   ASN A ND2 1 
ATOM   332  N N   . GLU A 1 44  ? 7.921   2.372   -11.479 1.00 14.09 ? 34   GLU A N   1 
ATOM   333  C CA  . GLU A 1 44  ? 9.364   2.485   -11.315 1.00 14.49 ? 34   GLU A CA  1 
ATOM   334  C C   . GLU A 1 44  ? 9.864   3.918   -11.455 1.00 13.42 ? 34   GLU A C   1 
ATOM   335  O O   . GLU A 1 44  ? 10.813  4.289   -10.809 1.00 12.78 ? 34   GLU A O   1 
ATOM   336  C CB  . GLU A 1 44  ? 10.077  1.612   -12.351 1.00 14.64 ? 34   GLU A CB  1 
ATOM   337  C CG  . GLU A 1 44  ? 9.737   0.135   -12.168 1.00 20.01 ? 34   GLU A CG  1 
ATOM   338  C CD  . GLU A 1 44  ? 8.530   -0.358  -13.010 1.00 25.45 ? 34   GLU A CD  1 
ATOM   339  O OE1 . GLU A 1 44  ? 7.505   0.366   -13.187 1.00 25.78 ? 34   GLU A OE1 1 
ATOM   340  O OE2 . GLU A 1 44  ? 8.617   -1.508  -13.483 1.00 26.73 ? 34   GLU A OE2 1 
ATOM   341  N N   . ASN A 1 45  ? 9.229   4.696   -12.314 1.00 13.62 ? 35   ASN A N   1 
ATOM   342  C CA  . ASN A 1 45  ? 9.670   6.045   -12.558 1.00 14.64 ? 35   ASN A CA  1 
ATOM   343  C C   . ASN A 1 45  ? 9.085   7.048   -11.592 1.00 13.23 ? 35   ASN A C   1 
ATOM   344  O O   . ASN A 1 45  ? 9.395   8.232   -11.669 1.00 13.41 ? 35   ASN A O   1 
ATOM   345  C CB  . ASN A 1 45  ? 9.377   6.454   -14.004 1.00 15.26 ? 35   ASN A CB  1 
ATOM   346  C CG  . ASN A 1 45  ? 10.146  5.618   -14.986 1.00 20.38 ? 35   ASN A CG  1 
ATOM   347  O OD1 . ASN A 1 45  ? 11.377  5.603   -14.970 1.00 23.35 ? 35   ASN A OD1 1 
ATOM   348  N ND2 . ASN A 1 45  ? 9.429   4.885   -15.824 1.00 28.71 ? 35   ASN A ND2 1 
ATOM   349  N N   . LEU A 1 46  ? 8.242   6.583   -10.684 1.00 13.94 ? 36   LEU A N   1 
ATOM   350  C CA  . LEU A 1 46  ? 7.630   7.475   -9.669  1.00 13.70 ? 36   LEU A CA  1 
ATOM   351  C C   . LEU A 1 46  ? 6.896   8.648   -10.341 1.00 14.21 ? 36   LEU A C   1 
ATOM   352  O O   . LEU A 1 46  ? 6.993   9.826   -9.932  1.00 14.32 ? 36   LEU A O   1 
ATOM   353  C CB  . LEU A 1 46  ? 8.683   7.979   -8.661  1.00 13.90 ? 36   LEU A CB  1 
ATOM   354  C CG  . LEU A 1 46  ? 9.421   6.956   -7.789  1.00 13.94 ? 36   LEU A CG  1 
ATOM   355  C CD1 . LEU A 1 46  ? 10.393  7.643   -6.823  1.00 13.35 ? 36   LEU A CD1 1 
ATOM   356  C CD2 . LEU A 1 46  ? 8.445   6.069   -7.058  1.00 14.88 ? 36   LEU A CD2 1 
ATOM   357  N N   . LEU A 1 47  ? 6.149   8.294   -11.375 1.00 14.61 ? 37   LEU A N   1 
ATOM   358  C CA  . LEU A 1 47  ? 5.247   9.214   -12.060 1.00 14.99 ? 37   LEU A CA  1 
ATOM   359  C C   . LEU A 1 47  ? 3.868   8.951   -11.473 1.00 14.47 ? 37   LEU A C   1 
ATOM   360  O O   . LEU A 1 47  ? 3.287   7.895   -11.665 1.00 13.40 ? 37   LEU A O   1 
ATOM   361  C CB  . LEU A 1 47  ? 5.258   8.937   -13.585 1.00 16.95 ? 37   LEU A CB  1 
ATOM   362  C CG  . LEU A 1 47  ? 6.679   8.878   -14.185 1.00 19.07 ? 37   LEU A CG  1 
ATOM   363  C CD1 . LEU A 1 47  ? 6.649   8.630   -15.693 1.00 22.26 ? 37   LEU A CD1 1 
ATOM   364  C CD2 . LEU A 1 47  ? 7.501   10.103  -13.874 1.00 23.76 ? 37   LEU A CD2 1 
ATOM   365  N N   . HIS A 1 48  ? 3.383   9.910   -10.697 1.00 14.32 ? 38   HIS A N   1 
ATOM   366  C CA  . HIS A 1 48  ? 2.224   9.708   -9.871  1.00 14.06 ? 38   HIS A CA  1 
ATOM   367  C C   . HIS A 1 48  ? 0.990   10.352  -10.483 1.00 15.53 ? 38   HIS A C   1 
ATOM   368  O O   . HIS A 1 48  ? 0.232   11.029  -9.796  1.00 17.15 ? 38   HIS A O   1 
ATOM   369  C CB  . HIS A 1 48  ? 2.481   10.362  -8.523  1.00 13.78 ? 38   HIS A CB  1 
ATOM   370  C CG  . HIS A 1 48  ? 3.704   9.837   -7.843  1.00 12.86 ? 38   HIS A CG  1 
ATOM   371  N ND1 . HIS A 1 48  ? 3.943   8.492   -7.692  1.00 13.65 ? 38   HIS A ND1 1 
ATOM   372  C CD2 . HIS A 1 48  ? 4.787   10.474  -7.344  1.00 12.20 ? 38   HIS A CD2 1 
ATOM   373  C CE1 . HIS A 1 48  ? 5.100   8.321   -7.061  1.00 13.37 ? 38   HIS A CE1 1 
ATOM   374  N NE2 . HIS A 1 48  ? 5.615   9.514   -6.820  1.00 10.81 ? 38   HIS A NE2 1 
ATOM   375  N N   . GLY A 1 49  ? 0.786   10.120  -11.767 1.00 17.87 ? 39   GLY A N   1 
ATOM   376  C CA  . GLY A 1 49  ? -0.281  10.780  -12.488 1.00 18.97 ? 39   GLY A CA  1 
ATOM   377  C C   . GLY A 1 49  ? -1.677  10.209  -12.318 1.00 20.09 ? 39   GLY A C   1 
ATOM   378  O O   . GLY A 1 49  ? -2.667  10.900  -12.622 1.00 21.03 ? 39   GLY A O   1 
ATOM   379  N N   . GLY A 1 50  ? -1.766  8.978   -11.823 1.00 20.96 ? 40   GLY A N   1 
ATOM   380  C CA  . GLY A 1 50  ? -3.034  8.246   -11.737 1.00 21.24 ? 40   GLY A CA  1 
ATOM   381  C C   . GLY A 1 50  ? -3.094  7.382   -10.519 1.00 20.83 ? 40   GLY A C   1 
ATOM   382  O O   . GLY A 1 50  ? -2.085  7.180   -9.844  1.00 21.61 ? 40   GLY A O   1 
ATOM   383  N N   . GLY A 1 51  ? -4.280  6.870   -10.237 1.00 20.09 ? 41   GLY A N   1 
ATOM   384  C CA  . GLY A 1 51  ? -4.494  5.922   -9.173  1.00 19.73 ? 41   GLY A CA  1 
ATOM   385  C C   . GLY A 1 51  ? -4.261  6.454   -7.784  1.00 19.71 ? 41   GLY A C   1 
ATOM   386  O O   . GLY A 1 51  ? -4.427  7.654   -7.508  1.00 19.25 ? 41   GLY A O   1 
ATOM   387  N N   . VAL A 1 52  ? -3.881  5.543   -6.902  1.00 18.92 ? 42   VAL A N   1 
ATOM   388  C CA  . VAL A 1 52  ? -3.609  5.871   -5.511  1.00 18.66 ? 42   VAL A CA  1 
ATOM   389  C C   . VAL A 1 52  ? -2.423  6.846   -5.455  1.00 16.41 ? 42   VAL A C   1 
ATOM   390  O O   . VAL A 1 52  ? -2.353  7.680   -4.561  1.00 15.70 ? 42   VAL A O   1 
ATOM   391  C CB  . VAL A 1 52  ? -3.304  4.585   -4.675  1.00 19.34 ? 42   VAL A CB  1 
ATOM   392  C CG1 . VAL A 1 52  ? -1.966  3.958   -5.098  1.00 20.77 ? 42   VAL A CG1 1 
ATOM   393  C CG2 . VAL A 1 52  ? -3.202  4.916   -3.202  1.00 21.41 ? 42   VAL A CG2 1 
ATOM   394  N N   . ALA A 1 53  ? -1.468  6.704   -6.384  1.00 14.86 ? 43   ALA A N   1 
ATOM   395  C CA  . ALA A 1 53  ? -0.332  7.636   -6.486  1.00 13.34 ? 43   ALA A CA  1 
ATOM   396  C C   . ALA A 1 53  ? -0.762  9.091   -6.626  1.00 13.51 ? 43   ALA A C   1 
ATOM   397  O O   . ALA A 1 53  ? -0.208  9.979   -5.962  1.00 12.69 ? 43   ALA A O   1 
ATOM   398  C CB  . ALA A 1 53  ? 0.588   7.243   -7.676  1.00 13.29 ? 43   ALA A CB  1 
ATOM   399  N N   . ARG A 1 54  ? -1.723  9.343   -7.516  1.00 13.69 ? 44   ARG A N   1 
ATOM   400  C CA  . ARG A 1 54  ? -2.228  10.690  -7.697  1.00 13.67 ? 44   ARG A CA  1 
ATOM   401  C C   . ARG A 1 54  ? -2.993  11.172  -6.453  1.00 14.45 ? 44   ARG A C   1 
ATOM   402  O O   . ARG A 1 54  ? -2.870  12.325  -6.054  1.00 15.20 ? 44   ARG A O   1 
ATOM   403  C CB  . ARG A 1 54  ? -3.145  10.763  -8.931  1.00 13.71 ? 44   ARG A CB  1 
ATOM   404  C CG  . ARG A 1 54  ? -3.628  12.188  -9.158  1.00 12.96 ? 44   ARG A CG  1 
ATOM   405  C CD  . ARG A 1 54  ? -4.619  12.341  -10.321 1.00 13.92 ? 44   ARG A CD  1 
ATOM   406  N NE  . ARG A 1 54  ? -4.700  13.768  -10.618 1.00 15.63 ? 44   ARG A NE  1 
ATOM   407  C CZ  . ARG A 1 54  ? -5.739  14.548  -10.306 1.00 18.50 ? 44   ARG A CZ  1 
ATOM   408  N NH1 . ARG A 1 54  ? -6.805  14.027  -9.712  1.00 17.21 ? 44   ARG A NH1 1 
ATOM   409  N NH2 . ARG A 1 54  ? -5.712  15.861  -10.601 1.00 20.16 ? 44   ARG A NH2 1 
ATOM   410  N N   . ALA A 1 55  ? -3.802  10.287  -5.866  1.00 15.56 ? 45   ALA A N   1 
ATOM   411  C CA  . ALA A 1 55  ? -4.512  10.604  -4.629  1.00 15.26 ? 45   ALA A CA  1 
ATOM   412  C C   . ALA A 1 55  ? -3.512  11.054  -3.567  1.00 15.47 ? 45   ALA A C   1 
ATOM   413  O O   . ALA A 1 55  ? -3.681  12.104  -2.906  1.00 15.03 ? 45   ALA A O   1 
ATOM   414  C CB  . ALA A 1 55  ? -5.338  9.369   -4.163  1.00 15.96 ? 45   ALA A CB  1 
ATOM   415  N N   . ILE A 1 56  ? -2.450  10.270  -3.381  1.00 15.13 ? 46   ILE A N   1 
ATOM   416  C CA  . ILE A 1 56  ? -1.435  10.651  -2.381  1.00 14.74 ? 46   ILE A CA  1 
ATOM   417  C C   . ILE A 1 56  ? -0.691  11.930  -2.787  1.00 15.09 ? 46   ILE A C   1 
ATOM   418  O O   . ILE A 1 56  ? -0.460  12.811  -1.962  1.00 14.50 ? 46   ILE A O   1 
ATOM   419  C CB  . ILE A 1 56  ? -0.447  9.491   -2.076  1.00 15.06 ? 46   ILE A CB  1 
ATOM   420  C CG1 . ILE A 1 56  ? -1.236  8.293   -1.540  1.00 15.04 ? 46   ILE A CG1 1 
ATOM   421  C CG2 . ILE A 1 56  ? 0.625   9.922   -1.056  1.00 14.80 ? 46   ILE A CG2 1 
ATOM   422  C CD1 . ILE A 1 56  ? -0.402  6.940   -1.517  1.00 15.27 ? 46   ILE A CD1 1 
ATOM   423  N N   . ASP A 1 57  ? -0.290  12.044  -4.048  1.00 14.76 ? 47   ASP A N   1 
ATOM   424  C CA  . ASP A 1 57  ? 0.353   13.279  -4.463  1.00 15.62 ? 47   ASP A CA  1 
ATOM   425  C C   . ASP A 1 57  ? -0.546  14.496  -4.137  1.00 15.97 ? 47   ASP A C   1 
ATOM   426  O O   . ASP A 1 57  ? -0.090  15.489  -3.561  1.00 16.15 ? 47   ASP A O   1 
ATOM   427  C CB  . ASP A 1 57  ? 0.653   13.232  -5.953  1.00 15.21 ? 47   ASP A CB  1 
ATOM   428  C CG  . ASP A 1 57  ? 1.568   14.343  -6.396  1.00 16.19 ? 47   ASP A CG  1 
ATOM   429  O OD1 . ASP A 1 57  ? 2.470   14.744  -5.622  1.00 14.97 ? 47   ASP A OD1 1 
ATOM   430  O OD2 . ASP A 1 57  ? 1.367   14.816  -7.531  1.00 15.55 ? 47   ASP A OD2 1 
ATOM   431  N N   . ILE A 1 58  ? -1.827  14.403  -4.485  1.00 16.83 ? 48   ILE A N   1 
ATOM   432  C CA  . ILE A 1 58  ? -2.745  15.495  -4.190  1.00 17.57 ? 48   ILE A CA  1 
ATOM   433  C C   . ILE A 1 58  ? -2.852  15.750  -2.697  1.00 18.24 ? 48   ILE A C   1 
ATOM   434  O O   . ILE A 1 58  ? -2.786  16.914  -2.249  1.00 17.80 ? 48   ILE A O   1 
ATOM   435  C CB  . ILE A 1 58  ? -4.096  15.294  -4.869  1.00 18.18 ? 48   ILE A CB  1 
ATOM   436  C CG1 . ILE A 1 58  ? -3.899  15.540  -6.373  1.00 18.53 ? 48   ILE A CG1 1 
ATOM   437  C CG2 . ILE A 1 58  ? -5.165  16.253  -4.268  1.00 18.73 ? 48   ILE A CG2 1 
ATOM   438  C CD1 . ILE A 1 58  ? -5.070  15.250  -7.177  1.00 22.36 ? 48   ILE A CD1 1 
ATOM   439  N N   . LEU A 1 59  ? -2.964  14.682  -1.909  1.00 18.63 ? 49   LEU A N   1 
ATOM   440  C CA  . LEU A 1 59  ? -2.904  14.837  -0.441  1.00 18.89 ? 49   LEU A CA  1 
ATOM   441  C C   . LEU A 1 59  ? -1.674  15.610  0.034   1.00 18.88 ? 49   LEU A C   1 
ATOM   442  O O   . LEU A 1 59  ? -1.755  16.401  0.977   1.00 18.49 ? 49   LEU A O   1 
ATOM   443  C CB  . LEU A 1 59  ? -2.956  13.477  0.272   1.00 18.47 ? 49   LEU A CB  1 
ATOM   444  C CG  . LEU A 1 59  ? -4.338  12.833  0.284   1.00 19.84 ? 49   LEU A CG  1 
ATOM   445  C CD1 . LEU A 1 59  ? -4.292  11.350  0.712   1.00 18.54 ? 49   LEU A CD1 1 
ATOM   446  C CD2 . LEU A 1 59  ? -5.271  13.641  1.211   1.00 22.31 ? 49   LEU A CD2 1 
ATOM   447  N N   . THR A 1 60  ? -0.527  15.356  -0.592  1.00 18.13 ? 50   THR A N   1 
ATOM   448  C CA  . THR A 1 60  ? 0.725   16.027  -0.219  1.00 17.43 ? 50   THR A CA  1 
ATOM   449  C C   . THR A 1 60  ? 0.906   17.318  -1.010  1.00 17.15 ? 50   THR A C   1 
ATOM   450  O O   . THR A 1 60  ? 1.981   17.904  -0.997  1.00 16.31 ? 50   THR A O   1 
ATOM   451  C CB  . THR A 1 60  ? 1.975   15.149  -0.489  1.00 17.44 ? 50   THR A CB  1 
ATOM   452  O OG1 . THR A 1 60  ? 2.155   15.022  -1.901  1.00 16.60 ? 50   THR A OG1 1 
ATOM   453  C CG2 . THR A 1 60  ? 1.851   13.758  0.142   1.00 16.55 ? 50   THR A CG2 1 
ATOM   454  N N   . GLU A 1 61  ? -0.133  17.741  -1.725  1.00 17.15 ? 51   GLU A N   1 
ATOM   455  C CA  . GLU A 1 61  ? -0.091  19.007  -2.473  1.00 17.34 ? 51   GLU A CA  1 
ATOM   456  C C   . GLU A 1 61  ? 1.089   19.083  -3.453  1.00 17.31 ? 51   GLU A C   1 
ATOM   457  O O   . GLU A 1 61  ? 1.722   20.124  -3.595  1.00 17.35 ? 51   GLU A O   1 
ATOM   458  C CB  . GLU A 1 61  ? -0.105  20.190  -1.498  1.00 18.87 ? 51   GLU A CB  1 
ATOM   459  C CG  . GLU A 1 61  ? -1.418  20.208  -0.718  1.00 19.93 ? 51   GLU A CG  1 
ATOM   460  C CD  . GLU A 1 61  ? -1.506  21.289  0.339   1.00 27.84 ? 51   GLU A CD  1 
ATOM   461  O OE1 . GLU A 1 61  ? -0.462  21.718  0.866   1.00 26.01 ? 51   GLU A OE1 1 
ATOM   462  O OE2 . GLU A 1 61  ? -2.652  21.689  0.659   1.00 32.17 ? 51   GLU A OE2 1 
ATOM   463  N N   . GLY A 1 62  ? 1.381   17.964  -4.127  1.00 16.10 ? 52   GLY A N   1 
ATOM   464  C CA  . GLY A 1 62  ? 2.461   17.936  -5.092  1.00 14.29 ? 52   GLY A CA  1 
ATOM   465  C C   . GLY A 1 62  ? 3.831   17.644  -4.524  1.00 12.97 ? 52   GLY A C   1 
ATOM   466  O O   . GLY A 1 62  ? 4.809   17.509  -5.278  1.00 12.13 ? 52   GLY A O   1 
ATOM   467  N N   . GLN A 1 63  ? 3.938   17.565  -3.207  1.00 12.51 ? 53   GLN A N   1 
ATOM   468  C CA  . GLN A 1 63  ? 5.226   17.286  -2.609  1.00 12.75 ? 53   GLN A CA  1 
ATOM   469  C C   . GLN A 1 63  ? 5.730   15.916  -2.964  1.00 12.13 ? 53   GLN A C   1 
ATOM   470  O O   . GLN A 1 63  ? 6.912   15.727  -3.209  1.00 13.33 ? 53   GLN A O   1 
ATOM   471  C CB  . GLN A 1 63  ? 5.162   17.416  -1.110  1.00 14.57 ? 53   GLN A CB  1 
ATOM   472  C CG  . GLN A 1 63  ? 4.902   18.873  -0.681  1.00 17.30 ? 53   GLN A CG  1 
ATOM   473  C CD  . GLN A 1 63  ? 4.428   18.964  0.740   1.00 21.52 ? 53   GLN A CD  1 
ATOM   474  O OE1 . GLN A 1 63  ? 4.477   17.985  1.500   1.00 21.64 ? 53   GLN A OE1 1 
ATOM   475  N NE2 . GLN A 1 63  ? 3.956   20.157  1.125   1.00 24.32 ? 53   GLN A NE2 1 
ATOM   476  N N   . LEU A 1 64  ? 4.830   14.955  -3.014  1.00 13.11 ? 54   LEU A N   1 
ATOM   477  C CA  . LEU A 1 64  ? 5.265   13.607  -3.370  1.00 11.97 ? 54   LEU A CA  1 
ATOM   478  C C   . LEU A 1 64  ? 5.954   13.599  -4.734  1.00 12.12 ? 54   LEU A C   1 
ATOM   479  O O   . LEU A 1 64  ? 7.050   13.047  -4.871  1.00 13.21 ? 54   LEU A O   1 
ATOM   480  C CB  . LEU A 1 64  ? 4.097   12.640  -3.344  1.00 10.92 ? 54   LEU A CB  1 
ATOM   481  C CG  . LEU A 1 64  ? 4.439   11.205  -3.825  1.00 11.08 ? 54   LEU A CG  1 
ATOM   482  C CD1 . LEU A 1 64  ? 5.533   10.583  -2.968  1.00 10.24 ? 54   LEU A CD1 1 
ATOM   483  C CD2 . LEU A 1 64  ? 3.211   10.323  -3.885  1.00 10.22 ? 54   LEU A CD2 1 
ATOM   484  N N   . GLN A 1 65  ? 5.322   14.194  -5.739  1.00 12.39 ? 55   GLN A N   1 
ATOM   485  C CA  . GLN A 1 65  ? 5.902   14.217  -7.112  1.00 12.87 ? 55   GLN A CA  1 
ATOM   486  C C   . GLN A 1 65  ? 7.193   14.998  -7.163  1.00 13.91 ? 55   GLN A C   1 
ATOM   487  O O   . GLN A 1 65  ? 8.114   14.649  -7.905  1.00 12.59 ? 55   GLN A O   1 
ATOM   488  C CB  . GLN A 1 65  ? 4.907   14.831  -8.112  1.00 13.86 ? 55   GLN A CB  1 
ATOM   489  C CG  . GLN A 1 65  ? 5.290   14.616  -9.578  1.00 12.86 ? 55   GLN A CG  1 
ATOM   490  C CD  . GLN A 1 65  ? 5.431   13.149  -9.891  1.00 14.00 ? 55   GLN A CD  1 
ATOM   491  O OE1 . GLN A 1 65  ? 4.449   12.500  -10.204 1.00 16.32 ? 55   GLN A OE1 1 
ATOM   492  N NE2 . GLN A 1 65  ? 6.668   12.604  -9.782  1.00 13.25 ? 55   GLN A NE2 1 
ATOM   493  N N   . SER A 1 66  ? 7.293   16.073  -6.366  1.00 14.81 ? 56   SER A N   1 
ATOM   494  C CA  . SER A 1 66  ? 8.514   16.876  -6.449  1.00 15.68 ? 56   SER A CA  1 
ATOM   495  C C   . SER A 1 66  ? 9.638   16.128  -5.767  1.00 14.89 ? 56   SER A C   1 
ATOM   496  O O   . SER A 1 66  ? 10.756  16.090  -6.296  1.00 15.54 ? 56   SER A O   1 
ATOM   497  C CB  . SER A 1 66  ? 8.342   18.298  -5.881  1.00 16.08 ? 56   SER A CB  1 
ATOM   498  O OG  . SER A 1 66  ? 8.148   18.232  -4.495  1.00 21.68 ? 56   SER A OG  1 
ATOM   499  N N   . LEU A 1 67  ? 9.340   15.497  -4.636  1.00 13.88 ? 57   LEU A N   1 
ATOM   500  C CA  . LEU A 1 67  ? 10.356  14.676  -3.977  1.00 13.89 ? 57   LEU A CA  1 
ATOM   501  C C   . LEU A 1 67  ? 10.748  13.492  -4.843  1.00 13.22 ? 57   LEU A C   1 
ATOM   502  O O   . LEU A 1 67  ? 11.921  13.089  -4.884  1.00 12.11 ? 57   LEU A O   1 
ATOM   503  C CB  . LEU A 1 67  ? 9.898   14.209  -2.603  1.00 13.18 ? 57   LEU A CB  1 
ATOM   504  C CG  . LEU A 1 67  ? 9.859   15.229  -1.443  1.00 15.06 ? 57   LEU A CG  1 
ATOM   505  C CD1 . LEU A 1 67  ? 9.345   14.566  -0.169  1.00 14.41 ? 57   LEU A CD1 1 
ATOM   506  C CD2 . LEU A 1 67  ? 11.233  15.759  -1.190  1.00 17.29 ? 57   LEU A CD2 1 
ATOM   507  N N   . SER A 1 68  ? 9.773   12.949  -5.556  1.00 13.04 ? 58   SER A N   1 
ATOM   508  C CA  . SER A 1 68  ? 10.034  11.836  -6.462  1.00 13.23 ? 58   SER A CA  1 
ATOM   509  C C   . SER A 1 68  ? 10.956  12.218  -7.633  1.00 14.39 ? 58   SER A C   1 
ATOM   510  O O   . SER A 1 68  ? 11.848  11.452  -7.995  1.00 13.87 ? 58   SER A O   1 
ATOM   511  C CB  . SER A 1 68  ? 8.710   11.279  -6.978  1.00 13.09 ? 58   SER A CB  1 
ATOM   512  O OG  . SER A 1 68  ? 7.987   10.713  -5.895  1.00 13.00 ? 58   SER A OG  1 
ATOM   513  N N   . LYS A 1 69  ? 10.717  13.373  -8.248  1.00 14.87 ? 59   LYS A N   1 
ATOM   514  C CA  . LYS A 1 69  ? 11.622  13.866  -9.310  1.00 15.65 ? 59   LYS A CA  1 
ATOM   515  C C   . LYS A 1 69  ? 13.071  13.971  -8.801  1.00 16.25 ? 59   LYS A C   1 
ATOM   516  O O   . LYS A 1 69  ? 14.016  13.526  -9.482  1.00 16.80 ? 59   LYS A O   1 
ATOM   517  C CB  . LYS A 1 69  ? 11.148  15.217  -9.836  1.00 16.35 ? 59   LYS A CB  1 
ATOM   518  C CG  . LYS A 1 69  ? 9.872   15.164  -10.658 1.00 19.79 ? 59   LYS A CG  1 
ATOM   519  C CD  . LYS A 1 69  ? 9.600   16.562  -11.217 1.00 26.14 ? 59   LYS A CD  1 
ATOM   520  C CE  . LYS A 1 69  ? 8.322   16.585  -11.994 1.00 31.25 ? 59   LYS A CE  1 
ATOM   521  N NZ  . LYS A 1 69  ? 7.914   17.999  -12.204 1.00 34.54 ? 59   LYS A NZ  1 
ATOM   522  N N   . ASP A 1 70  ? 13.249  14.517  -7.598  1.00 16.17 ? 60   ASP A N   1 
ATOM   523  C CA  . ASP A 1 70  ? 14.596  14.601  -6.988  1.00 17.01 ? 60   ASP A CA  1 
ATOM   524  C C   . ASP A 1 70  ? 15.184  13.215  -6.777  1.00 16.36 ? 60   ASP A C   1 
ATOM   525  O O   . ASP A 1 70  ? 16.344  12.977  -7.114  1.00 15.71 ? 60   ASP A O   1 
ATOM   526  C CB  . ASP A 1 70  ? 14.550  15.294  -5.637  1.00 18.19 ? 60   ASP A CB  1 
ATOM   527  C CG  . ASP A 1 70  ? 14.172  16.755  -5.739  1.00 22.45 ? 60   ASP A CG  1 
ATOM   528  O OD1 . ASP A 1 70  ? 14.292  17.302  -6.848  1.00 23.37 ? 60   ASP A OD1 1 
ATOM   529  O OD2 . ASP A 1 70  ? 13.755  17.324  -4.699  1.00 25.96 ? 60   ASP A OD2 1 
ATOM   530  N N   . TYR A 1 71  ? 14.386  12.302  -6.212  1.00 15.37 ? 61   TYR A N   1 
ATOM   531  C CA  . TYR A 1 71  ? 14.856  10.954  -5.953  1.00 14.27 ? 61   TYR A CA  1 
ATOM   532  C C   . TYR A 1 71  ? 15.304  10.282  -7.256  1.00 14.93 ? 61   TYR A C   1 
ATOM   533  O O   . TYR A 1 71  ? 16.385  9.679   -7.329  1.00 14.11 ? 61   TYR A O   1 
ATOM   534  C CB  . TYR A 1 71  ? 13.784  10.108  -5.223  1.00 15.14 ? 61   TYR A CB  1 
ATOM   535  C CG  . TYR A 1 71  ? 14.256  8.672   -5.067  1.00 15.38 ? 61   TYR A CG  1 
ATOM   536  C CD1 . TYR A 1 71  ? 13.958  7.710   -6.042  1.00 14.93 ? 61   TYR A CD1 1 
ATOM   537  C CD2 . TYR A 1 71  ? 15.066  8.303   -3.987  1.00 15.71 ? 61   TYR A CD2 1 
ATOM   538  C CE1 . TYR A 1 71  ? 14.452  6.416   -5.936  1.00 14.32 ? 61   TYR A CE1 1 
ATOM   539  C CE2 . TYR A 1 71  ? 15.577  7.009   -3.876  1.00 15.02 ? 61   TYR A CE2 1 
ATOM   540  C CZ  . TYR A 1 71  ? 15.255  6.079   -4.845  1.00 16.05 ? 61   TYR A CZ  1 
ATOM   541  O OH  . TYR A 1 71  ? 15.741  4.793   -4.744  1.00 18.51 ? 61   TYR A OH  1 
ATOM   542  N N   . ILE A 1 72  ? 14.479  10.372  -8.289  1.00 14.12 ? 62   ILE A N   1 
ATOM   543  C CA  . ILE A 1 72  ? 14.825  9.795   -9.566  1.00 14.62 ? 62   ILE A CA  1 
ATOM   544  C C   . ILE A 1 72  ? 16.098  10.427  -10.165 1.00 15.66 ? 62   ILE A C   1 
ATOM   545  O O   . ILE A 1 72  ? 16.971  9.707   -10.642 1.00 15.98 ? 62   ILE A O   1 
ATOM   546  C CB  . ILE A 1 72  ? 13.652  9.932   -10.543 1.00 15.15 ? 62   ILE A CB  1 
ATOM   547  C CG1 . ILE A 1 72  ? 12.447  9.076   -10.044 1.00 13.26 ? 62   ILE A CG1 1 
ATOM   548  C CG2 . ILE A 1 72  ? 14.099  9.598   -11.965 1.00 15.08 ? 62   ILE A CG2 1 
ATOM   549  C CD1 . ILE A 1 72  ? 12.605  7.540   -10.188 1.00 13.36 ? 62   ILE A CD1 1 
ATOM   550  N N   . SER A 1 73  ? 16.219  11.750  -10.115 1.00 16.09 ? 63   SER A N   1 
ATOM   551  C CA  . SER A 1 73  ? 17.404  12.422  -10.668 1.00 18.15 ? 63   SER A CA  1 
ATOM   552  C C   . SER A 1 73  ? 18.679  11.886  -10.003 1.00 18.83 ? 63   SER A C   1 
ATOM   553  O O   . SER A 1 73  ? 19.710  11.675  -10.660 1.00 18.39 ? 63   SER A O   1 
ATOM   554  C CB  . SER A 1 73  ? 17.328  13.932  -10.435 1.00 18.05 ? 63   SER A CB  1 
ATOM   555  O OG  . SER A 1 73  ? 18.377  14.580  -11.152 1.00 20.64 ? 63   SER A OG  1 
ATOM   556  N N   . SER A 1 74  ? 18.606  11.664  -8.691  1.00 18.46 ? 64   SER A N   1 
ATOM   557  C CA  . SER A 1 74  ? 19.759  11.168  -7.948  1.00 19.72 ? 64   SER A CA  1 
ATOM   558  C C   . SER A 1 74  ? 19.973  9.666   -7.991  1.00 19.94 ? 64   SER A C   1 
ATOM   559  O O   . SER A 1 74  ? 21.129  9.213   -7.991  1.00 20.63 ? 64   SER A O   1 
ATOM   560  C CB  . SER A 1 74  ? 19.680  11.609  -6.504  1.00 19.57 ? 64   SER A CB  1 
ATOM   561  O OG  . SER A 1 74  ? 19.948  12.995  -6.433  1.00 24.19 ? 64   SER A OG  1 
ATOM   562  N N   . ASN A 1 75  ? 18.881  8.901   -7.996  1.00 19.48 ? 65   ASN A N   1 
ATOM   563  C CA  . ASN A 1 75  ? 18.955  7.449   -7.756  1.00 19.85 ? 65   ASN A CA  1 
ATOM   564  C C   . ASN A 1 75  ? 18.454  6.558   -8.875  1.00 18.69 ? 65   ASN A C   1 
ATOM   565  O O   . ASN A 1 75  ? 18.705  5.352   -8.883  1.00 19.60 ? 65   ASN A O   1 
ATOM   566  C CB  . ASN A 1 75  ? 18.228  7.101   -6.459  1.00 20.16 ? 65   ASN A CB  1 
ATOM   567  C CG  . ASN A 1 75  ? 18.762  7.883   -5.305  1.00 23.21 ? 65   ASN A CG  1 
ATOM   568  O OD1 . ASN A 1 75  ? 19.764  7.521   -4.752  1.00 28.27 ? 65   ASN A OD1 1 
ATOM   569  N ND2 . ASN A 1 75  ? 18.122  8.992   -4.969  1.00 26.56 ? 65   ASN A ND2 1 
ATOM   570  N N   . GLY A 1 76  ? 17.695  7.116   -9.791  1.00 17.79 ? 66   GLY A N   1 
ATOM   571  C CA  . GLY A 1 76  ? 17.162  6.285   -10.841 1.00 17.18 ? 66   GLY A CA  1 
ATOM   572  C C   . GLY A 1 76  ? 15.877  5.580   -10.439 1.00 17.28 ? 66   GLY A C   1 
ATOM   573  O O   . GLY A 1 76  ? 15.490  5.615   -9.266  1.00 15.63 ? 66   GLY A O   1 
ATOM   574  N N   . PRO A 1 77  ? 15.213  4.937   -11.424 1.00 18.04 ? 67   PRO A N   1 
ATOM   575  C CA  . PRO A 1 77  ? 13.935  4.253   -11.179 1.00 17.55 ? 67   PRO A CA  1 
ATOM   576  C C   . PRO A 1 77  ? 14.087  3.196   -10.108 1.00 17.28 ? 67   PRO A C   1 
ATOM   577  O O   . PRO A 1 77  ? 15.175  2.593   -9.958  1.00 16.20 ? 67   PRO A O   1 
ATOM   578  C CB  . PRO A 1 77  ? 13.579  3.597   -12.521 1.00 18.89 ? 67   PRO A CB  1 
ATOM   579  C CG  . PRO A 1 77  ? 14.617  3.997   -13.505 1.00 17.85 ? 67   PRO A CG  1 
ATOM   580  C CD  . PRO A 1 77  ? 15.634  4.884   -12.835 1.00 17.71 ? 67   PRO A CD  1 
ATOM   581  N N   . LEU A 1 78  ? 13.024  3.020   -9.320  1.00 15.82 ? 68   LEU A N   1 
ATOM   582  C CA  . LEU A 1 78  ? 12.962  1.968   -8.337  1.00 16.43 ? 68   LEU A CA  1 
ATOM   583  C C   . LEU A 1 78  ? 12.924  0.657   -9.059  1.00 16.77 ? 68   LEU A C   1 
ATOM   584  O O   . LEU A 1 78  ? 12.230  0.536   -10.054 1.00 18.85 ? 68   LEU A O   1 
ATOM   585  C CB  . LEU A 1 78  ? 11.688  2.052   -7.497  1.00 15.55 ? 68   LEU A CB  1 
ATOM   586  C CG  . LEU A 1 78  ? 11.702  3.033   -6.347  1.00 17.13 ? 68   LEU A CG  1 
ATOM   587  C CD1 . LEU A 1 78  ? 10.328  3.046   -5.673  1.00 15.91 ? 68   LEU A CD1 1 
ATOM   588  C CD2 . LEU A 1 78  ? 12.758  2.602   -5.385  1.00 17.51 ? 68   LEU A CD2 1 
ATOM   589  N N   . LYS A 1 79  ? 13.646  -0.316  -8.529  1.00 17.51 ? 69   LYS A N   1 
ATOM   590  C CA  . LYS A 1 79  ? 13.550  -1.703  -8.985  1.00 17.77 ? 69   LYS A CA  1 
ATOM   591  C C   . LYS A 1 79  ? 12.179  -2.234  -8.575  1.00 16.55 ? 69   LYS A C   1 
ATOM   592  O O   . LYS A 1 79  ? 11.676  -1.898  -7.523  1.00 14.93 ? 69   LYS A O   1 
ATOM   593  C CB  . LYS A 1 79  ? 14.673  -2.504  -8.335  1.00 18.33 ? 69   LYS A CB  1 
ATOM   594  C CG  . LYS A 1 79  ? 14.825  -3.878  -8.835  1.00 24.41 ? 69   LYS A CG  1 
ATOM   595  C CD  . LYS A 1 79  ? 16.236  -4.409  -8.635  1.00 31.78 ? 69   LYS A CD  1 
ATOM   596  C CE  . LYS A 1 79  ? 16.396  -5.735  -9.395  1.00 33.66 ? 69   LYS A CE  1 
ATOM   597  N NZ  . LYS A 1 79  ? 17.827  -6.171  -9.562  1.00 38.07 ? 69   LYS A NZ  1 
ATOM   598  N N   . VAL A 1 80  ? 11.553  -3.030  -9.439  1.00 16.68 ? 70   VAL A N   1 
ATOM   599  C CA  . VAL A 1 80  ? 10.338  -3.758  -9.061  1.00 15.26 ? 70   VAL A CA  1 
ATOM   600  C C   . VAL A 1 80  ? 10.653  -4.552  -7.793  1.00 15.63 ? 70   VAL A C   1 
ATOM   601  O O   . VAL A 1 80  ? 11.695  -5.210  -7.705  1.00 14.16 ? 70   VAL A O   1 
ATOM   602  C CB  . VAL A 1 80  ? 9.897   -4.715  -10.172 1.00 14.61 ? 70   VAL A CB  1 
ATOM   603  C CG1 . VAL A 1 80  ? 8.701   -5.529  -9.711  1.00 14.67 ? 70   VAL A CG1 1 
ATOM   604  C CG2 . VAL A 1 80  ? 9.590   -3.948  -11.451 1.00 16.58 ? 70   VAL A CG2 1 
ATOM   605  N N   . GLY A 1 81  ? 9.805   -4.437  -6.780  1.00 13.81 ? 71   GLY A N   1 
ATOM   606  C CA  . GLY A 1 81  ? 10.053  -5.080  -5.508  1.00 14.79 ? 71   GLY A CA  1 
ATOM   607  C C   . GLY A 1 81  ? 10.624  -4.185  -4.442  1.00 15.72 ? 71   GLY A C   1 
ATOM   608  O O   . GLY A 1 81  ? 10.633  -4.536  -3.268  1.00 17.58 ? 71   GLY A O   1 
ATOM   609  N N   . ALA A 1 82  ? 11.104  -3.018  -4.845  1.00 15.77 ? 72   ALA A N   1 
ATOM   610  C CA  . ALA A 1 82  ? 11.767  -2.112  -3.942  1.00 15.43 ? 72   ALA A CA  1 
ATOM   611  C C   . ALA A 1 82  ? 10.840  -0.945  -3.620  1.00 15.20 ? 72   ALA A C   1 
ATOM   612  O O   . ALA A 1 82  ? 9.880   -0.649  -4.369  1.00 14.27 ? 72   ALA A O   1 
ATOM   613  C CB  . ALA A 1 82  ? 13.040  -1.575  -4.578  1.00 15.74 ? 72   ALA A CB  1 
ATOM   614  N N   . GLY A 1 83  ? 11.175  -0.257  -2.542  1.00 14.36 ? 73   GLY A N   1 
ATOM   615  C CA  . GLY A 1 83  ? 10.419  0.903   -2.138  1.00 14.62 ? 73   GLY A CA  1 
ATOM   616  C C   . GLY A 1 83  ? 11.354  1.976   -1.634  1.00 15.03 ? 73   GLY A C   1 
ATOM   617  O O   . GLY A 1 83  ? 12.473  1.687   -1.219  1.00 15.98 ? 73   GLY A O   1 
ATOM   618  N N   . VAL A 1 84  ? 10.870  3.213   -1.594  1.00 14.24 ? 74   VAL A N   1 
ATOM   619  C CA  . VAL A 1 84  ? 11.621  4.300   -0.983  1.00 13.56 ? 74   VAL A CA  1 
ATOM   620  C C   . VAL A 1 84  ? 10.637  5.180   -0.216  1.00 12.96 ? 74   VAL A C   1 
ATOM   621  O O   . VAL A 1 84  ? 9.589   5.536   -0.746  1.00 11.20 ? 74   VAL A O   1 
ATOM   622  C CB  . VAL A 1 84  ? 12.339  5.209   -2.008  1.00 13.77 ? 74   VAL A CB  1 
ATOM   623  C CG1 . VAL A 1 84  ? 11.352  5.926   -2.939  1.00 12.51 ? 74   VAL A CG1 1 
ATOM   624  C CG2 . VAL A 1 84  ? 13.133  6.290   -1.255  1.00 16.87 ? 74   VAL A CG2 1 
ATOM   625  N N   . MET A 1 85  ? 10.987  5.501   1.012   1.00 11.61 ? 75   MET A N   1 
ATOM   626  C CA  . MET A 1 85  ? 10.183  6.437   1.815   1.00 12.32 ? 75   MET A CA  1 
ATOM   627  C C   . MET A 1 85  ? 10.518  7.885   1.412   1.00 13.52 ? 75   MET A C   1 
ATOM   628  O O   . MET A 1 85  ? 11.698  8.270   1.417   1.00 13.46 ? 75   MET A O   1 
ATOM   629  C CB  . MET A 1 85  ? 10.515  6.270   3.296   1.00 12.33 ? 75   MET A CB  1 
ATOM   630  C CG  . MET A 1 85  ? 9.586   7.137   4.204   1.00 10.92 ? 75   MET A CG  1 
ATOM   631  S SD  . MET A 1 85  ? 7.946   6.416   4.209   1.00 16.83 ? 75   MET A SD  1 
ATOM   632  C CE  . MET A 1 85  ? 8.106   5.190   5.504   1.00 15.99 ? 75   MET A CE  1 
ATOM   633  N N   . LEU A 1 86  ? 9.488   8.675   1.105   1.00 12.67 ? 76   LEU A N   1 
ATOM   634  C CA  . LEU A 1 86  ? 9.653   10.095  0.795   1.00 12.75 ? 76   LEU A CA  1 
ATOM   635  C C   . LEU A 1 86  ? 8.828   10.877  1.809   1.00 13.25 ? 76   LEU A C   1 
ATOM   636  O O   . LEU A 1 86  ? 7.601   10.713  1.926   1.00 12.68 ? 76   LEU A O   1 
ATOM   637  C CB  . LEU A 1 86  ? 9.265   10.409  -0.666  1.00 12.67 ? 76   LEU A CB  1 
ATOM   638  C CG  . LEU A 1 86  ? 10.159  9.761   -1.743  1.00 10.26 ? 76   LEU A CG  1 
ATOM   639  C CD1 . LEU A 1 86  ? 9.701   10.089  -3.152  1.00 10.91 ? 76   LEU A CD1 1 
ATOM   640  C CD2 . LEU A 1 86  ? 11.643  10.067  -1.561  1.00 12.73 ? 76   LEU A CD2 1 
ATOM   641  N N   . GLU A 1 87  ? 9.523   11.688  2.599   1.00 14.73 ? 77   GLU A N   1 
ATOM   642  C CA  . GLU A 1 87  ? 8.885   12.307  3.750   1.00 17.44 ? 77   GLU A CA  1 
ATOM   643  C C   . GLU A 1 87  ? 8.364   13.643  3.286   1.00 17.26 ? 77   GLU A C   1 
ATOM   644  O O   . GLU A 1 87  ? 9.132   14.539  2.903   1.00 17.77 ? 77   GLU A O   1 
ATOM   645  C CB  . GLU A 1 87  ? 9.909   12.426  4.899   1.00 16.93 ? 77   GLU A CB  1 
ATOM   646  C CG  . GLU A 1 87  ? 10.663  11.112  5.158   1.00 20.12 ? 77   GLU A CG  1 
ATOM   647  C CD  . GLU A 1 87  ? 11.434  11.100  6.495   1.00 22.50 ? 77   GLU A CD  1 
ATOM   648  O OE1 . GLU A 1 87  ? 11.463  12.133  7.196   1.00 30.11 ? 77   GLU A OE1 1 
ATOM   649  O OE2 . GLU A 1 87  ? 11.996  10.038  6.830   1.00 31.19 ? 77   GLU A OE2 1 
ATOM   650  N N   . CYS A 1 88  ? 7.042   13.751  3.230   1.00 18.13 ? 78   CYS A N   1 
ATOM   651  C CA  . CYS A 1 88  ? 6.410   14.969  2.807   1.00 18.68 ? 78   CYS A CA  1 
ATOM   652  C C   . CYS A 1 88  ? 6.026   15.744  4.050   1.00 20.13 ? 78   CYS A C   1 
ATOM   653  O O   . CYS A 1 88  ? 6.327   15.338  5.163   1.00 19.88 ? 78   CYS A O   1 
ATOM   654  C CB  . CYS A 1 88  ? 5.175   14.678  1.956   1.00 17.73 ? 78   CYS A CB  1 
ATOM   655  S SG  . CYS A 1 88  ? 5.616   13.786  0.409   1.00 16.34 ? 78   CYS A SG  1 
ATOM   656  N N   . GLU A 1 89  ? 5.377   16.873  3.844   1.00 20.78 ? 79   GLU A N   1 
ATOM   657  C CA  . GLU A 1 89  ? 5.088   17.752  4.950   1.00 23.09 ? 79   GLU A CA  1 
ATOM   658  C C   . GLU A 1 89  ? 4.145   17.119  5.960   1.00 22.76 ? 79   GLU A C   1 
ATOM   659  O O   . GLU A 1 89  ? 4.402   17.194  7.163   1.00 24.29 ? 79   GLU A O   1 
ATOM   660  C CB  . GLU A 1 89  ? 4.485   19.022  4.373   1.00 23.38 ? 79   GLU A CB  1 
ATOM   661  C CG  . GLU A 1 89  ? 4.745   20.216  5.156   1.00 26.63 ? 79   GLU A CG  1 
ATOM   662  C CD  . GLU A 1 89  ? 4.094   21.361  4.498   1.00 27.15 ? 79   GLU A CD  1 
ATOM   663  O OE1 . GLU A 1 89  ? 2.867   21.463  4.627   1.00 29.42 ? 79   GLU A OE1 1 
ATOM   664  O OE2 . GLU A 1 89  ? 4.797   22.093  3.799   1.00 26.54 ? 79   GLU A OE2 1 
ATOM   665  N N   . LYS A 1 90  ? 3.071   16.492  5.480   1.00 23.00 ? 80   LYS A N   1 
ATOM   666  C CA  . LYS A 1 90  ? 2.021   15.938  6.347   1.00 24.01 ? 80   LYS A CA  1 
ATOM   667  C C   . LYS A 1 90  ? 1.990   14.424  6.417   1.00 23.25 ? 80   LYS A C   1 
ATOM   668  O O   . LYS A 1 90  ? 1.274   13.853  7.251   1.00 23.69 ? 80   LYS A O   1 
ATOM   669  C CB  . LYS A 1 90  ? 0.650   16.372  5.855   1.00 24.99 ? 80   LYS A CB  1 
ATOM   670  C CG  . LYS A 1 90  ? 0.588   17.836  5.396   1.00 28.51 ? 80   LYS A CG  1 
ATOM   671  C CD  . LYS A 1 90  ? -0.230  18.736  6.295   1.00 33.84 ? 80   LYS A CD  1 
ATOM   672  C CE  . LYS A 1 90  ? -0.651  19.954  5.496   1.00 33.51 ? 80   LYS A CE  1 
ATOM   673  N NZ  . LYS A 1 90  ? -1.507  20.861  6.268   1.00 34.89 ? 80   LYS A NZ  1 
ATOM   674  N N   . PHE A 1 91  ? 2.721   13.780  5.509   1.00 21.01 ? 81   PHE A N   1 
ATOM   675  C CA  . PHE A 1 91  ? 2.657   12.336  5.338   1.00 20.31 ? 81   PHE A CA  1 
ATOM   676  C C   . PHE A 1 91  ? 4.028   11.847  4.969   1.00 17.73 ? 81   PHE A C   1 
ATOM   677  O O   . PHE A 1 91  ? 4.714   12.487  4.164   1.00 16.42 ? 81   PHE A O   1 
ATOM   678  C CB  . PHE A 1 91  ? 1.754   11.980  4.141   1.00 21.03 ? 81   PHE A CB  1 
ATOM   679  C CG  . PHE A 1 91  ? 0.300   12.275  4.368   1.00 24.74 ? 81   PHE A CG  1 
ATOM   680  C CD1 . PHE A 1 91  ? -0.479  11.415  5.121   1.00 24.03 ? 81   PHE A CD1 1 
ATOM   681  C CD2 . PHE A 1 91  ? -0.280  13.434  3.852   1.00 26.33 ? 81   PHE A CD2 1 
ATOM   682  C CE1 . PHE A 1 91  ? -1.835  11.687  5.337   1.00 27.04 ? 81   PHE A CE1 1 
ATOM   683  C CE2 . PHE A 1 91  ? -1.624  13.720  4.076   1.00 26.98 ? 81   PHE A CE2 1 
ATOM   684  C CZ  . PHE A 1 91  ? -2.405  12.823  4.798   1.00 25.96 ? 81   PHE A CZ  1 
ATOM   685  N N   . ASN A 1 92  ? 4.426   10.721  5.550   1.00 16.22 ? 82   ASN A N   1 
ATOM   686  C CA  . ASN A 1 92  ? 5.542   9.936   4.986   1.00 15.03 ? 82   ASN A CA  1 
ATOM   687  C C   . ASN A 1 92  ? 4.947   8.940   4.043   1.00 13.95 ? 82   ASN A C   1 
ATOM   688  O O   . ASN A 1 92  ? 4.009   8.239   4.409   1.00 14.41 ? 82   ASN A O   1 
ATOM   689  C CB  . ASN A 1 92  ? 6.326   9.244   6.091   1.00 15.85 ? 82   ASN A CB  1 
ATOM   690  C CG  . ASN A 1 92  ? 6.938   10.238  7.017   1.00 19.18 ? 82   ASN A CG  1 
ATOM   691  O OD1 . ASN A 1 92  ? 7.438   11.265  6.567   1.00 17.44 ? 82   ASN A OD1 1 
ATOM   692  N ND2 . ASN A 1 92  ? 6.834   9.995   8.321   1.00 25.11 ? 82   ASN A ND2 1 
ATOM   693  N N   . VAL A 1 93  ? 5.452   8.906   2.815   1.00 11.83 ? 83   VAL A N   1 
ATOM   694  C CA  . VAL A 1 93  ? 4.863   8.067   1.797   1.00 11.26 ? 83   VAL A CA  1 
ATOM   695  C C   . VAL A 1 93  ? 5.925   7.061   1.396   1.00 10.62 ? 83   VAL A C   1 
ATOM   696  O O   . VAL A 1 93  ? 7.005   7.444   0.925   1.00 10.73 ? 83   VAL A O   1 
ATOM   697  C CB  . VAL A 1 93  ? 4.526   8.887   0.530   1.00 10.92 ? 83   VAL A CB  1 
ATOM   698  C CG1 . VAL A 1 93  ? 3.922   7.974   -0.567  1.00 10.75 ? 83   VAL A CG1 1 
ATOM   699  C CG2 . VAL A 1 93  ? 3.615   10.162  0.874   1.00 11.46 ? 83   VAL A CG2 1 
ATOM   700  N N   . PHE A 1 94  ? 5.597   5.791   1.562   1.00 12.00 ? 84   PHE A N   1 
ATOM   701  C CA  . PHE A 1 94  ? 6.480   4.742   1.132   1.00 11.11 ? 84   PHE A CA  1 
ATOM   702  C C   . PHE A 1 94  ? 6.023   4.327   -0.240  1.00 11.43 ? 84   PHE A C   1 
ATOM   703  O O   . PHE A 1 94  ? 4.928   3.803   -0.404  1.00 11.69 ? 84   PHE A O   1 
ATOM   704  C CB  . PHE A 1 94  ? 6.434   3.573   2.088   1.00 11.54 ? 84   PHE A CB  1 
ATOM   705  C CG  . PHE A 1 94  ? 7.468   2.531   1.768   1.00 11.41 ? 84   PHE A CG  1 
ATOM   706  C CD1 . PHE A 1 94  ? 7.088   1.269   1.370   1.00 9.56  ? 84   PHE A CD1 1 
ATOM   707  C CD2 . PHE A 1 94  ? 8.816   2.850   1.837   1.00 14.05 ? 84   PHE A CD2 1 
ATOM   708  C CE1 . PHE A 1 94  ? 8.063   0.301   1.054   1.00 10.99 ? 84   PHE A CE1 1 
ATOM   709  C CE2 . PHE A 1 94  ? 9.813   1.881   1.522   1.00 14.01 ? 84   PHE A CE2 1 
ATOM   710  C CZ  . PHE A 1 94  ? 9.423   0.628   1.141   1.00 12.63 ? 84   PHE A CZ  1 
ATOM   711  N N   . ASN A 1 95  ? 6.886   4.546   -1.225  1.00 12.26 ? 85   ASN A N   1 
ATOM   712  C CA  . ASN A 1 95  ? 6.557   4.277   -2.612  1.00 11.38 ? 85   ASN A CA  1 
ATOM   713  C C   . ASN A 1 95  ? 7.156   2.945   -2.973  1.00 12.39 ? 85   ASN A C   1 
ATOM   714  O O   . ASN A 1 95  ? 8.367   2.815   -2.976  1.00 13.44 ? 85   ASN A O   1 
ATOM   715  C CB  . ASN A 1 95  ? 7.206   5.331   -3.500  1.00 11.85 ? 85   ASN A CB  1 
ATOM   716  C CG  . ASN A 1 95  ? 6.713   6.707   -3.201  1.00 11.42 ? 85   ASN A CG  1 
ATOM   717  O OD1 . ASN A 1 95  ? 5.720   7.138   -3.768  1.00 11.85 ? 85   ASN A OD1 1 
ATOM   718  N ND2 . ASN A 1 95  ? 7.418   7.422   -2.325  1.00 12.37 ? 85   ASN A ND2 1 
ATOM   719  N N   . VAL A 1 96  ? 6.317   1.996   -3.336  1.00 12.35 ? 86   VAL A N   1 
ATOM   720  C CA  . VAL A 1 96  ? 6.783   0.644   -3.548  1.00 13.09 ? 86   VAL A CA  1 
ATOM   721  C C   . VAL A 1 96  ? 6.300   0.169   -4.901  1.00 12.70 ? 86   VAL A C   1 
ATOM   722  O O   . VAL A 1 96  ? 5.177   0.440   -5.273  1.00 12.36 ? 86   VAL A O   1 
ATOM   723  C CB  . VAL A 1 96  ? 6.310   -0.296  -2.415  1.00 13.43 ? 86   VAL A CB  1 
ATOM   724  C CG1 . VAL A 1 96  ? 4.812   -0.592  -2.480  1.00 14.41 ? 86   VAL A CG1 1 
ATOM   725  C CG2 . VAL A 1 96  ? 7.131   -1.631  -2.440  1.00 13.77 ? 86   VAL A CG2 1 
ATOM   726  N N   . VAL A 1 97  ? 7.137   -0.569  -5.611  1.00 13.05 ? 87   VAL A N   1 
ATOM   727  C CA  . VAL A 1 97  ? 6.784   -0.990  -6.940  1.00 12.80 ? 87   VAL A CA  1 
ATOM   728  C C   . VAL A 1 97  ? 6.436   -2.460  -6.893  1.00 12.95 ? 87   VAL A C   1 
ATOM   729  O O   . VAL A 1 97  ? 7.333   -3.303  -6.663  1.00 13.20 ? 87   VAL A O   1 
ATOM   730  C CB  . VAL A 1 97  ? 7.943   -0.712  -7.972  1.00 13.61 ? 87   VAL A CB  1 
ATOM   731  C CG1 . VAL A 1 97  ? 7.492   -1.058  -9.384  1.00 13.29 ? 87   VAL A CG1 1 
ATOM   732  C CG2 . VAL A 1 97  ? 8.331   0.782   -7.922  1.00 13.07 ? 87   VAL A CG2 1 
ATOM   733  N N   . GLY A 1 98  ? 5.158   -2.756  -7.140  1.00 12.50 ? 88   GLY A N   1 
ATOM   734  C CA  . GLY A 1 98  ? 4.696   -4.141  -7.327  1.00 13.08 ? 88   GLY A CA  1 
ATOM   735  C C   . GLY A 1 98  ? 5.039   -4.572  -8.737  1.00 12.79 ? 88   GLY A C   1 
ATOM   736  O O   . GLY A 1 98  ? 5.213   -3.738  -9.594  1.00 13.03 ? 88   GLY A O   1 
ATOM   737  N N   . PRO A 1 99  ? 5.140   -5.896  -8.989  1.00 13.46 ? 89   PRO A N   1 
ATOM   738  C CA  . PRO A 1 99  ? 5.372   -6.332  -10.355 1.00 14.06 ? 89   PRO A CA  1 
ATOM   739  C C   . PRO A 1 99  ? 4.141   -6.258  -11.237 1.00 14.35 ? 89   PRO A C   1 
ATOM   740  O O   . PRO A 1 99  ? 3.016   -6.222  -10.762 1.00 13.98 ? 89   PRO A O   1 
ATOM   741  C CB  . PRO A 1 99  ? 5.739   -7.820  -10.184 1.00 13.49 ? 89   PRO A CB  1 
ATOM   742  C CG  . PRO A 1 99  ? 4.917   -8.242  -9.014  1.00 13.04 ? 89   PRO A CG  1 
ATOM   743  C CD  . PRO A 1 99  ? 5.118   -7.044  -8.057  1.00 13.78 ? 89   PRO A CD  1 
ATOM   744  N N   . ARG A 1 100 ? 4.365   -6.263  -12.539 1.00 15.33 ? 90   ARG A N   1 
ATOM   745  C CA  . ARG A 1 100 ? 3.263   -6.530  -13.441 1.00 17.11 ? 90   ARG A CA  1 
ATOM   746  C C   . ARG A 1 100 ? 3.098   -8.044  -13.481 1.00 17.36 ? 90   ARG A C   1 
ATOM   747  O O   . ARG A 1 100 ? 4.069   -8.803  -13.244 1.00 16.38 ? 90   ARG A O   1 
ATOM   748  C CB  . ARG A 1 100 ? 3.587   -5.985  -14.828 1.00 17.60 ? 90   ARG A CB  1 
ATOM   749  C CG  . ARG A 1 100 ? 3.583   -4.462  -14.861 1.00 22.56 ? 90   ARG A CG  1 
ATOM   750  C CD  . ARG A 1 100 ? 4.310   -3.892  -16.065 1.00 31.68 ? 90   ARG A CD  1 
ATOM   751  N NE  . ARG A 1 100 ? 4.468   -2.435  -15.937 1.00 36.84 ? 90   ARG A NE  1 
ATOM   752  C CZ  . ARG A 1 100 ? 5.514   -1.826  -15.372 1.00 39.48 ? 90   ARG A CZ  1 
ATOM   753  N NH1 . ARG A 1 100 ? 6.526   -2.543  -14.877 1.00 39.20 ? 90   ARG A NH1 1 
ATOM   754  N NH2 . ARG A 1 100 ? 5.547   -0.493  -15.294 1.00 40.32 ? 90   ARG A NH2 1 
ATOM   755  N N   . THR A 1 101 ? 1.901   -8.488  -13.820 1.00 17.33 ? 91   THR A N   1 
ATOM   756  C CA  . THR A 1 101 ? 1.627   -9.915  -13.798 1.00 18.03 ? 91   THR A CA  1 
ATOM   757  C C   . THR A 1 101 ? 2.568   -10.653 -14.772 1.00 18.87 ? 91   THR A C   1 
ATOM   758  O O   . THR A 1 101 ? 2.902   -10.143 -15.866 1.00 18.57 ? 91   THR A O   1 
ATOM   759  C CB  . THR A 1 101 ? 0.142   -10.244 -14.048 1.00 17.80 ? 91   THR A CB  1 
ATOM   760  O OG1 . THR A 1 101 ? -0.094  -11.662 -13.868 1.00 16.76 ? 91   THR A OG1 1 
ATOM   761  C CG2 . THR A 1 101 ? -0.353  -9.740  -15.439 1.00 19.33 ? 91   THR A CG2 1 
ATOM   762  N N   . GLY A 1 102 ? 3.032   -11.818 -14.345 1.00 19.41 ? 92   GLY A N   1 
ATOM   763  C CA  . GLY A 1 102 ? 3.828   -12.675 -15.230 1.00 20.10 ? 92   GLY A CA  1 
ATOM   764  C C   . GLY A 1 102 ? 4.892   -13.354 -14.401 1.00 20.12 ? 92   GLY A C   1 
ATOM   765  O O   . GLY A 1 102 ? 4.704   -13.562 -13.190 1.00 19.25 ? 92   GLY A O   1 
ATOM   766  N N   . LYS A 1 103 ? 6.010   -13.649 -15.051 1.00 20.28 ? 93   LYS A N   1 
ATOM   767  C CA  . LYS A 1 103 ? 7.121   -14.367 -14.420 1.00 22.40 ? 93   LYS A CA  1 
ATOM   768  C C   . LYS A 1 103 ? 7.526   -13.600 -13.181 1.00 21.15 ? 93   LYS A C   1 
ATOM   769  O O   . LYS A 1 103 ? 7.592   -12.346 -13.185 1.00 21.46 ? 93   LYS A O   1 
ATOM   770  C CB  . LYS A 1 103 ? 8.316   -14.512 -15.386 1.00 23.15 ? 93   LYS A CB  1 
ATOM   771  C CG  . LYS A 1 103 ? 9.428   -15.448 -14.869 1.00 25.74 ? 93   LYS A CG  1 
ATOM   772  C CD  . LYS A 1 103 ? 10.278  -16.084 -15.977 1.00 26.43 ? 93   LYS A CD  1 
ATOM   773  C CE  . LYS A 1 103 ? 11.443  -16.944 -15.405 1.00 29.96 ? 93   LYS A CE  1 
ATOM   774  N NZ  . LYS A 1 103 ? 11.089  -18.016 -14.369 1.00 34.62 ? 93   LYS A NZ  1 
ATOM   775  N N   . HIS A 1 104 ? 7.755   -14.353 -12.116 1.00 19.58 ? 94   HIS A N   1 
ATOM   776  C CA  . HIS A 1 104 ? 8.300   -13.830 -10.885 1.00 18.73 ? 94   HIS A CA  1 
ATOM   777  C C   . HIS A 1 104 ? 7.356   -12.921 -10.140 1.00 17.93 ? 94   HIS A C   1 
ATOM   778  O O   . HIS A 1 104 ? 7.783   -12.298 -9.191  1.00 17.94 ? 94   HIS A O   1 
ATOM   779  C CB  . HIS A 1 104 ? 9.641   -13.100 -11.078 1.00 19.82 ? 94   HIS A CB  1 
ATOM   780  C CG  . HIS A 1 104 ? 10.663  -13.879 -11.852 1.00 21.40 ? 94   HIS A CG  1 
ATOM   781  N ND1 . HIS A 1 104 ? 11.074  -15.147 -11.492 1.00 24.65 ? 94   HIS A ND1 1 
ATOM   782  C CD2 . HIS A 1 104 ? 11.380  -13.547 -12.954 1.00 24.81 ? 94   HIS A CD2 1 
ATOM   783  C CE1 . HIS A 1 104 ? 11.987  -15.571 -12.352 1.00 26.52 ? 94   HIS A CE1 1 
ATOM   784  N NE2 . HIS A 1 104 ? 12.195  -14.614 -13.247 1.00 25.18 ? 94   HIS A NE2 1 
ATOM   785  N N   . GLU A 1 105 ? 6.081   -12.848 -10.522 1.00 16.32 ? 95   GLU A N   1 
ATOM   786  C CA  . GLU A 1 105 ? 5.213   -11.929 -9.809  1.00 15.67 ? 95   GLU A CA  1 
ATOM   787  C C   . GLU A 1 105 ? 5.127   -12.261 -8.314  1.00 15.95 ? 95   GLU A C   1 
ATOM   788  O O   . GLU A 1 105 ? 5.008   -11.365 -7.492  1.00 15.93 ? 95   GLU A O   1 
ATOM   789  C CB  . GLU A 1 105 ? 3.835   -11.867 -10.437 1.00 16.40 ? 95   GLU A CB  1 
ATOM   790  C CG  . GLU A 1 105 ? 2.944   -13.022 -10.086 1.00 15.46 ? 95   GLU A CG  1 
ATOM   791  C CD  . GLU A 1 105 ? 1.580   -12.900 -10.729 1.00 14.28 ? 95   GLU A CD  1 
ATOM   792  O OE1 . GLU A 1 105 ? 1.487   -12.397 -11.874 1.00 16.18 ? 95   GLU A OE1 1 
ATOM   793  O OE2 . GLU A 1 105 ? 0.604   -13.312 -10.082 1.00 14.13 ? 95   GLU A OE2 1 
ATOM   794  N N   . HIS A 1 106 ? 5.154   -13.535 -7.940  1.00 14.61 ? 96   HIS A N   1 
ATOM   795  C CA  . HIS A 1 106 ? 4.968   -13.835 -6.532  1.00 14.77 ? 96   HIS A CA  1 
ATOM   796  C C   . HIS A 1 106 ? 6.192   -13.333 -5.747  1.00 14.35 ? 96   HIS A C   1 
ATOM   797  O O   . HIS A 1 106 ? 6.026   -12.651 -4.750  1.00 14.48 ? 96   HIS A O   1 
ATOM   798  C CB  . HIS A 1 106 ? 4.744   -15.319 -6.252  1.00 13.44 ? 96   HIS A CB  1 
ATOM   799  C CG  . HIS A 1 106 ? 4.783   -15.647 -4.799  1.00 10.88 ? 96   HIS A CG  1 
ATOM   800  N ND1 . HIS A 1 106 ? 3.701   -15.451 -3.966  1.00 10.55 ? 96   HIS A ND1 1 
ATOM   801  C CD2 . HIS A 1 106 ? 5.782   -16.129 -4.021  1.00 10.13 ? 96   HIS A CD2 1 
ATOM   802  C CE1 . HIS A 1 106 ? 4.030   -15.817 -2.736  1.00 11.30 ? 96   HIS A CE1 1 
ATOM   803  N NE2 . HIS A 1 106 ? 5.291   -16.212 -2.743  1.00 12.42 ? 96   HIS A NE2 1 
ATOM   804  N N   . SER A 1 107 ? 7.400   -13.701 -6.184  1.00 14.41 ? 97   SER A N   1 
ATOM   805  C CA  . SER A 1 107 ? 8.606   -13.340 -5.420  1.00 14.70 ? 97   SER A CA  1 
ATOM   806  C C   . SER A 1 107 ? 8.784   -11.825 -5.405  1.00 14.13 ? 97   SER A C   1 
ATOM   807  O O   . SER A 1 107 ? 9.195   -11.238 -4.409  1.00 13.38 ? 97   SER A O   1 
ATOM   808  C CB  . SER A 1 107 ? 9.848   -14.019 -5.997  1.00 14.60 ? 97   SER A CB  1 
ATOM   809  O OG  . SER A 1 107 ? 9.980   -13.716 -7.355  1.00 18.98 ? 97   SER A OG  1 
ATOM   810  N N   . LEU A 1 108 ? 8.407   -11.186 -6.493  1.00 13.61 ? 98   LEU A N   1 
ATOM   811  C CA  . LEU A 1 108 ? 8.523   -9.736  -6.549  1.00 13.25 ? 98   LEU A CA  1 
ATOM   812  C C   . LEU A 1 108 ? 7.515   -9.032  -5.662  1.00 13.15 ? 98   LEU A C   1 
ATOM   813  O O   . LEU A 1 108 ? 7.837   -7.989  -5.056  1.00 13.96 ? 98   LEU A O   1 
ATOM   814  C CB  . LEU A 1 108 ? 8.418   -9.269  -8.003  1.00 13.44 ? 98   LEU A CB  1 
ATOM   815  C CG  . LEU A 1 108 ? 9.590   -9.708  -8.893  1.00 13.16 ? 98   LEU A CG  1 
ATOM   816  C CD1 . LEU A 1 108 ? 9.258   -9.397  -10.356 1.00 18.16 ? 98   LEU A CD1 1 
ATOM   817  C CD2 . LEU A 1 108 ? 10.923  -9.058  -8.477  1.00 16.78 ? 98   LEU A CD2 1 
ATOM   818  N N   . LEU A 1 109 ? 6.299   -9.563  -5.593  1.00 12.37 ? 99   LEU A N   1 
ATOM   819  C CA  . LEU A 1 109 ? 5.289   -9.036  -4.645  1.00 12.92 ? 99   LEU A CA  1 
ATOM   820  C C   . LEU A 1 109 ? 5.756   -9.278  -3.213  1.00 12.01 ? 99   LEU A C   1 
ATOM   821  O O   . LEU A 1 109 ? 5.637   -8.407  -2.366  1.00 12.47 ? 99   LEU A O   1 
ATOM   822  C CB  . LEU A 1 109 ? 3.944   -9.713  -4.825  1.00 13.69 ? 99   LEU A CB  1 
ATOM   823  C CG  . LEU A 1 109 ? 3.119   -9.208  -6.031  1.00 12.80 ? 99   LEU A CG  1 
ATOM   824  C CD1 . LEU A 1 109 ? 2.065   -10.246 -6.377  1.00 12.21 ? 99   LEU A CD1 1 
ATOM   825  C CD2 . LEU A 1 109 ? 2.465   -7.882  -5.560  1.00 10.56 ? 99   LEU A CD2 1 
ATOM   826  N N   . VAL A 1 110 ? 6.287   -10.462 -2.958  1.00 11.58 ? 100  VAL A N   1 
ATOM   827  C CA  . VAL A 1 110 ? 6.880   -10.741 -1.632  1.00 12.71 ? 100  VAL A CA  1 
ATOM   828  C C   . VAL A 1 110 ? 8.005   -9.752  -1.314  1.00 12.86 ? 100  VAL A C   1 
ATOM   829  O O   . VAL A 1 110 ? 8.049   -9.233  -0.190  1.00 14.56 ? 100  VAL A O   1 
ATOM   830  C CB  . VAL A 1 110 ? 7.313   -12.220 -1.488  1.00 12.89 ? 100  VAL A CB  1 
ATOM   831  C CG1 . VAL A 1 110 ? 8.153   -12.424 -0.192  1.00 13.18 ? 100  VAL A CG1 1 
ATOM   832  C CG2 . VAL A 1 110 ? 6.057   -13.099 -1.438  1.00 12.77 ? 100  VAL A CG2 1 
ATOM   833  N N   . GLU A 1 111 ? 8.894   -9.458  -2.266  1.00 12.33 ? 101  GLU A N   1 
ATOM   834  C CA  A GLU A 1 111 ? 9.913   -8.437  -1.996  0.50 12.15 ? 101  GLU A CA  1 
ATOM   835  C CA  B GLU A 1 111 ? 9.915   -8.446  -2.011  0.50 12.38 ? 101  GLU A CA  1 
ATOM   836  C C   . GLU A 1 111 ? 9.260   -7.096  -1.683  1.00 12.08 ? 101  GLU A C   1 
ATOM   837  O O   . GLU A 1 111 ? 9.698   -6.412  -0.790  1.00 11.31 ? 101  GLU A O   1 
ATOM   838  C CB  A GLU A 1 111 ? 10.894  -8.254  -3.132  0.50 12.07 ? 101  GLU A CB  1 
ATOM   839  C CB  B GLU A 1 111 ? 10.903  -8.324  -3.162  0.50 12.47 ? 101  GLU A CB  1 
ATOM   840  C CG  A GLU A 1 111 ? 11.875  -9.386  -3.331  0.50 12.98 ? 101  GLU A CG  1 
ATOM   841  C CG  B GLU A 1 111 ? 12.040  -7.360  -2.902  0.50 14.46 ? 101  GLU A CG  1 
ATOM   842  C CD  A GLU A 1 111 ? 12.456  -9.363  -4.726  0.50 17.55 ? 101  GLU A CD  1 
ATOM   843  C CD  B GLU A 1 111 ? 13.224  -7.541  -3.833  0.50 18.39 ? 101  GLU A CD  1 
ATOM   844  O OE1 A GLU A 1 111 ? 12.391  -8.277  -5.343  0.50 16.67 ? 101  GLU A OE1 1 
ATOM   845  O OE1 B GLU A 1 111 ? 13.309  -8.597  -4.497  0.50 17.23 ? 101  GLU A OE1 1 
ATOM   846  O OE2 A GLU A 1 111 ? 12.953  -10.420 -5.209  0.50 18.01 ? 101  GLU A OE2 1 
ATOM   847  O OE2 B GLU A 1 111 ? 14.084  -6.622  -3.886  0.50 18.98 ? 101  GLU A OE2 1 
ATOM   848  N N   . ALA A 1 112 ? 8.216   -6.725  -2.441  1.00 10.77 ? 102  ALA A N   1 
ATOM   849  C CA  . ALA A 1 112 ? 7.557   -5.425  -2.221  1.00 10.75 ? 102  ALA A CA  1 
ATOM   850  C C   . ALA A 1 112 ? 6.885   -5.364  -0.867  1.00 10.84 ? 102  ALA A C   1 
ATOM   851  O O   . ALA A 1 112 ? 7.009   -4.376  -0.158  1.00 11.11 ? 102  ALA A O   1 
ATOM   852  C CB  . ALA A 1 112 ? 6.539   -5.164  -3.307  1.00 9.86  ? 102  ALA A CB  1 
ATOM   853  N N   . TYR A 1 113 ? 6.169   -6.421  -0.504  1.00 10.64 ? 103  TYR A N   1 
ATOM   854  C CA  . TYR A 1 113 ? 5.478   -6.436  0.792   1.00 10.93 ? 103  TYR A CA  1 
ATOM   855  C C   . TYR A 1 113 ? 6.486   -6.446  1.925   1.00 11.84 ? 103  TYR A C   1 
ATOM   856  O O   . TYR A 1 113 ? 6.327   -5.751  2.909   1.00 12.15 ? 103  TYR A O   1 
ATOM   857  C CB  . TYR A 1 113 ? 4.547   -7.616  0.856   1.00 10.20 ? 103  TYR A CB  1 
ATOM   858  C CG  . TYR A 1 113 ? 3.253   -7.396  0.087   1.00 11.17 ? 103  TYR A CG  1 
ATOM   859  C CD1 . TYR A 1 113 ? 2.443   -6.289  0.345   1.00 12.17 ? 103  TYR A CD1 1 
ATOM   860  C CD2 . TYR A 1 113 ? 2.844   -8.303  -0.870  1.00 11.32 ? 103  TYR A CD2 1 
ATOM   861  C CE1 . TYR A 1 113 ? 1.265   -6.097  -0.343  1.00 13.64 ? 103  TYR A CE1 1 
ATOM   862  C CE2 . TYR A 1 113 ? 1.635   -8.140  -1.550  1.00 11.96 ? 103  TYR A CE2 1 
ATOM   863  C CZ  . TYR A 1 113 ? 0.865   -7.030  -1.292  1.00 12.40 ? 103  TYR A CZ  1 
ATOM   864  O OH  . TYR A 1 113 ? -0.338  -6.880  -1.956  1.00 11.99 ? 103  TYR A OH  1 
ATOM   865  N N   . ASN A 1 114 ? 7.562   -7.193  1.749   1.00 12.95 ? 104  ASN A N   1 
ATOM   866  C CA  . ASN A 1 114 ? 8.660   -7.162  2.745   1.00 13.67 ? 104  ASN A CA  1 
ATOM   867  C C   . ASN A 1 114 ? 9.269   -5.748  2.907   1.00 12.46 ? 104  ASN A C   1 
ATOM   868  O O   . ASN A 1 114 ? 9.588   -5.346  4.006   1.00 14.32 ? 104  ASN A O   1 
ATOM   869  C CB  . ASN A 1 114 ? 9.726   -8.183  2.367   1.00 14.63 ? 104  ASN A CB  1 
ATOM   870  C CG  . ASN A 1 114 ? 9.430   -9.555  2.960   1.00 19.25 ? 104  ASN A CG  1 
ATOM   871  O OD1 . ASN A 1 114 ? 9.335   -9.703  4.178   1.00 24.29 ? 104  ASN A OD1 1 
ATOM   872  N ND2 . ASN A 1 114 ? 9.298   -10.547 2.116   1.00 22.18 ? 104  ASN A ND2 1 
ATOM   873  N N   . SER A 1 115 ? 9.413   -5.002  1.820   1.00 12.34 ? 105  SER A N   1 
ATOM   874  C CA  A SER A 1 115 ? 9.941   -3.641  1.911   0.50 11.13 ? 105  SER A CA  1 
ATOM   875  C CA  B SER A 1 115 ? 9.916   -3.627  1.880   0.50 11.35 ? 105  SER A CA  1 
ATOM   876  C C   . SER A 1 115 ? 9.016   -2.768  2.744   1.00 11.29 ? 105  SER A C   1 
ATOM   877  O O   . SER A 1 115 ? 9.482   -1.928  3.513   1.00 11.43 ? 105  SER A O   1 
ATOM   878  C CB  A SER A 1 115 ? 10.158  -3.035  0.525   0.50 11.82 ? 105  SER A CB  1 
ATOM   879  C CB  B SER A 1 115 ? 9.995   -3.030  0.478   0.50 11.95 ? 105  SER A CB  1 
ATOM   880  O OG  A SER A 1 115 ? 8.947   -2.574  -0.029  0.50 9.49  ? 105  SER A OG  1 
ATOM   881  O OG  B SER A 1 115 ? 10.958  -3.720  -0.296  0.50 11.17 ? 105  SER A OG  1 
ATOM   882  N N   . ILE A 1 116 ? 7.708   -2.971  2.610   1.00 10.98 ? 106  ILE A N   1 
ATOM   883  C CA  . ILE A 1 116 ? 6.750   -2.234  3.444   1.00 10.67 ? 106  ILE A CA  1 
ATOM   884  C C   . ILE A 1 116 ? 6.940   -2.614  4.890   1.00 11.75 ? 106  ILE A C   1 
ATOM   885  O O   . ILE A 1 116 ? 6.968   -1.742  5.761   1.00 12.52 ? 106  ILE A O   1 
ATOM   886  C CB  . ILE A 1 116 ? 5.305   -2.538  3.074   1.00 10.28 ? 106  ILE A CB  1 
ATOM   887  C CG1 . ILE A 1 116 ? 4.981   -1.947  1.699   1.00 10.11 ? 106  ILE A CG1 1 
ATOM   888  C CG2 . ILE A 1 116 ? 4.332   -1.975  4.180   1.00 9.12  ? 106  ILE A CG2 1 
ATOM   889  C CD1 . ILE A 1 116 ? 3.687   -2.565  1.045   1.00 10.36 ? 106  ILE A CD1 1 
ATOM   890  N N   . LEU A 1 117 ? 7.111   -3.914  5.130   1.00 12.63 ? 107  LEU A N   1 
ATOM   891  C CA  . LEU A 1 117 ? 7.234   -4.448  6.479   1.00 12.53 ? 107  LEU A CA  1 
ATOM   892  C C   . LEU A 1 117 ? 8.553   -3.988  7.118   1.00 13.47 ? 107  LEU A C   1 
ATOM   893  O O   . LEU A 1 117 ? 8.587   -3.721  8.313   1.00 13.31 ? 107  LEU A O   1 
ATOM   894  C CB  . LEU A 1 117 ? 7.151   -5.977  6.452   1.00 12.90 ? 107  LEU A CB  1 
ATOM   895  C CG  . LEU A 1 117 ? 5.779   -6.615  6.093   1.00 12.20 ? 107  LEU A CG  1 
ATOM   896  C CD1 . LEU A 1 117 ? 5.921   -8.114  5.940   1.00 14.78 ? 107  LEU A CD1 1 
ATOM   897  C CD2 . LEU A 1 117 ? 4.775   -6.237  7.163   1.00 14.48 ? 107  LEU A CD2 1 
ATOM   898  N N   . PHE A 1 118 ? 9.607   -3.871  6.308   1.00 12.79 ? 108  PHE A N   1 
ATOM   899  C CA  . PHE A 1 118 ? 10.890  -3.330  6.769   1.00 14.37 ? 108  PHE A CA  1 
ATOM   900  C C   . PHE A 1 118 ? 10.895  -1.835  7.099   1.00 15.88 ? 108  PHE A C   1 
ATOM   901  O O   . PHE A 1 118 ? 11.807  -1.382  7.798   1.00 17.00 ? 108  PHE A O   1 
ATOM   902  C CB  . PHE A 1 118 ? 12.027  -3.621  5.793   1.00 14.12 ? 108  PHE A CB  1 
ATOM   903  C CG  . PHE A 1 118 ? 12.493  -5.044  5.767   1.00 16.23 ? 108  PHE A CG  1 
ATOM   904  C CD1 . PHE A 1 118 ? 12.899  -5.706  6.934   1.00 20.11 ? 108  PHE A CD1 1 
ATOM   905  C CD2 . PHE A 1 118 ? 12.621  -5.706  4.550   1.00 17.60 ? 108  PHE A CD2 1 
ATOM   906  C CE1 . PHE A 1 118 ? 13.360  -7.015  6.889   1.00 18.51 ? 108  PHE A CE1 1 
ATOM   907  C CE2 . PHE A 1 118 ? 13.087  -7.027  4.491   1.00 18.74 ? 108  PHE A CE2 1 
ATOM   908  C CZ  . PHE A 1 118 ? 13.472  -7.673  5.656   1.00 17.84 ? 108  PHE A CZ  1 
ATOM   909  N N   . GLU A 1 119 ? 9.912   -1.052  6.625   1.00 15.20 ? 109  GLU A N   1 
ATOM   910  C CA  . GLU A 1 119 ? 9.782   0.325   7.115   1.00 16.57 ? 109  GLU A CA  1 
ATOM   911  C C   . GLU A 1 119 ? 9.258   0.351   8.511   1.00 18.04 ? 109  GLU A C   1 
ATOM   912  O O   . GLU A 1 119 ? 8.576   -0.550  8.936   1.00 17.73 ? 109  GLU A O   1 
ATOM   913  C CB  . GLU A 1 119 ? 8.844   1.168   6.237   1.00 15.97 ? 109  GLU A CB  1 
ATOM   914  C CG  . GLU A 1 119 ? 9.403   1.414   4.865   1.00 16.43 ? 109  GLU A CG  1 
ATOM   915  C CD  . GLU A 1 119 ? 10.759  2.117   4.890   1.00 19.00 ? 109  GLU A CD  1 
ATOM   916  O OE1 . GLU A 1 119 ? 11.713  1.558   4.335   1.00 19.60 ? 109  GLU A OE1 1 
ATOM   917  O OE2 . GLU A 1 119 ? 10.881  3.200   5.488   1.00 20.24 ? 109  GLU A OE2 1 
ATOM   918  N N   . ASN A 1 120 ? 9.551   1.416   9.232   1.00 19.99 ? 110  ASN A N   1 
ATOM   919  C CA  . ASN A 1 120 ? 9.052   1.527   10.585  1.00 21.47 ? 110  ASN A CA  1 
ATOM   920  C C   . ASN A 1 120 ? 7.641   1.978   10.650  1.00 20.06 ? 110  ASN A C   1 
ATOM   921  O O   . ASN A 1 120 ? 7.262   2.946   10.024  1.00 21.38 ? 110  ASN A O   1 
ATOM   922  C CB  . ASN A 1 120 ? 9.879   2.502   11.378  1.00 22.97 ? 110  ASN A CB  1 
ATOM   923  C CG  . ASN A 1 120 ? 11.014  1.841   12.019  1.00 26.09 ? 110  ASN A CG  1 
ATOM   924  O OD1 . ASN A 1 120 ? 10.830  0.927   12.845  1.00 33.10 ? 110  ASN A OD1 1 
ATOM   925  N ND2 . ASN A 1 120 ? 12.209  2.252   11.645  1.00 31.68 ? 110  ASN A ND2 1 
ATOM   926  N N   . GLY A 1 121 ? 6.876   1.261   11.455  1.00 19.74 ? 111  GLY A N   1 
ATOM   927  C CA  . GLY A 1 121 ? 5.541   1.625   11.761  1.00 17.67 ? 111  GLY A CA  1 
ATOM   928  C C   . GLY A 1 121 ? 4.479   1.019   10.881  1.00 16.68 ? 111  GLY A C   1 
ATOM   929  O O   . GLY A 1 121 ? 4.726   0.120   10.059  1.00 15.30 ? 111  GLY A O   1 
ATOM   930  N N   . ILE A 1 122 ? 3.283   1.518   11.116  1.00 15.87 ? 112  ILE A N   1 
ATOM   931  C CA  . ILE A 1 122 ? 2.060   0.914   10.624  1.00 16.60 ? 112  ILE A CA  1 
ATOM   932  C C   . ILE A 1 122 ? 1.756   1.562   9.295   1.00 15.49 ? 112  ILE A C   1 
ATOM   933  O O   . ILE A 1 122 ? 1.608   2.785   9.229   1.00 16.12 ? 112  ILE A O   1 
ATOM   934  C CB  . ILE A 1 122 ? 0.896   1.174   11.612  1.00 15.68 ? 112  ILE A CB  1 
ATOM   935  C CG1 . ILE A 1 122 ? 1.177   0.487   12.956  1.00 18.87 ? 112  ILE A CG1 1 
ATOM   936  C CG2 . ILE A 1 122 ? -0.448  0.713   11.024  1.00 15.96 ? 112  ILE A CG2 1 
ATOM   937  C CD1 . ILE A 1 122 ? 0.113   0.798   14.043  1.00 18.57 ? 112  ILE A CD1 1 
ATOM   938  N N   . PRO A 1 123 ? 1.671   0.756   8.231   1.00 15.94 ? 113  PRO A N   1 
ATOM   939  C CA  . PRO A 1 123 ? 1.257   1.338   6.954   1.00 15.25 ? 113  PRO A CA  1 
ATOM   940  C C   . PRO A 1 123 ? -0.249  1.402   6.774   1.00 14.51 ? 113  PRO A C   1 
ATOM   941  O O   . PRO A 1 123 ? -0.977  0.560   7.281   1.00 14.07 ? 113  PRO A O   1 
ATOM   942  C CB  . PRO A 1 123 ? 1.833   0.354   5.925   1.00 15.02 ? 113  PRO A CB  1 
ATOM   943  C CG  . PRO A 1 123 ? 1.712   -0.976  6.636   1.00 14.83 ? 113  PRO A CG  1 
ATOM   944  C CD  . PRO A 1 123 ? 1.981   -0.688  8.102   1.00 16.13 ? 113  PRO A CD  1 
ATOM   945  N N   . LEU A 1 124 ? -0.687  2.413   6.026   1.00 13.93 ? 114  LEU A N   1 
ATOM   946  C CA  . LEU A 1 124 ? -2.002  2.451   5.425   1.00 13.63 ? 114  LEU A CA  1 
ATOM   947  C C   . LEU A 1 124 ? -1.696  2.202   3.948   1.00 13.38 ? 114  LEU A C   1 
ATOM   948  O O   . LEU A 1 124 ? -1.029  3.001   3.292   1.00 13.38 ? 114  LEU A O   1 
ATOM   949  C CB  . LEU A 1 124 ? -2.655  3.820   5.619   1.00 13.89 ? 114  LEU A CB  1 
ATOM   950  C CG  . LEU A 1 124 ? -4.015  4.038   4.910   1.00 15.00 ? 114  LEU A CG  1 
ATOM   951  C CD1 . LEU A 1 124 ? -5.023  2.906   5.191   1.00 12.51 ? 114  LEU A CD1 1 
ATOM   952  C CD2 . LEU A 1 124 ? -4.593  5.393   5.278   1.00 15.46 ? 114  LEU A CD2 1 
ATOM   953  N N   . MET A 1 125 ? -2.137  1.070   3.445   1.00 13.16 ? 115  MET A N   1 
ATOM   954  C CA  . MET A 1 125 ? -1.617  0.574   2.198   1.00 12.90 ? 115  MET A CA  1 
ATOM   955  C C   . MET A 1 125 ? -2.676  -0.082  1.361   1.00 12.76 ? 115  MET A C   1 
ATOM   956  O O   . MET A 1 125 ? -3.570  -0.715  1.892   1.00 13.42 ? 115  MET A O   1 
ATOM   957  C CB  . MET A 1 125 ? -0.540  -0.472  2.467   1.00 12.79 ? 115  MET A CB  1 
ATOM   958  C CG  . MET A 1 125 ? -0.943  -1.557  3.482   1.00 13.46 ? 115  MET A CG  1 
ATOM   959  S SD  . MET A 1 125 ? 0.359   -2.782  3.697   1.00 13.56 ? 115  MET A SD  1 
ATOM   960  C CE  . MET A 1 125 ? 0.196   -3.772  2.211   1.00 11.09 ? 115  MET A CE  1 
ATOM   961  N N   . PRO A 1 126 ? -2.528  0.000   0.038   1.00 13.31 ? 116  PRO A N   1 
ATOM   962  C CA  . PRO A 1 126 ? -3.368  -0.805  -0.819  1.00 13.26 ? 116  PRO A CA  1 
ATOM   963  C C   . PRO A 1 126 ? -2.729  -2.173  -0.954  1.00 14.31 ? 116  PRO A C   1 
ATOM   964  O O   . PRO A 1 126 ? -1.572  -2.390  -0.519  1.00 14.52 ? 116  PRO A O   1 
ATOM   965  C CB  . PRO A 1 126 ? -3.272  -0.074  -2.169  1.00 12.80 ? 116  PRO A CB  1 
ATOM   966  C CG  . PRO A 1 126 ? -1.829  0.403   -2.202  1.00 12.97 ? 116  PRO A CG  1 
ATOM   967  C CD  . PRO A 1 126 ? -1.535  0.786   -0.739  1.00 12.49 ? 116  PRO A CD  1 
ATOM   968  N N   . LEU A 1 127 ? -3.475  -3.112  -1.526  1.00 13.91 ? 117  LEU A N   1 
ATOM   969  C CA  . LEU A 1 127 ? -2.842  -4.316  -2.030  1.00 14.84 ? 117  LEU A CA  1 
ATOM   970  C C   . LEU A 1 127 ? -2.074  -3.942  -3.276  1.00 15.08 ? 117  LEU A C   1 
ATOM   971  O O   . LEU A 1 127 ? -2.483  -3.049  -4.031  1.00 15.34 ? 117  LEU A O   1 
ATOM   972  C CB  . LEU A 1 127 ? -3.889  -5.403  -2.348  1.00 14.20 ? 117  LEU A CB  1 
ATOM   973  C CG  . LEU A 1 127 ? -4.584  -5.955  -1.098  1.00 15.18 ? 117  LEU A CG  1 
ATOM   974  C CD1 . LEU A 1 127 ? -5.733  -6.912  -1.522  1.00 12.71 ? 117  LEU A CD1 1 
ATOM   975  C CD2 . LEU A 1 127 ? -3.544  -6.673  -0.160  1.00 16.33 ? 117  LEU A CD2 1 
ATOM   976  N N   . LEU A 1 128 ? -0.982  -4.647  -3.539  1.00 13.78 ? 118  LEU A N   1 
ATOM   977  C CA  . LEU A 1 128 ? -0.143  -4.263  -4.685  1.00 13.01 ? 118  LEU A CA  1 
ATOM   978  C C   . LEU A 1 128 ? -0.474  -4.984  -5.989  1.00 13.85 ? 118  LEU A C   1 
ATOM   979  O O   . LEU A 1 128 ? -0.928  -6.127  -5.978  1.00 13.95 ? 118  LEU A O   1 
ATOM   980  C CB  . LEU A 1 128 ? 1.330   -4.499  -4.325  1.00 10.99 ? 118  LEU A CB  1 
ATOM   981  C CG  . LEU A 1 128 ? 1.892   -3.695  -3.169  1.00 11.84 ? 118  LEU A CG  1 
ATOM   982  C CD1 . LEU A 1 128 ? 3.339   -4.143  -2.872  1.00 14.01 ? 118  LEU A CD1 1 
ATOM   983  C CD2 . LEU A 1 128 ? 1.847   -2.228  -3.496  1.00 12.26 ? 118  LEU A CD2 1 
ATOM   984  N N   . SER A 1 129 ? -0.256  -4.309  -7.108  1.00 14.89 ? 119  SER A N   1 
ATOM   985  C CA  . SER A 1 129 ? -0.249  -4.935  -8.430  1.00 17.18 ? 119  SER A CA  1 
ATOM   986  C C   . SER A 1 129 ? -1.634  -5.320  -8.979  1.00 18.30 ? 119  SER A C   1 
ATOM   987  O O   . SER A 1 129 ? -1.721  -5.845  -10.072 1.00 18.31 ? 119  SER A O   1 
ATOM   988  C CB  . SER A 1 129 ? 0.698   -6.148  -8.472  1.00 16.47 ? 119  SER A CB  1 
ATOM   989  O OG  . SER A 1 129 ? 2.064   -5.731  -8.412  1.00 15.64 ? 119  SER A OG  1 
ATOM   990  N N   . CYS A 1 130 ? -2.689  -5.016  -8.234  1.00 21.65 ? 120  CYS A N   1 
ATOM   991  C CA  . CYS A 1 130 ? -4.078  -5.255  -8.670  1.00 25.75 ? 120  CYS A CA  1 
ATOM   992  C C   . CYS A 1 130 ? -4.498  -4.236  -9.709  1.00 27.28 ? 120  CYS A C   1 
ATOM   993  O O   . CYS A 1 130 ? -3.931  -3.164  -9.794  1.00 29.20 ? 120  CYS A O   1 
ATOM   994  C CB  . CYS A 1 130 ? -5.043  -5.102  -7.488  1.00 26.65 ? 120  CYS A CB  1 
ATOM   995  S SG  . CYS A 1 130 ? -4.674  -6.160  -6.148  1.00 26.45 ? 120  CYS A SG  1 
ATOM   996  N N   . GLY A 1 131 ? -5.533  -4.525  -10.475 1.00 28.48 ? 121  GLY A N   1 
ATOM   997  C CA  . GLY A 1 131 ? -5.907  -3.561  -11.517 1.00 28.43 ? 121  GLY A CA  1 
ATOM   998  C C   . GLY A 1 131 ? -4.846  -3.469  -12.601 1.00 27.64 ? 121  GLY A C   1 
ATOM   999  O O   . GLY A 1 131 ? -4.572  -4.462  -13.264 1.00 28.46 ? 121  GLY A O   1 
ATOM   1000 N N   . ILE A 1 132 ? -4.224  -2.303  -12.766 1.00 27.18 ? 122  ILE A N   1 
ATOM   1001 C CA  . ILE A 1 132 ? -3.520  -2.020  -14.033 1.00 26.95 ? 122  ILE A CA  1 
ATOM   1002 C C   . ILE A 1 132 ? -2.344  -2.974  -14.327 1.00 25.92 ? 122  ILE A C   1 
ATOM   1003 O O   . ILE A 1 132 ? -2.136  -3.407  -15.456 1.00 24.42 ? 122  ILE A O   1 
ATOM   1004 C CB  . ILE A 1 132 ? -3.205  -0.489  -14.213 1.00 27.40 ? 122  ILE A CB  1 
ATOM   1005 C CG1 . ILE A 1 132 ? -3.015  -0.147  -15.705 1.00 29.30 ? 122  ILE A CG1 1 
ATOM   1006 C CG2 . ILE A 1 132 ? -2.092  0.018   -13.253 1.00 28.21 ? 122  ILE A CG2 1 
ATOM   1007 C CD1 . ILE A 1 132 ? -2.904  1.352   -15.963 1.00 28.14 ? 122  ILE A CD1 1 
ATOM   1008 N N   . PHE A 1 133 ? -1.628  -3.340  -13.273 1.00 24.89 ? 123  PHE A N   1 
ATOM   1009 C CA  . PHE A 1 133 ? -0.515  -4.273  -13.351 1.00 24.39 ? 123  PHE A CA  1 
ATOM   1010 C C   . PHE A 1 133 ? -0.957  -5.720  -13.587 1.00 22.73 ? 123  PHE A C   1 
ATOM   1011 O O   . PHE A 1 133 ? -0.168  -6.543  -14.042 1.00 22.83 ? 123  PHE A O   1 
ATOM   1012 C CB  . PHE A 1 133 ? 0.351   -4.097  -12.108 1.00 24.89 ? 123  PHE A CB  1 
ATOM   1013 C CG  . PHE A 1 133 ? 1.335   -2.953  -12.220 1.00 27.39 ? 123  PHE A CG  1 
ATOM   1014 C CD1 . PHE A 1 133 ? 1.196   -1.976  -13.211 1.00 27.61 ? 123  PHE A CD1 1 
ATOM   1015 C CD2 . PHE A 1 133 ? 2.405   -2.852  -11.337 1.00 28.98 ? 123  PHE A CD2 1 
ATOM   1016 C CE1 . PHE A 1 133 ? 2.118   -0.951  -13.329 1.00 28.49 ? 123  PHE A CE1 1 
ATOM   1017 C CE2 . PHE A 1 133 ? 3.322   -1.823  -11.450 1.00 28.66 ? 123  PHE A CE2 1 
ATOM   1018 C CZ  . PHE A 1 133 ? 3.180   -0.873  -12.448 1.00 29.03 ? 123  PHE A CZ  1 
ATOM   1019 N N   . GLY A 1 134 ? -2.228  -6.000  -13.321 1.00 21.94 ? 124  GLY A N   1 
ATOM   1020 C CA  . GLY A 1 134 ? -2.884  -7.220  -13.831 1.00 22.16 ? 124  GLY A CA  1 
ATOM   1021 C C   . GLY A 1 134 ? -2.781  -8.447  -12.940 1.00 21.03 ? 124  GLY A C   1 
ATOM   1022 O O   . GLY A 1 134 ? -3.228  -9.513  -13.315 1.00 21.21 ? 124  GLY A O   1 
ATOM   1023 N N   . VAL A 1 135 ? -2.213  -8.293  -11.746 1.00 20.60 ? 125  VAL A N   1 
ATOM   1024 C CA  . VAL A 1 135 ? -2.102  -9.425  -10.828 1.00 18.75 ? 125  VAL A CA  1 
ATOM   1025 C C   . VAL A 1 135 ? -3.479  -9.688  -10.180 1.00 19.55 ? 125  VAL A C   1 
ATOM   1026 O O   . VAL A 1 135 ? -4.157  -8.745  -9.735  1.00 18.72 ? 125  VAL A O   1 
ATOM   1027 C CB  . VAL A 1 135 ? -1.027  -9.144  -9.746  1.00 19.31 ? 125  VAL A CB  1 
ATOM   1028 C CG1 . VAL A 1 135 ? -1.101  -10.193 -8.645  1.00 15.59 ? 125  VAL A CG1 1 
ATOM   1029 C CG2 . VAL A 1 135 ? 0.357   -9.136  -10.370 1.00 16.88 ? 125  VAL A CG2 1 
ATOM   1030 N N   . ARG A 1 136 ? -3.897  -10.954 -10.138 1.00 19.51 ? 126  ARG A N   1 
ATOM   1031 C CA  . ARG A 1 136 ? -5.175  -11.293 -9.511  1.00 21.24 ? 126  ARG A CA  1 
ATOM   1032 C C   . ARG A 1 136 ? -5.097  -10.920 -8.042  1.00 19.96 ? 126  ARG A C   1 
ATOM   1033 O O   . ARG A 1 136 ? -4.079  -11.198 -7.372  1.00 20.23 ? 126  ARG A O   1 
ATOM   1034 C CB  . ARG A 1 136 ? -5.488  -12.788 -9.677  1.00 20.63 ? 126  ARG A CB  1 
ATOM   1035 C CG  . ARG A 1 136 ? -5.729  -13.207 -11.137 1.00 23.75 ? 126  ARG A CG  1 
ATOM   1036 C CD  . ARG A 1 136 ? -5.793  -14.726 -11.283 1.00 24.79 ? 126  ARG A CD  1 
ATOM   1037 N NE  . ARG A 1 136 ? -5.884  -15.093 -12.698 1.00 30.09 ? 126  ARG A NE  1 
ATOM   1038 C CZ  . ARG A 1 136 ? -6.261  -16.278 -13.174 1.00 33.77 ? 126  ARG A CZ  1 
ATOM   1039 N NH1 . ARG A 1 136 ? -6.609  -17.263 -12.361 1.00 36.14 ? 126  ARG A NH1 1 
ATOM   1040 N NH2 . ARG A 1 136 ? -6.302  -16.474 -14.489 1.00 35.12 ? 126  ARG A NH2 1 
ATOM   1041 N N   . ILE A 1 137 ? -6.145  -10.290 -7.519  1.00 19.18 ? 127  ILE A N   1 
ATOM   1042 C CA  . ILE A 1 137 ? -6.125  -9.862  -6.126  1.00 18.75 ? 127  ILE A CA  1 
ATOM   1043 C C   . ILE A 1 137 ? -5.716  -11.013 -5.178  1.00 19.50 ? 127  ILE A C   1 
ATOM   1044 O O   . ILE A 1 137 ? -4.979  -10.793 -4.201  1.00 17.63 ? 127  ILE A O   1 
ATOM   1045 C CB  . ILE A 1 137 ? -7.479  -9.204  -5.701  1.00 19.61 ? 127  ILE A CB  1 
ATOM   1046 C CG1 . ILE A 1 137 ? -7.433  -8.723  -4.244  1.00 18.45 ? 127  ILE A CG1 1 
ATOM   1047 C CG2 . ILE A 1 137 ? -8.651  -10.134 -5.958  1.00 17.45 ? 127  ILE A CG2 1 
ATOM   1048 C CD1 . ILE A 1 137 ? -8.443  -7.632  -3.941  1.00 19.43 ? 127  ILE A CD1 1 
ATOM   1049 N N   . GLU A 1 138 ? -6.189  -12.225 -5.502  1.00 18.79 ? 128  GLU A N   1 
ATOM   1050 C CA  . GLU A 1 138 ? -5.938  -13.456 -4.711  1.00 19.93 ? 128  GLU A CA  1 
ATOM   1051 C C   . GLU A 1 138 ? -4.464  -13.747 -4.633  1.00 17.98 ? 128  GLU A C   1 
ATOM   1052 O O   . GLU A 1 138 ? -3.974  -14.270 -3.625  1.00 18.04 ? 128  GLU A O   1 
ATOM   1053 C CB  . GLU A 1 138 ? -6.638  -14.674 -5.343  1.00 19.87 ? 128  GLU A CB  1 
ATOM   1054 C CG  . GLU A 1 138 ? -8.163  -14.560 -5.322  1.00 26.26 ? 128  GLU A CG  1 
ATOM   1055 C CD  . GLU A 1 138 ? -8.733  -13.666 -6.439  1.00 27.81 ? 128  GLU A CD  1 
ATOM   1056 O OE1 . GLU A 1 138 ? -9.939  -13.286 -6.338  1.00 34.27 ? 128  GLU A OE1 1 
ATOM   1057 O OE2 . GLU A 1 138 ? -8.002  -13.355 -7.404  1.00 27.95 ? 128  GLU A OE2 1 
ATOM   1058 N N   . ASN A 1 139 ? -3.757  -13.423 -5.709  1.00 17.37 ? 129  ASN A N   1 
ATOM   1059 C CA  . ASN A 1 139 ? -2.321  -13.668 -5.765  1.00 15.68 ? 129  ASN A CA  1 
ATOM   1060 C C   . ASN A 1 139 ? -1.560  -12.609 -5.022  1.00 15.58 ? 129  ASN A C   1 
ATOM   1061 O O   . ASN A 1 139 ? -0.524  -12.878 -4.426  1.00 14.31 ? 129  ASN A O   1 
ATOM   1062 C CB  . ASN A 1 139 ? -1.873  -13.838 -7.201  1.00 15.35 ? 129  ASN A CB  1 
ATOM   1063 C CG  . ASN A 1 139 ? -2.373  -15.151 -7.776  1.00 16.50 ? 129  ASN A CG  1 
ATOM   1064 O OD1 . ASN A 1 139 ? -2.719  -16.044 -7.020  1.00 16.74 ? 129  ASN A OD1 1 
ATOM   1065 N ND2 . ASN A 1 139 ? -2.449  -15.256 -9.087  1.00 15.01 ? 129  ASN A ND2 1 
ATOM   1066 N N   . SER A 1 140 ? -2.108  -11.403 -5.030  1.00 15.32 ? 130  SER A N   1 
ATOM   1067 C CA  . SER A 1 140 ? -1.498  -10.305 -4.292  1.00 16.25 ? 130  SER A CA  1 
ATOM   1068 C C   . SER A 1 140 ? -1.632  -10.592 -2.809  1.00 15.23 ? 130  SER A C   1 
ATOM   1069 O O   . SER A 1 140 ? -0.667  -10.521 -2.043  1.00 15.93 ? 130  SER A O   1 
ATOM   1070 C CB  . SER A 1 140 ? -2.161  -8.976  -4.669  1.00 14.66 ? 130  SER A CB  1 
ATOM   1071 O OG  . SER A 1 140 ? -1.438  -7.914  -4.052  1.00 17.41 ? 130  SER A OG  1 
ATOM   1072 N N   . LEU A 1 141 ? -2.826  -11.009 -2.416  1.00 16.09 ? 131  LEU A N   1 
ATOM   1073 C CA  . LEU A 1 141 ? -3.101  -11.416 -1.030  1.00 15.31 ? 131  LEU A CA  1 
ATOM   1074 C C   . LEU A 1 141 ? -2.227  -12.571 -0.609  1.00 16.01 ? 131  LEU A C   1 
ATOM   1075 O O   . LEU A 1 141 ? -1.659  -12.573 0.504   1.00 16.93 ? 131  LEU A O   1 
ATOM   1076 C CB  . LEU A 1 141 ? -4.569  -11.834 -0.925  1.00 14.96 ? 131  LEU A CB  1 
ATOM   1077 C CG  . LEU A 1 141 ? -5.520  -10.647 -0.830  1.00 14.61 ? 131  LEU A CG  1 
ATOM   1078 C CD1 . LEU A 1 141 ? -6.937  -11.056 -1.181  1.00 15.38 ? 131  LEU A CD1 1 
ATOM   1079 C CD2 . LEU A 1 141 ? -5.438  -10.024 0.551   1.00 13.41 ? 131  LEU A CD2 1 
ATOM   1080 N N   . LYS A 1 142 ? -2.103  -13.549 -1.496  1.00 15.23 ? 132  LYS A N   1 
ATOM   1081 C CA  . LYS A 1 142 ? -1.257  -14.695 -1.225  1.00 16.03 ? 132  LYS A CA  1 
ATOM   1082 C C   . LYS A 1 142 ? 0.175   -14.276 -0.934  1.00 15.75 ? 132  LYS A C   1 
ATOM   1083 O O   . LYS A 1 142 ? 0.786   -14.774 0.025   1.00 15.25 ? 132  LYS A O   1 
ATOM   1084 C CB  . LYS A 1 142 ? -1.287  -15.678 -2.399  1.00 16.28 ? 132  LYS A CB  1 
ATOM   1085 C CG  . LYS A 1 142 ? -0.612  -16.960 -2.047  1.00 21.56 ? 132  LYS A CG  1 
ATOM   1086 C CD  . LYS A 1 142 ? 0.219   -17.413 -3.189  1.00 27.38 ? 132  LYS A CD  1 
ATOM   1087 C CE  . LYS A 1 142 ? -0.550  -18.362 -4.042  1.00 31.72 ? 132  LYS A CE  1 
ATOM   1088 N NZ  . LYS A 1 142 ? 0.014   -19.742 -3.815  1.00 33.50 ? 132  LYS A NZ  1 
ATOM   1089 N N   . ALA A 1 143 ? 0.717   -13.394 -1.777  1.00 14.03 ? 133  ALA A N   1 
ATOM   1090 C CA  . ALA A 1 143 ? 2.079   -12.876 -1.560  1.00 14.51 ? 133  ALA A CA  1 
ATOM   1091 C C   . ALA A 1 143 ? 2.195   -12.148 -0.224  1.00 14.43 ? 133  ALA A C   1 
ATOM   1092 O O   . ALA A 1 143 ? 3.157   -12.368 0.537   1.00 14.55 ? 133  ALA A O   1 
ATOM   1093 C CB  . ALA A 1 143 ? 2.494   -11.942 -2.714  1.00 13.09 ? 133  ALA A CB  1 
ATOM   1094 N N   . LEU A 1 144 ? 1.234   -11.280 0.073   1.00 14.20 ? 134  LEU A N   1 
ATOM   1095 C CA  . LEU A 1 144 ? 1.254   -10.548 1.348   1.00 15.40 ? 134  LEU A CA  1 
ATOM   1096 C C   . LEU A 1 144 ? 1.264   -11.517 2.524   1.00 16.54 ? 134  LEU A C   1 
ATOM   1097 O O   . LEU A 1 144 ? 2.051   -11.346 3.454   1.00 16.08 ? 134  LEU A O   1 
ATOM   1098 C CB  . LEU A 1 144 ? 0.054   -9.603  1.493   1.00 15.88 ? 134  LEU A CB  1 
ATOM   1099 C CG  . LEU A 1 144 ? -0.164  -8.906  2.858   1.00 15.44 ? 134  LEU A CG  1 
ATOM   1100 C CD1 . LEU A 1 144 ? 1.052   -8.062  3.284   1.00 17.42 ? 134  LEU A CD1 1 
ATOM   1101 C CD2 . LEU A 1 144 ? -1.415  -8.033  2.829   1.00 15.92 ? 134  LEU A CD2 1 
ATOM   1102 N N   . PHE A 1 145 ? 0.374   -12.508 2.496   1.00 16.58 ? 135  PHE A N   1 
ATOM   1103 C CA  . PHE A 1 145 ? 0.275   -13.452 3.610   1.00 18.62 ? 135  PHE A CA  1 
ATOM   1104 C C   . PHE A 1 145 ? 1.320   -14.548 3.582   1.00 18.87 ? 135  PHE A C   1 
ATOM   1105 O O   . PHE A 1 145 ? 1.398   -15.375 4.499   1.00 19.83 ? 135  PHE A O   1 
ATOM   1106 C CB  . PHE A 1 145 ? -1.141  -14.015 3.724   1.00 19.88 ? 135  PHE A CB  1 
ATOM   1107 C CG  . PHE A 1 145 ? -2.121  -13.025 4.282   1.00 21.26 ? 135  PHE A CG  1 
ATOM   1108 C CD1 . PHE A 1 145 ? -2.388  -12.991 5.634   1.00 26.41 ? 135  PHE A CD1 1 
ATOM   1109 C CD2 . PHE A 1 145 ? -2.721  -12.098 3.469   1.00 23.82 ? 135  PHE A CD2 1 
ATOM   1110 C CE1 . PHE A 1 145 ? -3.262  -12.047 6.159   1.00 26.81 ? 135  PHE A CE1 1 
ATOM   1111 C CE2 . PHE A 1 145 ? -3.617  -11.146 3.976   1.00 24.14 ? 135  PHE A CE2 1 
ATOM   1112 C CZ  . PHE A 1 145 ? -3.894  -11.128 5.320   1.00 23.99 ? 135  PHE A CZ  1 
ATOM   1113 N N   . SER A 1 146 ? 2.140   -14.538 2.542   1.00 19.41 ? 136  SER A N   1 
ATOM   1114 C CA  . SER A 1 146 ? 3.380   -15.313 2.515   1.00 19.61 ? 136  SER A CA  1 
ATOM   1115 C C   . SER A 1 146 ? 4.454   -14.698 3.403   1.00 20.01 ? 136  SER A C   1 
ATOM   1116 O O   . SER A 1 146 ? 5.431   -15.374 3.716   1.00 20.08 ? 136  SER A O   1 
ATOM   1117 C CB  . SER A 1 146 ? 3.924   -15.436 1.095   1.00 18.67 ? 136  SER A CB  1 
ATOM   1118 O OG  . SER A 1 146 ? 3.129   -16.368 0.377   1.00 23.47 ? 136  SER A OG  1 
ATOM   1119 N N   . CYS A 1 147 ? 4.295   -13.428 3.786   1.00 19.19 ? 137  CYS A N   1 
ATOM   1120 C CA  . CYS A 1 147 ? 5.326   -12.763 4.582   1.00 19.54 ? 137  CYS A CA  1 
ATOM   1121 C C   . CYS A 1 147 ? 5.060   -12.916 6.076   1.00 19.60 ? 137  CYS A C   1 
ATOM   1122 O O   . CYS A 1 147 ? 3.929   -13.129 6.495   1.00 19.59 ? 137  CYS A O   1 
ATOM   1123 C CB  . CYS A 1 147 ? 5.424   -11.262 4.248   1.00 18.28 ? 137  CYS A CB  1 
ATOM   1124 S SG  . CYS A 1 147 ? 5.624   -10.881 2.498   1.00 18.26 ? 137  CYS A SG  1 
ATOM   1125 N N   . ASP A 1 148 ? 6.129   -12.822 6.852   1.00 20.97 ? 138  ASP A N   1 
ATOM   1126 C CA  . ASP A 1 148 ? 6.065   -12.764 8.307   1.00 22.50 ? 138  ASP A CA  1 
ATOM   1127 C C   . ASP A 1 148 ? 5.545   -11.388 8.706   1.00 22.41 ? 138  ASP A C   1 
ATOM   1128 O O   . ASP A 1 148 ? 6.267   -10.402 8.616   1.00 22.93 ? 138  ASP A O   1 
ATOM   1129 C CB  . ASP A 1 148 ? 7.488   -12.943 8.812   1.00 23.86 ? 138  ASP A CB  1 
ATOM   1130 C CG  . ASP A 1 148 ? 7.567   -13.349 10.258  1.00 28.61 ? 138  ASP A CG  1 
ATOM   1131 O OD1 . ASP A 1 148 ? 6.610   -13.131 11.016  1.00 33.34 ? 138  ASP A OD1 1 
ATOM   1132 O OD2 . ASP A 1 148 ? 8.624   -13.898 10.634  1.00 36.22 ? 138  ASP A OD2 1 
ATOM   1133 N N   . ILE A 1 149 ? 4.294   -11.297 9.139   1.00 21.80 ? 139  ILE A N   1 
ATOM   1134 C CA  . ILE A 1 149 ? 3.728   -10.002 9.460   1.00 21.59 ? 139  ILE A CA  1 
ATOM   1135 C C   . ILE A 1 149 ? 3.661   -9.839  10.972  1.00 22.05 ? 139  ILE A C   1 
ATOM   1136 O O   . ILE A 1 149 ? 2.750   -10.343 11.624  1.00 23.17 ? 139  ILE A O   1 
ATOM   1137 C CB  . ILE A 1 149 ? 2.334   -9.799  8.799   1.00 21.38 ? 139  ILE A CB  1 
ATOM   1138 C CG1 . ILE A 1 149 ? 2.449   -9.929  7.263   1.00 21.61 ? 139  ILE A CG1 1 
ATOM   1139 C CG2 . ILE A 1 149 ? 1.765   -8.410  9.164   1.00 21.21 ? 139  ILE A CG2 1 
ATOM   1140 C CD1 . ILE A 1 149 ? 1.086   -10.024 6.530   1.00 20.51 ? 139  ILE A CD1 1 
ATOM   1141 N N   . ASN A 1 150 ? 4.598   -9.079  11.518  1.00 21.73 ? 140  ASN A N   1 
ATOM   1142 C CA  A ASN A 1 150 ? 4.797   -8.962  12.956  0.50 21.31 ? 140  ASN A CA  1 
ATOM   1143 C CA  B ASN A 1 150 ? 4.634   -8.968  12.967  0.50 22.17 ? 140  ASN A CA  1 
ATOM   1144 C C   . ASN A 1 150 ? 4.431   -7.553  13.417  1.00 21.86 ? 140  ASN A C   1 
ATOM   1145 O O   . ASN A 1 150 ? 4.911   -7.118  14.451  1.00 22.02 ? 140  ASN A O   1 
ATOM   1146 C CB  A ASN A 1 150 ? 6.273   -9.317  13.301  0.50 20.25 ? 140  ASN A CB  1 
ATOM   1147 C CB  B ASN A 1 150 ? 5.890   -9.623  13.522  0.50 22.09 ? 140  ASN A CB  1 
ATOM   1148 C CG  A ASN A 1 150 ? 6.530   -9.500  14.812  0.50 18.45 ? 140  ASN A CG  1 
ATOM   1149 C CG  B ASN A 1 150 ? 5.949   -11.089 13.178  0.50 23.91 ? 140  ASN A CG  1 
ATOM   1150 O OD1 A ASN A 1 150 ? 5.592   -9.658  15.603  0.50 15.04 ? 140  ASN A OD1 1 
ATOM   1151 O OD1 B ASN A 1 150 ? 6.760   -11.499 12.366  0.50 26.01 ? 140  ASN A OD1 1 
ATOM   1152 N ND2 A ASN A 1 150 ? 7.817   -9.511  15.208  0.50 11.42 ? 140  ASN A ND2 1 
ATOM   1153 N ND2 B ASN A 1 150 ? 5.051   -11.882 13.760  0.50 21.70 ? 140  ASN A ND2 1 
ATOM   1154 N N   . LYS A 1 151 ? 3.622   -6.849  12.624  1.00 21.45 ? 141  LYS A N   1 
ATOM   1155 C CA  . LYS A 1 151 ? 3.124   -5.531  12.992  1.00 21.01 ? 141  LYS A CA  1 
ATOM   1156 C C   . LYS A 1 151 ? 1.732   -5.316  12.377  1.00 20.36 ? 141  LYS A C   1 
ATOM   1157 O O   . LYS A 1 151 ? 1.375   -6.003  11.417  1.00 20.09 ? 141  LYS A O   1 
ATOM   1158 C CB  . LYS A 1 151 ? 4.102   -4.417  12.566  1.00 20.97 ? 141  LYS A CB  1 
ATOM   1159 C CG  . LYS A 1 151 ? 4.281   -4.229  11.071  1.00 22.18 ? 141  LYS A CG  1 
ATOM   1160 C CD  . LYS A 1 151 ? 5.377   -3.202  10.797  1.00 21.97 ? 141  LYS A CD  1 
ATOM   1161 C CE  . LYS A 1 151 ? 5.470   -2.940  9.345   1.00 27.06 ? 141  LYS A CE  1 
ATOM   1162 N NZ  . LYS A 1 151 ? 6.447   -1.859  9.019   1.00 27.02 ? 141  LYS A NZ  1 
ATOM   1163 N N   . PRO A 1 152 ? 0.946   -4.368  12.925  1.00 20.11 ? 142  PRO A N   1 
ATOM   1164 C CA  . PRO A 1 152 ? -0.361  -4.086  12.328  1.00 19.45 ? 142  PRO A CA  1 
ATOM   1165 C C   . PRO A 1 152 ? -0.222  -3.513  10.922  1.00 17.78 ? 142  PRO A C   1 
ATOM   1166 O O   . PRO A 1 152 ? 0.677   -2.733  10.692  1.00 17.41 ? 142  PRO A O   1 
ATOM   1167 C CB  . PRO A 1 152 ? -0.975  -3.027  13.273  1.00 19.52 ? 142  PRO A CB  1 
ATOM   1168 C CG  . PRO A 1 152 ? -0.200  -3.165  14.562  1.00 20.93 ? 142  PRO A CG  1 
ATOM   1169 C CD  . PRO A 1 152 ? 1.198   -3.544  14.119  1.00 20.69 ? 142  PRO A CD  1 
ATOM   1170 N N   . LEU A 1 153 ? -1.108  -3.916  10.013  1.00 15.95 ? 143  LEU A N   1 
ATOM   1171 C CA  . LEU A 1 153 ? -1.210  -3.330  8.673   1.00 16.33 ? 143  LEU A CA  1 
ATOM   1172 C C   . LEU A 1 153 ? -2.642  -2.858  8.519   1.00 15.62 ? 143  LEU A C   1 
ATOM   1173 O O   . LEU A 1 153 ? -3.575  -3.565  8.948   1.00 16.41 ? 143  LEU A O   1 
ATOM   1174 C CB  . LEU A 1 153 ? -0.945  -4.380  7.573   1.00 15.59 ? 143  LEU A CB  1 
ATOM   1175 C CG  . LEU A 1 153 ? 0.321   -5.214  7.703   1.00 17.25 ? 143  LEU A CG  1 
ATOM   1176 C CD1 . LEU A 1 153 ? 0.421   -6.180  6.518   1.00 15.53 ? 143  LEU A CD1 1 
ATOM   1177 C CD2 . LEU A 1 153 ? 1.559   -4.322  7.825   1.00 15.06 ? 143  LEU A CD2 1 
ATOM   1178 N N   . GLN A 1 154 ? -2.814  -1.662  7.946   1.00 15.37 ? 144  GLN A N   1 
ATOM   1179 C CA  . GLN A 1 154 ? -4.135  -1.109  7.623   1.00 13.48 ? 144  GLN A CA  1 
ATOM   1180 C C   . GLN A 1 154 ? -4.214  -1.179  6.111   1.00 14.17 ? 144  GLN A C   1 
ATOM   1181 O O   . GLN A 1 154 ? -3.595  -0.373  5.410   1.00 13.87 ? 144  GLN A O   1 
ATOM   1182 C CB  . GLN A 1 154 ? -4.232  0.355   8.062   1.00 13.54 ? 144  GLN A CB  1 
ATOM   1183 C CG  . GLN A 1 154 ? -3.765  0.620   9.507   1.00 12.96 ? 144  GLN A CG  1 
ATOM   1184 C CD  . GLN A 1 154 ? -4.852  0.266   10.527  1.00 14.82 ? 144  GLN A CD  1 
ATOM   1185 O OE1 . GLN A 1 154 ? -5.611  -0.691  10.332  1.00 14.95 ? 144  GLN A OE1 1 
ATOM   1186 N NE2 . GLN A 1 154 ? -4.924  1.044   11.619  1.00 18.08 ? 144  GLN A NE2 1 
ATOM   1187 N N   . VAL A 1 155 ? -4.945  -2.164  5.609   1.00 13.97 ? 145  VAL A N   1 
ATOM   1188 C CA  . VAL A 1 155 ? -5.006  -2.411  4.194   1.00 14.27 ? 145  VAL A CA  1 
ATOM   1189 C C   . VAL A 1 155 ? -6.354  -1.946  3.659   1.00 14.92 ? 145  VAL A C   1 
ATOM   1190 O O   . VAL A 1 155 ? -7.405  -2.225  4.259   1.00 15.77 ? 145  VAL A O   1 
ATOM   1191 C CB  . VAL A 1 155 ? -4.761  -3.899  3.879   1.00 14.79 ? 145  VAL A CB  1 
ATOM   1192 C CG1 . VAL A 1 155 ? -4.767  -4.139  2.364   1.00 13.75 ? 145  VAL A CG1 1 
ATOM   1193 C CG2 . VAL A 1 155 ? -3.392  -4.356  4.476   1.00 12.16 ? 145  VAL A CG2 1 
ATOM   1194 N N   . PHE A 1 156 ? -6.329  -1.209  2.549   1.00 15.22 ? 146  PHE A N   1 
ATOM   1195 C CA  . PHE A 1 156 ? -7.566  -0.755  1.933   1.00 15.37 ? 146  PHE A CA  1 
ATOM   1196 C C   . PHE A 1 156 ? -7.774  -1.260  0.512   1.00 16.61 ? 146  PHE A C   1 
ATOM   1197 O O   . PHE A 1 156 ? -6.814  -1.540  -0.248  1.00 15.29 ? 146  PHE A O   1 
ATOM   1198 C CB  . PHE A 1 156 ? -7.698  0.779   1.999   1.00 15.56 ? 146  PHE A CB  1 
ATOM   1199 C CG  . PHE A 1 156 ? -6.641  1.520   1.206   1.00 16.79 ? 146  PHE A CG  1 
ATOM   1200 C CD1 . PHE A 1 156 ? -5.420  1.856   1.783   1.00 13.96 ? 146  PHE A CD1 1 
ATOM   1201 C CD2 . PHE A 1 156 ? -6.864  1.859   -0.124  1.00 17.47 ? 146  PHE A CD2 1 
ATOM   1202 C CE1 . PHE A 1 156 ? -4.437  2.528   1.063   1.00 17.10 ? 146  PHE A CE1 1 
ATOM   1203 C CE2 . PHE A 1 156 ? -5.871  2.530   -0.868  1.00 15.94 ? 146  PHE A CE2 1 
ATOM   1204 C CZ  . PHE A 1 156 ? -4.655  2.860   -0.264  1.00 14.78 ? 146  PHE A CZ  1 
ATOM   1205 N N   . VAL A 1 157 ? -9.060  -1.392  0.169   1.00 17.16 ? 147  VAL A N   1 
ATOM   1206 C CA  . VAL A 1 157 ? -9.488  -1.770  -1.168  1.00 18.90 ? 147  VAL A CA  1 
ATOM   1207 C C   . VAL A 1 157 ? -10.587 -0.789  -1.499  1.00 20.18 ? 147  VAL A C   1 
ATOM   1208 O O   . VAL A 1 157 ? -11.097 -0.109  -0.604  1.00 20.51 ? 147  VAL A O   1 
ATOM   1209 C CB  . VAL A 1 157 ? -10.003 -3.254  -1.281  1.00 18.43 ? 147  VAL A CB  1 
ATOM   1210 C CG1 . VAL A 1 157 ? -8.870  -4.232  -0.984  1.00 17.02 ? 147  VAL A CG1 1 
ATOM   1211 C CG2 . VAL A 1 157 ? -11.224 -3.493  -0.345  1.00 18.07 ? 147  VAL A CG2 1 
ATOM   1212 N N   . TYR A 1 158 ? -10.957 -0.737  -2.770  1.00 22.53 ? 148  TYR A N   1 
ATOM   1213 C CA  . TYR A 1 158 ? -11.842 0.318   -3.246  1.00 25.70 ? 148  TYR A CA  1 
ATOM   1214 C C   . TYR A 1 158 ? -13.256 -0.163  -3.592  1.00 26.07 ? 148  TYR A C   1 
ATOM   1215 O O   . TYR A 1 158 ? -14.223 0.581   -3.392  1.00 25.87 ? 148  TYR A O   1 
ATOM   1216 C CB  . TYR A 1 158 ? -11.195 1.030   -4.451  1.00 26.99 ? 148  TYR A CB  1 
ATOM   1217 C CG  . TYR A 1 158 ? -10.252 2.180   -4.069  1.00 29.34 ? 148  TYR A CG  1 
ATOM   1218 C CD1 . TYR A 1 158 ? -9.804  3.093   -5.032  1.00 32.56 ? 148  TYR A CD1 1 
ATOM   1219 C CD2 . TYR A 1 158 ? -9.840  2.377   -2.747  1.00 30.71 ? 148  TYR A CD2 1 
ATOM   1220 C CE1 . TYR A 1 158 ? -8.929  4.159   -4.690  1.00 32.21 ? 148  TYR A CE1 1 
ATOM   1221 C CE2 . TYR A 1 158 ? -8.977  3.423   -2.397  1.00 30.32 ? 148  TYR A CE2 1 
ATOM   1222 C CZ  . TYR A 1 158 ? -8.524  4.316   -3.367  1.00 31.11 ? 148  TYR A CZ  1 
ATOM   1223 O OH  . TYR A 1 158 ? -7.680  5.369   -3.001  1.00 30.29 ? 148  TYR A OH  1 
ATOM   1224 N N   . SER A 1 159 ? -13.355 -1.385  -4.100  1.00 26.44 ? 149  SER A N   1 
ATOM   1225 C CA  . SER A 1 159 ? -14.608 -1.930  -4.635  1.00 28.15 ? 149  SER A CA  1 
ATOM   1226 C C   . SER A 1 159 ? -15.200 -3.112  -3.816  1.00 28.56 ? 149  SER A C   1 
ATOM   1227 O O   . SER A 1 159 ? -14.500 -3.807  -3.080  1.00 27.33 ? 149  SER A O   1 
ATOM   1228 C CB  . SER A 1 159 ? -14.450 -2.282  -6.117  1.00 28.23 ? 149  SER A CB  1 
ATOM   1229 O OG  . SER A 1 159 ? -13.636 -3.419  -6.333  1.00 29.51 ? 149  SER A OG  1 
ATOM   1230 N N   . SER A 1 160 ? -16.511 -3.318  -3.930  1.00 29.51 ? 150  SER A N   1 
ATOM   1231 C CA  . SER A 1 160 ? -17.139 -4.390  -3.171  1.00 29.82 ? 150  SER A CA  1 
ATOM   1232 C C   . SER A 1 160 ? -16.658 -5.722  -3.721  1.00 29.59 ? 150  SER A C   1 
ATOM   1233 O O   . SER A 1 160 ? -16.471 -6.675  -2.968  1.00 30.62 ? 150  SER A O   1 
ATOM   1234 C CB  . SER A 1 160 ? -18.667 -4.240  -3.163  1.00 30.45 ? 150  SER A CB  1 
ATOM   1235 O OG  . SER A 1 160 ? -19.029 -3.303  -2.141  1.00 31.52 ? 150  SER A OG  1 
ATOM   1236 N N   . ASN A 1 161 ? -16.386 -5.761  -5.022  1.00 29.10 ? 151  ASN A N   1 
ATOM   1237 C CA  . ASN A 1 161 ? -15.724 -6.906  -5.618  1.00 28.92 ? 151  ASN A CA  1 
ATOM   1238 C C   . ASN A 1 161 ? -14.386 -7.281  -4.965  1.00 27.90 ? 151  ASN A C   1 
ATOM   1239 O O   . ASN A 1 161 ? -14.097 -8.461  -4.768  1.00 27.12 ? 151  ASN A O   1 
ATOM   1240 C CB  . ASN A 1 161 ? -15.509 -6.678  -7.102  1.00 29.39 ? 151  ASN A CB  1 
ATOM   1241 C CG  . ASN A 1 161 ? -16.750 -6.939  -7.885  1.00 32.87 ? 151  ASN A CG  1 
ATOM   1242 O OD1 . ASN A 1 161 ? -17.847 -6.988  -7.320  1.00 35.51 ? 151  ASN A OD1 1 
ATOM   1243 N ND2 . ASN A 1 161 ? -16.604 -7.122  -9.184  1.00 35.34 ? 151  ASN A ND2 1 
ATOM   1244 N N   . GLU A 1 162 ? -13.564 -6.276  -4.671  1.00 26.69 ? 152  GLU A N   1 
ATOM   1245 C CA  . GLU A 1 162 ? -12.296 -6.533  -3.949  1.00 25.27 ? 152  GLU A CA  1 
ATOM   1246 C C   . GLU A 1 162 ? -12.540 -6.999  -2.514  1.00 24.74 ? 152  GLU A C   1 
ATOM   1247 O O   . GLU A 1 162 ? -11.894 -7.941  -2.029  1.00 23.57 ? 152  GLU A O   1 
ATOM   1248 C CB  . GLU A 1 162 ? -11.402 -5.295  -3.972  1.00 25.01 ? 152  GLU A CB  1 
ATOM   1249 C CG  . GLU A 1 162 ? -10.976 -4.894  -5.357  1.00 25.26 ? 152  GLU A CG  1 
ATOM   1250 C CD  . GLU A 1 162 ? -10.289 -3.556  -5.395  1.00 26.07 ? 152  GLU A CD  1 
ATOM   1251 O OE1 . GLU A 1 162 ? -10.828 -2.556  -4.900  1.00 26.29 ? 152  GLU A OE1 1 
ATOM   1252 O OE2 . GLU A 1 162 ? -9.195  -3.505  -5.955  1.00 28.80 ? 152  GLU A OE2 1 
ATOM   1253 N N   . GLU A 1 163 ? -13.489 -6.344  -1.850  1.00 24.66 ? 153  GLU A N   1 
ATOM   1254 C CA  . GLU A 1 163 ? -13.869 -6.693  -0.493  1.00 24.98 ? 153  GLU A CA  1 
ATOM   1255 C C   . GLU A 1 163 ? -14.307 -8.163  -0.400  1.00 25.27 ? 153  GLU A C   1 
ATOM   1256 O O   . GLU A 1 163 ? -13.859 -8.888  0.484   1.00 25.08 ? 153  GLU A O   1 
ATOM   1257 C CB  . GLU A 1 163 ? -14.980 -5.766  -0.017  1.00 25.36 ? 153  GLU A CB  1 
ATOM   1258 C CG  . GLU A 1 163 ? -15.418 -6.056  1.375   1.00 26.55 ? 153  GLU A CG  1 
ATOM   1259 C CD  . GLU A 1 163 ? -16.688 -5.343  1.752   1.00 28.95 ? 153  GLU A CD  1 
ATOM   1260 O OE1 . GLU A 1 163 ? -17.342 -4.762  0.860   1.00 30.15 ? 153  GLU A OE1 1 
ATOM   1261 O OE2 . GLU A 1 163 ? -17.036 -5.403  2.935   1.00 29.45 ? 153  GLU A OE2 1 
ATOM   1262 N N   . GLN A 1 164 ? -15.159 -8.598  -1.331  1.00 25.55 ? 154  GLN A N   1 
ATOM   1263 C CA  . GLN A 1 164 ? -15.546 -10.010 -1.426  1.00 26.28 ? 154  GLN A CA  1 
ATOM   1264 C C   . GLN A 1 164 ? -14.371 -10.945 -1.706  1.00 25.38 ? 154  GLN A C   1 
ATOM   1265 O O   . GLN A 1 164 ? -14.321 -12.062 -1.167  1.00 24.87 ? 154  GLN A O   1 
ATOM   1266 C CB  . GLN A 1 164 ? -16.632 -10.230 -2.494  1.00 26.82 ? 154  GLN A CB  1 
ATOM   1267 C CG  . GLN A 1 164 ? -17.984 -9.583  -2.181  1.00 31.57 ? 154  GLN A CG  1 
ATOM   1268 C CD  . GLN A 1 164 ? -18.517 -9.924  -0.792  1.00 34.94 ? 154  GLN A CD  1 
ATOM   1269 O OE1 . GLN A 1 164 ? -18.923 -9.032  -0.046  1.00 39.25 ? 154  GLN A OE1 1 
ATOM   1270 N NE2 . GLN A 1 164 ? -18.520 -11.211 -0.442  1.00 36.45 ? 154  GLN A NE2 1 
ATOM   1271 N N   . ALA A 1 165 ? -13.438 -10.496 -2.548  1.00 24.22 ? 155  ALA A N   1 
ATOM   1272 C CA  . ALA A 1 165 ? -12.246 -11.269 -2.852  1.00 23.10 ? 155  ALA A CA  1 
ATOM   1273 C C   . ALA A 1 165 ? -11.393 -11.459 -1.582  1.00 22.45 ? 155  ALA A C   1 
ATOM   1274 O O   . ALA A 1 165 ? -10.844 -12.533 -1.346  1.00 21.95 ? 155  ALA A O   1 
ATOM   1275 C CB  . ALA A 1 165 ? -11.459 -10.603 -3.942  1.00 23.05 ? 155  ALA A CB  1 
ATOM   1276 N N   . VAL A 1 166 ? -11.323 -10.424 -0.751  1.00 22.09 ? 156  VAL A N   1 
ATOM   1277 C CA  . VAL A 1 166 ? -10.562 -10.476 0.491   1.00 21.91 ? 156  VAL A CA  1 
ATOM   1278 C C   . VAL A 1 166 ? -11.236 -11.447 1.473   1.00 23.38 ? 156  VAL A C   1 
ATOM   1279 O O   . VAL A 1 166 ? -10.587 -12.329 2.040   1.00 23.77 ? 156  VAL A O   1 
ATOM   1280 C CB  . VAL A 1 166 ? -10.441 -9.090  1.111   1.00 21.64 ? 156  VAL A CB  1 
ATOM   1281 C CG1 . VAL A 1 166 ? -9.876  -9.180  2.513   1.00 19.24 ? 156  VAL A CG1 1 
ATOM   1282 C CG2 . VAL A 1 166 ? -9.531  -8.171  0.200   1.00 20.44 ? 156  VAL A CG2 1 
ATOM   1283 N N   . LEU A 1 167 ? -12.546 -11.276 1.652   1.00 24.79 ? 157  LEU A N   1 
ATOM   1284 C CA  . LEU A 1 167 ? -13.318 -12.122 2.553   1.00 26.27 ? 157  LEU A CA  1 
ATOM   1285 C C   . LEU A 1 167 ? -13.224 -13.578 2.095   1.00 26.89 ? 157  LEU A C   1 
ATOM   1286 O O   . LEU A 1 167 ? -13.012 -14.467 2.917   1.00 27.84 ? 157  LEU A O   1 
ATOM   1287 C CB  . LEU A 1 167 ? -14.760 -11.626 2.649   1.00 26.11 ? 157  LEU A CB  1 
ATOM   1288 C CG  . LEU A 1 167 ? -14.990 -10.273 3.336   1.00 26.52 ? 157  LEU A CG  1 
ATOM   1289 C CD1 . LEU A 1 167 ? -16.399 -9.722  3.038   1.00 28.19 ? 157  LEU A CD1 1 
ATOM   1290 C CD2 . LEU A 1 167 ? -14.762 -10.380 4.825   1.00 27.63 ? 157  LEU A CD2 1 
ATOM   1291 N N   . LYS A 1 168 ? -13.315 -13.817 0.789   1.00 27.88 ? 158  LYS A N   1 
ATOM   1292 C CA  . LYS A 1 168 ? -13.121 -15.179 0.263   1.00 28.68 ? 158  LYS A CA  1 
ATOM   1293 C C   . LYS A 1 168 ? -11.711 -15.704 0.498   1.00 28.73 ? 158  LYS A C   1 
ATOM   1294 O O   . LYS A 1 168 ? -11.535 -16.871 0.862   1.00 28.56 ? 158  LYS A O   1 
ATOM   1295 C CB  . LYS A 1 168 ? -13.473 -15.279 -1.222  1.00 30.12 ? 158  LYS A CB  1 
ATOM   1296 C CG  . LYS A 1 168 ? -13.266 -16.697 -1.801  1.00 33.15 ? 158  LYS A CG  1 
ATOM   1297 C CD  . LYS A 1 168 ? -14.124 -16.930 -3.035  1.00 38.12 ? 158  LYS A CD  1 
ATOM   1298 C CE  . LYS A 1 168 ? -13.764 -18.246 -3.731  1.00 41.40 ? 158  LYS A CE  1 
ATOM   1299 N NZ  . LYS A 1 168 ? -14.270 -18.299 -5.149  1.00 43.35 ? 158  LYS A NZ  1 
ATOM   1300 N N   . PHE A 1 169 ? -10.704 -14.855 0.281   1.00 27.37 ? 159  PHE A N   1 
ATOM   1301 C CA  . PHE A 1 169 ? -9.323  -15.271 0.506   1.00 27.67 ? 159  PHE A CA  1 
ATOM   1302 C C   . PHE A 1 169 ? -9.102  -15.667 1.967   1.00 28.75 ? 159  PHE A C   1 
ATOM   1303 O O   . PHE A 1 169 ? -8.498  -16.722 2.269   1.00 28.50 ? 159  PHE A O   1 
ATOM   1304 C CB  . PHE A 1 169 ? -8.334  -14.157 0.109   1.00 25.73 ? 159  PHE A CB  1 
ATOM   1305 C CG  . PHE A 1 169 ? -6.919  -14.445 0.504   1.00 23.46 ? 159  PHE A CG  1 
ATOM   1306 C CD1 . PHE A 1 169 ? -6.090  -15.193 -0.323  1.00 23.05 ? 159  PHE A CD1 1 
ATOM   1307 C CD2 . PHE A 1 169 ? -6.422  -13.994 1.714   1.00 22.53 ? 159  PHE A CD2 1 
ATOM   1308 C CE1 . PHE A 1 169 ? -4.771  -15.475 0.048   1.00 22.71 ? 159  PHE A CE1 1 
ATOM   1309 C CE2 . PHE A 1 169 ? -5.118  -14.279 2.099   1.00 21.74 ? 159  PHE A CE2 1 
ATOM   1310 C CZ  . PHE A 1 169 ? -4.289  -15.017 1.263   1.00 21.77 ? 159  PHE A CZ  1 
ATOM   1311 N N   . LEU A 1 170 ? -9.557  -14.783 2.856   1.00 30.26 ? 160  LEU A N   1 
ATOM   1312 C CA  . LEU A 1 170 ? -9.381  -14.921 4.300   1.00 31.95 ? 160  LEU A CA  1 
ATOM   1313 C C   . LEU A 1 170 ? -10.120 -16.135 4.816   1.00 34.37 ? 160  LEU A C   1 
ATOM   1314 O O   . LEU A 1 170 ? -9.661  -16.785 5.752   1.00 34.89 ? 160  LEU A O   1 
ATOM   1315 C CB  . LEU A 1 170 ? -9.893  -13.672 5.020   1.00 31.70 ? 160  LEU A CB  1 
ATOM   1316 C CG  . LEU A 1 170 ? -9.069  -12.382 4.932   1.00 29.34 ? 160  LEU A CG  1 
ATOM   1317 C CD1 . LEU A 1 170 ? -9.766  -11.324 5.733   1.00 28.99 ? 160  LEU A CD1 1 
ATOM   1318 C CD2 . LEU A 1 170 ? -7.662  -12.581 5.458   1.00 29.99 ? 160  LEU A CD2 1 
ATOM   1319 N N   . ASP A 1 171 ? -11.266 -16.429 4.201   1.00 36.50 ? 161  ASP A N   1 
ATOM   1320 C CA  . ASP A 1 171 ? -12.048 -17.596 4.562   1.00 38.59 ? 161  ASP A CA  1 
ATOM   1321 C C   . ASP A 1 171 ? -11.233 -18.874 4.401   1.00 39.59 ? 161  ASP A C   1 
ATOM   1322 O O   . ASP A 1 171 ? -11.294 -19.752 5.265   1.00 39.99 ? 161  ASP A O   1 
ATOM   1323 C CB  . ASP A 1 171 ? -13.324 -17.675 3.736   1.00 39.28 ? 161  ASP A CB  1 
ATOM   1324 C CG  . ASP A 1 171 ? -14.490 -18.195 4.542   1.00 41.72 ? 161  ASP A CG  1 
ATOM   1325 O OD1 . ASP A 1 171 ? -15.061 -17.398 5.317   1.00 44.59 ? 161  ASP A OD1 1 
ATOM   1326 O OD2 . ASP A 1 171 ? -14.819 -19.392 4.414   1.00 43.14 ? 161  ASP A OD2 1 
ATOM   1327 N N   . GLY A 1 172 ? -10.456 -18.950 3.319   1.00 39.87 ? 162  GLY A N   1 
ATOM   1328 C CA  . GLY A 1 172 ? -9.652  -20.131 3.012   1.00 40.93 ? 162  GLY A CA  1 
ATOM   1329 C C   . GLY A 1 172 ? -8.434  -20.386 3.886   1.00 41.54 ? 162  GLY A C   1 
ATOM   1330 O O   . GLY A 1 172 ? -7.728  -21.380 3.669   1.00 42.24 ? 162  GLY A O   1 
ATOM   1331 N N   . LEU A 1 173 ? -8.164  -19.498 4.849   1.00 41.84 ? 163  LEU A N   1 
ATOM   1332 C CA  . LEU A 1 173 ? -7.064  -19.681 5.800   1.00 41.87 ? 163  LEU A CA  1 
ATOM   1333 C C   . LEU A 1 173 ? -7.605  -20.424 7.029   1.00 42.20 ? 163  LEU A C   1 
ATOM   1334 O O   . LEU A 1 173 ? -7.167  -20.218 8.166   1.00 42.37 ? 163  LEU A O   1 
ATOM   1335 C CB  . LEU A 1 173 ? -6.418  -18.337 6.200   1.00 41.97 ? 163  LEU A CB  1 
ATOM   1336 C CG  . LEU A 1 173 ? -5.738  -17.394 5.180   1.00 42.43 ? 163  LEU A CG  1 
ATOM   1337 C CD1 . LEU A 1 173 ? -5.600  -15.983 5.738   1.00 42.00 ? 163  LEU A CD1 1 
ATOM   1338 C CD2 . LEU A 1 173 ? -4.369  -17.894 4.705   1.00 42.60 ? 163  LEU A CD2 1 
HETATM 1339 C C1  . EDO B 2 .   ? 23.355  10.457  -4.218  1.00 40.01 ? 1164 EDO A C1  1 
HETATM 1340 O O1  . EDO B 2 .   ? 22.288  11.409  -4.155  1.00 43.66 ? 1164 EDO A O1  1 
HETATM 1341 C C2  . EDO B 2 .   ? 22.989  9.378   -5.221  1.00 39.21 ? 1164 EDO A C2  1 
HETATM 1342 O O2  . EDO B 2 .   ? 23.319  8.121   -4.620  1.00 39.34 ? 1164 EDO A O2  1 
HETATM 1343 C C1  . EDO C 2 .   ? -5.033  -18.005 -9.015  1.00 36.94 ? 1165 EDO A C1  1 
HETATM 1344 O O1  . EDO C 2 .   ? -6.242  -17.224 -9.085  1.00 36.27 ? 1165 EDO A O1  1 
HETATM 1345 C C2  . EDO C 2 .   ? -4.080  -17.523 -10.099 1.00 34.76 ? 1165 EDO A C2  1 
HETATM 1346 O O2  . EDO C 2 .   ? -3.242  -18.583 -10.559 1.00 38.25 ? 1165 EDO A O2  1 
HETATM 1347 O O   . HOH D 3 .   ? -6.952  2.500   13.633  1.00 25.26 ? 2001 HOH A O   1 
HETATM 1348 O O   . HOH D 3 .   ? 1.107   2.561   -11.218 1.00 26.59 ? 2002 HOH A O   1 
HETATM 1349 O O   . HOH D 3 .   ? -7.603  -13.184 13.257  1.00 34.93 ? 2003 HOH A O   1 
HETATM 1350 O O   . HOH D 3 .   ? -7.601  14.781  -1.933  1.00 28.08 ? 2004 HOH A O   1 
HETATM 1351 O O   . HOH D 3 .   ? -14.126 -0.682  5.807   1.00 30.10 ? 2005 HOH A O   1 
HETATM 1352 O O   . HOH D 3 .   ? -10.959 11.698  -3.950  1.00 34.58 ? 2006 HOH A O   1 
HETATM 1353 O O   . HOH D 3 .   ? 11.184  11.832  -12.739 1.00 19.25 ? 2007 HOH A O   1 
HETATM 1354 O O   . HOH D 3 .   ? 15.575  12.642  -13.707 1.00 19.19 ? 2008 HOH A O   1 
HETATM 1355 O O   . HOH D 3 .   ? -8.158  13.767  3.057   1.00 25.83 ? 2009 HOH A O   1 
HETATM 1356 O O   . HOH D 3 .   ? -8.785  10.467  -4.179  1.00 37.03 ? 2010 HOH A O   1 
HETATM 1357 O O   . HOH D 3 .   ? -12.222 12.129  5.160   1.00 37.41 ? 2011 HOH A O   1 
HETATM 1358 O O   . HOH D 3 .   ? 15.622  9.610   0.020   1.00 50.10 ? 2012 HOH A O   1 
HETATM 1359 O O   . HOH D 3 .   ? -5.760  9.265   10.849  1.00 37.40 ? 2013 HOH A O   1 
HETATM 1360 O O   . HOH D 3 .   ? -2.204  7.909   13.457  1.00 32.95 ? 2014 HOH A O   1 
HETATM 1361 O O   . HOH D 3 .   ? 4.034   1.615   15.124  1.00 33.58 ? 2015 HOH A O   1 
HETATM 1362 O O   . HOH D 3 .   ? 4.087   8.293   13.105  1.00 33.92 ? 2016 HOH A O   1 
HETATM 1363 O O   . HOH D 3 .   ? 12.861  -8.965  0.816   1.00 28.83 ? 2017 HOH A O   1 
HETATM 1364 O O   . HOH D 3 .   ? 0.812   4.766   -10.185 1.00 39.35 ? 2018 HOH A O   1 
HETATM 1365 O O   . HOH D 3 .   ? -0.920  4.285   -8.066  1.00 23.32 ? 2019 HOH A O   1 
HETATM 1366 O O   . HOH D 3 .   ? 3.359   -0.605  -7.230  1.00 13.16 ? 2020 HOH A O   1 
HETATM 1367 O O   . HOH D 3 .   ? 14.344  -2.538  3.118   1.00 36.33 ? 2021 HOH A O   1 
HETATM 1368 O O   . HOH D 3 .   ? 1.801   3.255   -14.019 1.00 27.58 ? 2022 HOH A O   1 
HETATM 1369 O O   . HOH D 3 .   ? 11.062  -3.099  -14.370 1.00 46.08 ? 2023 HOH A O   1 
HETATM 1370 O O   . HOH D 3 .   ? 10.993  9.399   -13.612 1.00 17.36 ? 2024 HOH A O   1 
HETATM 1371 O O   . HOH D 3 .   ? 12.878  7.392   -14.317 1.00 29.47 ? 2025 HOH A O   1 
HETATM 1372 O O   . HOH D 3 .   ? 7.156   3.808   -14.688 1.00 29.13 ? 2026 HOH A O   1 
HETATM 1373 O O   . HOH D 3 .   ? 9.271   11.441  -10.595 1.00 14.48 ? 2027 HOH A O   1 
HETATM 1374 O O   . HOH D 3 .   ? 0.449   6.920   -11.836 1.00 29.26 ? 2028 HOH A O   1 
HETATM 1375 O O   . HOH D 3 .   ? 0.040   13.605  -9.555  1.00 14.14 ? 2029 HOH A O   1 
HETATM 1376 O O   . HOH D 3 .   ? 3.862   6.176   -9.236  1.00 10.86 ? 2030 HOH A O   1 
HETATM 1377 O O   . HOH D 3 .   ? -2.910  13.292  -13.428 1.00 23.01 ? 2031 HOH A O   1 
HETATM 1378 O O   . HOH D 3 .   ? -6.484  18.523  -10.064 1.00 23.41 ? 2032 HOH A O   1 
HETATM 1379 O O   . HOH D 3 .   ? -6.292  12.832  -2.808  1.00 20.93 ? 2033 HOH A O   1 
HETATM 1380 O O   . HOH D 3 .   ? 2.338   16.968  -8.657  1.00 19.84 ? 2034 HOH A O   1 
HETATM 1381 O O   . HOH D 3 .   ? -3.717  17.056  2.791   1.00 35.59 ? 2035 HOH A O   1 
HETATM 1382 O O   . HOH D 3 .   ? 2.885   21.502  -1.753  1.00 37.46 ? 2036 HOH A O   1 
HETATM 1383 O O   . HOH D 3 .   ? 4.481   18.430  -7.764  1.00 20.70 ? 2037 HOH A O   1 
HETATM 1384 O O   . HOH D 3 .   ? 2.177   16.789  2.665   1.00 22.84 ? 2038 HOH A O   1 
HETATM 1385 O O   . HOH D 3 .   ? 11.525  18.509  -7.812  1.00 33.58 ? 2039 HOH A O   1 
HETATM 1386 O O   . HOH D 3 .   ? 13.760  13.333  -2.800  1.00 26.87 ? 2040 HOH A O   1 
HETATM 1387 O O   . HOH D 3 .   ? 13.502  13.338  -12.163 1.00 13.85 ? 2041 HOH A O   1 
HETATM 1388 O O   . HOH D 3 .   ? 5.354   17.709  -11.946 1.00 39.64 ? 2042 HOH A O   1 
HETATM 1389 O O   . HOH D 3 .   ? 6.775   17.876  -9.347  1.00 23.67 ? 2043 HOH A O   1 
HETATM 1390 O O   . HOH D 3 .   ? 16.115  3.926   -7.107  1.00 16.95 ? 2044 HOH A O   1 
HETATM 1391 O O   . HOH D 3 .   ? 20.565  3.928   -7.290  1.00 29.12 ? 2045 HOH A O   1 
HETATM 1392 O O   . HOH D 3 .   ? 18.878  10.300  -2.892  1.00 32.13 ? 2046 HOH A O   1 
HETATM 1393 O O   . HOH D 3 .   ? 13.272  -0.280  -12.288 1.00 23.46 ? 2047 HOH A O   1 
HETATM 1394 O O   . HOH D 3 .   ? 15.804  0.407   -6.405  1.00 29.69 ? 2048 HOH A O   1 
HETATM 1395 O O   . HOH D 3 .   ? 12.974  -3.412  -12.139 1.00 22.98 ? 2049 HOH A O   1 
HETATM 1396 O O   . HOH D 3 .   ? 13.526  -6.342  -9.382  1.00 29.48 ? 2050 HOH A O   1 
HETATM 1397 O O   . HOH D 3 .   ? 15.380  1.707   -2.472  1.00 37.78 ? 2051 HOH A O   1 
HETATM 1398 O O   . HOH D 3 .   ? 13.128  -1.640  -0.794  1.00 28.40 ? 2052 HOH A O   1 
HETATM 1399 O O   . HOH D 3 .   ? 13.258  -0.205  1.125   1.00 30.12 ? 2053 HOH A O   1 
HETATM 1400 O O   . HOH D 3 .   ? 14.157  7.935   1.849   1.00 29.71 ? 2054 HOH A O   1 
HETATM 1401 O O   . HOH D 3 .   ? 13.277  4.422   2.245   1.00 27.47 ? 2055 HOH A O   1 
HETATM 1402 O O   . HOH D 3 .   ? 12.333  12.055  2.039   1.00 22.01 ? 2056 HOH A O   1 
HETATM 1403 O O   . HOH D 3 .   ? 12.801  7.602   5.936   1.00 40.41 ? 2057 HOH A O   1 
HETATM 1404 O O   . HOH D 3 .   ? 6.487   13.622  7.099   1.00 41.34 ? 2058 HOH A O   1 
HETATM 1405 O O   . HOH D 3 .   ? 6.612   23.877  4.634   1.00 25.64 ? 2059 HOH A O   1 
HETATM 1406 O O   . HOH D 3 .   ? 2.502   9.723   7.444   1.00 24.54 ? 2060 HOH A O   1 
HETATM 1407 O O   . HOH D 3 .   ? 6.234   -2.943  -12.027 1.00 41.94 ? 2061 HOH A O   1 
HETATM 1408 O O   . HOH D 3 .   ? 6.379   -9.873  -13.056 1.00 25.81 ? 2062 HOH A O   1 
HETATM 1409 O O   . HOH D 3 .   ? 2.127   -8.243  -17.631 1.00 21.24 ? 2063 HOH A O   1 
HETATM 1410 O O   . HOH D 3 .   ? -2.576  -12.597 -13.439 1.00 29.89 ? 2064 HOH A O   1 
HETATM 1411 O O   . HOH D 3 .   ? 0.089   -13.561 -15.782 1.00 31.66 ? 2065 HOH A O   1 
HETATM 1412 O O   . HOH D 3 .   ? -1.934  -12.980 -10.864 1.00 14.58 ? 2066 HOH A O   1 
HETATM 1413 O O   . HOH D 3 .   ? 1.060   -15.042 -8.213  1.00 19.52 ? 2067 HOH A O   1 
HETATM 1414 O O   . HOH D 3 .   ? 7.198   -17.341 -1.089  1.00 32.10 ? 2068 HOH A O   1 
HETATM 1415 O O   . HOH D 3 .   ? 1.463   -14.614 -5.165  1.00 15.54 ? 2069 HOH A O   1 
HETATM 1416 O O   . HOH D 3 .   ? 12.131  -12.160 -7.439  1.00 32.12 ? 2070 HOH A O   1 
HETATM 1417 O O   . HOH D 3 .   ? 10.967  -12.409 -2.762  1.00 30.96 ? 2071 HOH A O   1 
HETATM 1418 O O   . HOH D 3 .   ? 12.181  -6.456  0.617   1.00 26.07 ? 2072 HOH A O   1 
HETATM 1419 O O   . HOH D 3 .   ? 11.718  -11.042 -0.167  1.00 34.83 ? 2073 HOH A O   1 
HETATM 1420 O O   . HOH D 3 .   ? 12.103  -11.430 4.378   1.00 30.57 ? 2074 HOH A O   1 
HETATM 1421 O O   . HOH D 3 .   ? 8.978   -13.445 3.010   1.00 24.01 ? 2075 HOH A O   1 
HETATM 1422 O O   . HOH D 3 .   ? 11.957  -0.956  3.353   1.00 15.69 ? 2076 HOH A O   1 
HETATM 1423 O O   . HOH D 3 .   ? 13.028  4.791   5.028   1.00 31.21 ? 2077 HOH A O   1 
HETATM 1424 O O   . HOH D 3 .   ? 10.589  3.789   7.928   1.00 26.48 ? 2078 HOH A O   1 
HETATM 1425 O O   . HOH D 3 .   ? 7.742   5.934   9.313   1.00 32.48 ? 2079 HOH A O   1 
HETATM 1426 O O   . HOH D 3 .   ? 14.476  1.331   12.389  1.00 27.88 ? 2080 HOH A O   1 
HETATM 1427 O O   . HOH D 3 .   ? 7.285   -1.077  12.734  1.00 30.49 ? 2081 HOH A O   1 
HETATM 1428 O O   . HOH D 3 .   ? -2.915  -2.580  -6.461  1.00 34.45 ? 2082 HOH A O   1 
HETATM 1429 O O   . HOH D 3 .   ? 0.790   -1.907  -7.700  1.00 18.37 ? 2083 HOH A O   1 
HETATM 1430 O O   . HOH D 3 .   ? -1.767  -2.200  -10.282 1.00 19.43 ? 2084 HOH A O   1 
HETATM 1431 O O   . HOH D 3 .   ? 0.461   -5.780  -16.932 1.00 41.70 ? 2085 HOH A O   1 
HETATM 1432 O O   . HOH D 3 .   ? -8.058  -9.350  -9.324  1.00 24.31 ? 2086 HOH A O   1 
HETATM 1433 O O   . HOH D 3 .   ? 7.356   -16.438 5.330   1.00 41.96 ? 2087 HOH A O   1 
HETATM 1434 O O   . HOH D 3 .   ? 1.006   -13.775 7.752   1.00 39.83 ? 2088 HOH A O   1 
HETATM 1435 O O   . HOH D 3 .   ? 8.503   -9.862  10.808  1.00 21.04 ? 2089 HOH A O   1 
HETATM 1436 O O   . HOH D 3 .   ? -3.952  -3.449  11.694  1.00 27.52 ? 2090 HOH A O   1 
HETATM 1437 O O   . HOH D 3 .   ? -5.443  -0.096  14.103  1.00 30.41 ? 2091 HOH A O   1 
HETATM 1438 O O   . HOH D 3 .   ? -5.983  -2.432  -2.611  1.00 15.64 ? 2092 HOH A O   1 
HETATM 1439 O O   . HOH D 3 .   ? -14.289 3.097   -2.058  1.00 42.99 ? 2093 HOH A O   1 
HETATM 1440 O O   . HOH D 3 .   ? -14.999 -10.613 -6.053  1.00 38.92 ? 2094 HOH A O   1 
HETATM 1441 O O   . HOH D 3 .   ? -10.633 -0.995  -7.294  1.00 34.55 ? 2095 HOH A O   1 
HETATM 1442 O O   . HOH D 3 .   ? -10.477 -14.336 -3.118  1.00 33.24 ? 2096 HOH A O   1 
HETATM 1443 O O   . HOH D 3 .   ? -6.879  -18.617 1.131   1.00 34.96 ? 2097 HOH A O   1 
# 
loop_
_pdbx_poly_seq_scheme.asym_id 
_pdbx_poly_seq_scheme.entity_id 
_pdbx_poly_seq_scheme.seq_id 
_pdbx_poly_seq_scheme.mon_id 
_pdbx_poly_seq_scheme.ndb_seq_num 
_pdbx_poly_seq_scheme.pdb_seq_num 
_pdbx_poly_seq_scheme.auth_seq_num 
_pdbx_poly_seq_scheme.pdb_mon_id 
_pdbx_poly_seq_scheme.auth_mon_id 
_pdbx_poly_seq_scheme.pdb_strand_id 
_pdbx_poly_seq_scheme.pdb_ins_code 
_pdbx_poly_seq_scheme.hetero 
A 1 1   LYS 1   -9  -9  LYS LYS A . n 
A 1 2   ALA 2   -8  -8  ALA ALA A . n 
A 1 3   GLY 3   -7  -7  GLY GLY A . n 
A 1 4   SER 4   -6  -6  SER SER A . n 
A 1 5   ALA 5   -5  -5  ALA ALA A . n 
A 1 6   ALA 6   -4  -4  ALA ALA A . n 
A 1 7   ALA 7   -3  -3  ALA ALA A . n 
A 1 8   PRO 8   -2  -2  PRO PRO A . n 
A 1 9   PHE 9   -1  -1  PHE PHE A . n 
A 1 10  THR 10  0   0   THR THR A . n 
A 1 11  LYS 11  1   1   LYS LYS A . n 
A 1 12  PRO 12  2   2   PRO PRO A . n 
A 1 13  PHE 13  3   3   PHE PHE A . n 
A 1 14  ALA 14  4   4   ALA ALA A . n 
A 1 15  VAL 15  5   5   VAL VAL A . n 
A 1 16  TYR 16  6   6   TYR TYR A . n 
A 1 17  LYS 17  7   7   LYS LYS A . n 
A 1 18  ASN 18  8   8   ASN ASN A . n 
A 1 19  VAL 19  9   9   VAL VAL A . n 
A 1 20  LYS 20  10  10  LYS LYS A . n 
A 1 21  PHE 21  11  11  PHE PHE A . n 
A 1 22  TYR 22  12  12  TYR TYR A . n 
A 1 23  LEU 23  13  13  LEU LEU A . n 
A 1 24  GLY 24  14  14  GLY GLY A . n 
A 1 25  ASP 25  15  15  ASP ASP A . n 
A 1 26  ILE 26  16  16  ILE ILE A . n 
A 1 27  SER 27  17  17  SER SER A . n 
A 1 28  HIS 28  18  18  HIS HIS A . n 
A 1 29  LEU 29  19  19  LEU LEU A . n 
A 1 30  VAL 30  20  20  VAL VAL A . n 
A 1 31  ASN 31  21  21  ASN ASN A . n 
A 1 32  CYS 32  22  22  CYS CYS A . n 
A 1 33  VAL 33  23  23  VAL VAL A . n 
A 1 34  SER 34  24  24  SER SER A . n 
A 1 35  PHE 35  25  25  PHE PHE A . n 
A 1 36  ASP 36  26  26  ASP ASP A . n 
A 1 37  PHE 37  27  27  PHE PHE A . n 
A 1 38  VAL 38  28  28  VAL VAL A . n 
A 1 39  VAL 39  29  29  VAL VAL A . n 
A 1 40  ASN 40  30  30  ASN ASN A . n 
A 1 41  ALA 41  31  31  ALA ALA A . n 
A 1 42  ALA 42  32  32  ALA ALA A . n 
A 1 43  ASN 43  33  33  ASN ASN A . n 
A 1 44  GLU 44  34  34  GLU GLU A . n 
A 1 45  ASN 45  35  35  ASN ASN A . n 
A 1 46  LEU 46  36  36  LEU LEU A . n 
A 1 47  LEU 47  37  37  LEU LEU A . n 
A 1 48  HIS 48  38  38  HIS HIS A . n 
A 1 49  GLY 49  39  39  GLY GLY A . n 
A 1 50  GLY 50  40  40  GLY GLY A . n 
A 1 51  GLY 51  41  41  GLY GLY A . n 
A 1 52  VAL 52  42  42  VAL VAL A . n 
A 1 53  ALA 53  43  43  ALA ALA A . n 
A 1 54  ARG 54  44  44  ARG ARG A . n 
A 1 55  ALA 55  45  45  ALA ALA A . n 
A 1 56  ILE 56  46  46  ILE ILE A . n 
A 1 57  ASP 57  47  47  ASP ASP A . n 
A 1 58  ILE 58  48  48  ILE ILE A . n 
A 1 59  LEU 59  49  49  LEU LEU A . n 
A 1 60  THR 60  50  50  THR THR A . n 
A 1 61  GLU 61  51  51  GLU GLU A . n 
A 1 62  GLY 62  52  52  GLY GLY A . n 
A 1 63  GLN 63  53  53  GLN GLN A . n 
A 1 64  LEU 64  54  54  LEU LEU A . n 
A 1 65  GLN 65  55  55  GLN GLN A . n 
A 1 66  SER 66  56  56  SER SER A . n 
A 1 67  LEU 67  57  57  LEU LEU A . n 
A 1 68  SER 68  58  58  SER SER A . n 
A 1 69  LYS 69  59  59  LYS LYS A . n 
A 1 70  ASP 70  60  60  ASP ASP A . n 
A 1 71  TYR 71  61  61  TYR TYR A . n 
A 1 72  ILE 72  62  62  ILE ILE A . n 
A 1 73  SER 73  63  63  SER SER A . n 
A 1 74  SER 74  64  64  SER SER A . n 
A 1 75  ASN 75  65  65  ASN ASN A . n 
A 1 76  GLY 76  66  66  GLY GLY A . n 
A 1 77  PRO 77  67  67  PRO PRO A . n 
A 1 78  LEU 78  68  68  LEU LEU A . n 
A 1 79  LYS 79  69  69  LYS LYS A . n 
A 1 80  VAL 80  70  70  VAL VAL A . n 
A 1 81  GLY 81  71  71  GLY GLY A . n 
A 1 82  ALA 82  72  72  ALA ALA A . n 
A 1 83  GLY 83  73  73  GLY GLY A . n 
A 1 84  VAL 84  74  74  VAL VAL A . n 
A 1 85  MET 85  75  75  MET MET A . n 
A 1 86  LEU 86  76  76  LEU LEU A . n 
A 1 87  GLU 87  77  77  GLU GLU A . n 
A 1 88  CYS 88  78  78  CYS CYS A . n 
A 1 89  GLU 89  79  79  GLU GLU A . n 
A 1 90  LYS 90  80  80  LYS LYS A . n 
A 1 91  PHE 91  81  81  PHE PHE A . n 
A 1 92  ASN 92  82  82  ASN ASN A . n 
A 1 93  VAL 93  83  83  VAL VAL A . n 
A 1 94  PHE 94  84  84  PHE PHE A . n 
A 1 95  ASN 95  85  85  ASN ASN A . n 
A 1 96  VAL 96  86  86  VAL VAL A . n 
A 1 97  VAL 97  87  87  VAL VAL A . n 
A 1 98  GLY 98  88  88  GLY GLY A . n 
A 1 99  PRO 99  89  89  PRO PRO A . n 
A 1 100 ARG 100 90  90  ARG ARG A . n 
A 1 101 THR 101 91  91  THR THR A . n 
A 1 102 GLY 102 92  92  GLY GLY A . n 
A 1 103 LYS 103 93  93  LYS LYS A . n 
A 1 104 HIS 104 94  94  HIS HIS A . n 
A 1 105 GLU 105 95  95  GLU GLU A . n 
A 1 106 HIS 106 96  96  HIS HIS A . n 
A 1 107 SER 107 97  97  SER SER A . n 
A 1 108 LEU 108 98  98  LEU LEU A . n 
A 1 109 LEU 109 99  99  LEU LEU A . n 
A 1 110 VAL 110 100 100 VAL VAL A . n 
A 1 111 GLU 111 101 101 GLU GLU A . n 
A 1 112 ALA 112 102 102 ALA ALA A . n 
A 1 113 TYR 113 103 103 TYR TYR A . n 
A 1 114 ASN 114 104 104 ASN ASN A . n 
A 1 115 SER 115 105 105 SER SER A . n 
A 1 116 ILE 116 106 106 ILE ILE A . n 
A 1 117 LEU 117 107 107 LEU LEU A . n 
A 1 118 PHE 118 108 108 PHE PHE A . n 
A 1 119 GLU 119 109 109 GLU GLU A . n 
A 1 120 ASN 120 110 110 ASN ASN A . n 
A 1 121 GLY 121 111 111 GLY GLY A . n 
A 1 122 ILE 122 112 112 ILE ILE A . n 
A 1 123 PRO 123 113 113 PRO PRO A . n 
A 1 124 LEU 124 114 114 LEU LEU A . n 
A 1 125 MET 125 115 115 MET MET A . n 
A 1 126 PRO 126 116 116 PRO PRO A . n 
A 1 127 LEU 127 117 117 LEU LEU A . n 
A 1 128 LEU 128 118 118 LEU LEU A . n 
A 1 129 SER 129 119 119 SER SER A . n 
A 1 130 CYS 130 120 120 CYS CYS A . n 
A 1 131 GLY 131 121 121 GLY GLY A . n 
A 1 132 ILE 132 122 122 ILE ILE A . n 
A 1 133 PHE 133 123 123 PHE PHE A . n 
A 1 134 GLY 134 124 124 GLY GLY A . n 
A 1 135 VAL 135 125 125 VAL VAL A . n 
A 1 136 ARG 136 126 126 ARG ARG A . n 
A 1 137 ILE 137 127 127 ILE ILE A . n 
A 1 138 GLU 138 128 128 GLU GLU A . n 
A 1 139 ASN 139 129 129 ASN ASN A . n 
A 1 140 SER 140 130 130 SER SER A . n 
A 1 141 LEU 141 131 131 LEU LEU A . n 
A 1 142 LYS 142 132 132 LYS LYS A . n 
A 1 143 ALA 143 133 133 ALA ALA A . n 
A 1 144 LEU 144 134 134 LEU LEU A . n 
A 1 145 PHE 145 135 135 PHE PHE A . n 
A 1 146 SER 146 136 136 SER SER A . n 
A 1 147 CYS 147 137 137 CYS CYS A . n 
A 1 148 ASP 148 138 138 ASP ASP A . n 
A 1 149 ILE 149 139 139 ILE ILE A . n 
A 1 150 ASN 150 140 140 ASN ASN A . n 
A 1 151 LYS 151 141 141 LYS LYS A . n 
A 1 152 PRO 152 142 142 PRO PRO A . n 
A 1 153 LEU 153 143 143 LEU LEU A . n 
A 1 154 GLN 154 144 144 GLN GLN A . n 
A 1 155 VAL 155 145 145 VAL VAL A . n 
A 1 156 PHE 156 146 146 PHE PHE A . n 
A 1 157 VAL 157 147 147 VAL VAL A . n 
A 1 158 TYR 158 148 148 TYR TYR A . n 
A 1 159 SER 159 149 149 SER SER A . n 
A 1 160 SER 160 150 150 SER SER A . n 
A 1 161 ASN 161 151 151 ASN ASN A . n 
A 1 162 GLU 162 152 152 GLU GLU A . n 
A 1 163 GLU 163 153 153 GLU GLU A . n 
A 1 164 GLN 164 154 154 GLN GLN A . n 
A 1 165 ALA 165 155 155 ALA ALA A . n 
A 1 166 VAL 166 156 156 VAL VAL A . n 
A 1 167 LEU 167 157 157 LEU LEU A . n 
A 1 168 LYS 168 158 158 LYS LYS A . n 
A 1 169 PHE 169 159 159 PHE PHE A . n 
A 1 170 LEU 170 160 160 LEU LEU A . n 
A 1 171 ASP 171 161 161 ASP ASP A . n 
A 1 172 GLY 172 162 162 GLY GLY A . n 
A 1 173 LEU 173 163 163 LEU LEU A . n 
A 1 174 ASP 174 164 ?   ?   ?   A . n 
# 
loop_
_pdbx_nonpoly_scheme.asym_id 
_pdbx_nonpoly_scheme.entity_id 
_pdbx_nonpoly_scheme.mon_id 
_pdbx_nonpoly_scheme.ndb_seq_num 
_pdbx_nonpoly_scheme.pdb_seq_num 
_pdbx_nonpoly_scheme.auth_seq_num 
_pdbx_nonpoly_scheme.pdb_mon_id 
_pdbx_nonpoly_scheme.auth_mon_id 
_pdbx_nonpoly_scheme.pdb_strand_id 
_pdbx_nonpoly_scheme.pdb_ins_code 
B 2 EDO 1  1164 1164 EDO EDO A . 
C 2 EDO 1  1165 1165 EDO EDO A . 
D 3 HOH 1  2001 2001 HOH HOH A . 
D 3 HOH 2  2002 2002 HOH HOH A . 
D 3 HOH 3  2003 2003 HOH HOH A . 
D 3 HOH 4  2004 2004 HOH HOH A . 
D 3 HOH 5  2005 2005 HOH HOH A . 
D 3 HOH 6  2006 2006 HOH HOH A . 
D 3 HOH 7  2007 2007 HOH HOH A . 
D 3 HOH 8  2008 2008 HOH HOH A . 
D 3 HOH 9  2009 2009 HOH HOH A . 
D 3 HOH 10 2010 2010 HOH HOH A . 
D 3 HOH 11 2011 2011 HOH HOH A . 
D 3 HOH 12 2012 2012 HOH HOH A . 
D 3 HOH 13 2013 2013 HOH HOH A . 
D 3 HOH 14 2014 2014 HOH HOH A . 
D 3 HOH 15 2015 2015 HOH HOH A . 
D 3 HOH 16 2016 2016 HOH HOH A . 
D 3 HOH 17 2017 2017 HOH HOH A . 
D 3 HOH 18 2018 2018 HOH HOH A . 
D 3 HOH 19 2019 2019 HOH HOH A . 
D 3 HOH 20 2020 2020 HOH HOH A . 
D 3 HOH 21 2021 2021 HOH HOH A . 
D 3 HOH 22 2022 2022 HOH HOH A . 
D 3 HOH 23 2023 2023 HOH HOH A . 
D 3 HOH 24 2024 2024 HOH HOH A . 
D 3 HOH 25 2025 2025 HOH HOH A . 
D 3 HOH 26 2026 2026 HOH HOH A . 
D 3 HOH 27 2027 2027 HOH HOH A . 
D 3 HOH 28 2028 2028 HOH HOH A . 
D 3 HOH 29 2029 2029 HOH HOH A . 
D 3 HOH 30 2030 2030 HOH HOH A . 
D 3 HOH 31 2031 2031 HOH HOH A . 
D 3 HOH 32 2032 2032 HOH HOH A . 
D 3 HOH 33 2033 2033 HOH HOH A . 
D 3 HOH 34 2034 2034 HOH HOH A . 
D 3 HOH 35 2035 2035 HOH HOH A . 
D 3 HOH 36 2036 2036 HOH HOH A . 
D 3 HOH 37 2037 2037 HOH HOH A . 
D 3 HOH 38 2038 2038 HOH HOH A . 
D 3 HOH 39 2039 2039 HOH HOH A . 
D 3 HOH 40 2040 2040 HOH HOH A . 
D 3 HOH 41 2041 2041 HOH HOH A . 
D 3 HOH 42 2042 2042 HOH HOH A . 
D 3 HOH 43 2043 2043 HOH HOH A . 
D 3 HOH 44 2044 2044 HOH HOH A . 
D 3 HOH 45 2045 2045 HOH HOH A . 
D 3 HOH 46 2046 2046 HOH HOH A . 
D 3 HOH 47 2047 2047 HOH HOH A . 
D 3 HOH 48 2048 2048 HOH HOH A . 
D 3 HOH 49 2049 2049 HOH HOH A . 
D 3 HOH 50 2050 2050 HOH HOH A . 
D 3 HOH 51 2051 2051 HOH HOH A . 
D 3 HOH 52 2052 2052 HOH HOH A . 
D 3 HOH 53 2053 2053 HOH HOH A . 
D 3 HOH 54 2054 2054 HOH HOH A . 
D 3 HOH 55 2055 2055 HOH HOH A . 
D 3 HOH 56 2056 2056 HOH HOH A . 
D 3 HOH 57 2057 2057 HOH HOH A . 
D 3 HOH 58 2058 2058 HOH HOH A . 
D 3 HOH 59 2059 2059 HOH HOH A . 
D 3 HOH 60 2060 2060 HOH HOH A . 
D 3 HOH 61 2061 2061 HOH HOH A . 
D 3 HOH 62 2062 2062 HOH HOH A . 
D 3 HOH 63 2063 2063 HOH HOH A . 
D 3 HOH 64 2064 2064 HOH HOH A . 
D 3 HOH 65 2065 2065 HOH HOH A . 
D 3 HOH 66 2066 2066 HOH HOH A . 
D 3 HOH 67 2067 2067 HOH HOH A . 
D 3 HOH 68 2068 2068 HOH HOH A . 
D 3 HOH 69 2069 2069 HOH HOH A . 
D 3 HOH 70 2070 2070 HOH HOH A . 
D 3 HOH 71 2071 2071 HOH HOH A . 
D 3 HOH 72 2072 2072 HOH HOH A . 
D 3 HOH 73 2073 2073 HOH HOH A . 
D 3 HOH 74 2074 2074 HOH HOH A . 
D 3 HOH 75 2075 2075 HOH HOH A . 
D 3 HOH 76 2076 2076 HOH HOH A . 
D 3 HOH 77 2077 2077 HOH HOH A . 
D 3 HOH 78 2078 2078 HOH HOH A . 
D 3 HOH 79 2079 2079 HOH HOH A . 
D 3 HOH 80 2080 2080 HOH HOH A . 
D 3 HOH 81 2081 2081 HOH HOH A . 
D 3 HOH 82 2082 2082 HOH HOH A . 
D 3 HOH 83 2083 2083 HOH HOH A . 
D 3 HOH 84 2084 2084 HOH HOH A . 
D 3 HOH 85 2085 2085 HOH HOH A . 
D 3 HOH 86 2086 2086 HOH HOH A . 
D 3 HOH 87 2087 2087 HOH HOH A . 
D 3 HOH 88 2088 2088 HOH HOH A . 
D 3 HOH 89 2089 2089 HOH HOH A . 
D 3 HOH 90 2090 2090 HOH HOH A . 
D 3 HOH 91 2091 2091 HOH HOH A . 
D 3 HOH 92 2092 2092 HOH HOH A . 
D 3 HOH 93 2093 2093 HOH HOH A . 
D 3 HOH 94 2094 2094 HOH HOH A . 
D 3 HOH 95 2095 2095 HOH HOH A . 
D 3 HOH 96 2096 2096 HOH HOH A . 
D 3 HOH 97 2097 2097 HOH HOH A . 
# 
_pdbx_struct_assembly.id                   1 
_pdbx_struct_assembly.details              software_defined_assembly 
_pdbx_struct_assembly.method_details       PQS 
_pdbx_struct_assembly.oligomeric_details   monomeric 
_pdbx_struct_assembly.oligomeric_count     1 
# 
_pdbx_struct_assembly_gen.assembly_id       1 
_pdbx_struct_assembly_gen.oper_expression   1 
_pdbx_struct_assembly_gen.asym_id_list      A,B,C,D 
# 
_pdbx_struct_oper_list.id                   1 
_pdbx_struct_oper_list.type                 'identity operation' 
_pdbx_struct_oper_list.name                 1_555 
_pdbx_struct_oper_list.symmetry_operation   x,y,z 
_pdbx_struct_oper_list.matrix[1][1]         1.0000000000 
_pdbx_struct_oper_list.matrix[1][2]         0.0000000000 
_pdbx_struct_oper_list.matrix[1][3]         0.0000000000 
_pdbx_struct_oper_list.vector[1]            0.0000000000 
_pdbx_struct_oper_list.matrix[2][1]         0.0000000000 
_pdbx_struct_oper_list.matrix[2][2]         1.0000000000 
_pdbx_struct_oper_list.matrix[2][3]         0.0000000000 
_pdbx_struct_oper_list.vector[2]            0.0000000000 
_pdbx_struct_oper_list.matrix[3][1]         0.0000000000 
_pdbx_struct_oper_list.matrix[3][2]         0.0000000000 
_pdbx_struct_oper_list.matrix[3][3]         1.0000000000 
_pdbx_struct_oper_list.vector[3]            0.0000000000 
# 
loop_
_pdbx_audit_revision_history.ordinal 
_pdbx_audit_revision_history.data_content_type 
_pdbx_audit_revision_history.major_revision 
_pdbx_audit_revision_history.minor_revision 
_pdbx_audit_revision_history.revision_date 
1 'Structure model' 1 0 2009-06-09 
2 'Structure model' 1 1 2011-05-08 
3 'Structure model' 1 2 2011-07-13 
4 'Structure model' 1 3 2019-07-24 
5 'Structure model' 1 4 2023-12-13 
# 
_pdbx_audit_revision_details.ordinal             1 
_pdbx_audit_revision_details.revision_ordinal    1 
_pdbx_audit_revision_details.data_content_type   'Structure model' 
_pdbx_audit_revision_details.provider            repository 
_pdbx_audit_revision_details.type                'Initial release' 
_pdbx_audit_revision_details.description         ? 
_pdbx_audit_revision_details.details             ? 
# 
loop_
_pdbx_audit_revision_group.ordinal 
_pdbx_audit_revision_group.revision_ordinal 
_pdbx_audit_revision_group.data_content_type 
_pdbx_audit_revision_group.group 
1 2 'Structure model' 'Version format compliance' 
2 3 'Structure model' 'Version format compliance' 
3 4 'Structure model' 'Data collection'           
4 5 'Structure model' 'Data collection'           
5 5 'Structure model' 'Database references'       
6 5 'Structure model' 'Derived calculations'      
7 5 'Structure model' Other                       
8 5 'Structure model' 'Refinement description'    
# 
loop_
_pdbx_audit_revision_category.ordinal 
_pdbx_audit_revision_category.revision_ordinal 
_pdbx_audit_revision_category.data_content_type 
_pdbx_audit_revision_category.category 
1 4 'Structure model' diffrn_source                 
2 5 'Structure model' chem_comp_atom                
3 5 'Structure model' chem_comp_bond                
4 5 'Structure model' database_2                    
5 5 'Structure model' pdbx_database_status          
6 5 'Structure model' pdbx_initial_refinement_model 
7 5 'Structure model' struct_site                   
# 
loop_
_pdbx_audit_revision_item.ordinal 
_pdbx_audit_revision_item.revision_ordinal 
_pdbx_audit_revision_item.data_content_type 
_pdbx_audit_revision_item.item 
1 4 'Structure model' '_diffrn_source.pdbx_synchrotron_site' 
2 5 'Structure model' '_database_2.pdbx_DOI'                 
3 5 'Structure model' '_database_2.pdbx_database_accession'  
4 5 'Structure model' '_pdbx_database_status.status_code_sf' 
5 5 'Structure model' '_struct_site.pdbx_auth_asym_id'       
6 5 'Structure model' '_struct_site.pdbx_auth_comp_id'       
7 5 'Structure model' '_struct_site.pdbx_auth_seq_id'        
# 
loop_
_software.name 
_software.classification 
_software.version 
_software.citation_id 
_software.pdbx_ordinal 
REFMAC    refinement       5.3.0037 ? 1 
HKL       'data reduction' SUITE    ? 2 
SCALEPACK 'data scaling'   .        ? 3 
PHASER    phasing          .        ? 4 
# 
_pdbx_validate_close_contact.id               1 
_pdbx_validate_close_contact.PDB_model_num    1 
_pdbx_validate_close_contact.auth_atom_id_1   OD1 
_pdbx_validate_close_contact.auth_asym_id_1   A 
_pdbx_validate_close_contact.auth_comp_id_1   ASP 
_pdbx_validate_close_contact.auth_seq_id_1    138 
_pdbx_validate_close_contact.PDB_ins_code_1   ? 
_pdbx_validate_close_contact.label_alt_id_1   ? 
_pdbx_validate_close_contact.auth_atom_id_2   OD1 
_pdbx_validate_close_contact.auth_asym_id_2   A 
_pdbx_validate_close_contact.auth_comp_id_2   ASN 
_pdbx_validate_close_contact.auth_seq_id_2    140 
_pdbx_validate_close_contact.PDB_ins_code_2   ? 
_pdbx_validate_close_contact.label_alt_id_2   B 
_pdbx_validate_close_contact.dist             2.12 
# 
loop_
_pdbx_validate_torsion.id 
_pdbx_validate_torsion.PDB_model_num 
_pdbx_validate_torsion.auth_comp_id 
_pdbx_validate_torsion.auth_asym_id 
_pdbx_validate_torsion.auth_seq_id 
_pdbx_validate_torsion.PDB_ins_code 
_pdbx_validate_torsion.label_alt_id 
_pdbx_validate_torsion.phi 
_pdbx_validate_torsion.psi 
1 1 SER A -6 ? ? -163.44 -150.25 
2 1 ALA A -5 ? ? -179.13 85.97   
3 1 ALA A -3 ? ? 98.17   122.42  
4 1 LYS A 7  ? ? 45.04   -110.95 
5 1 HIS A 38 ? ? -102.82 47.02   
# 
_pdbx_validate_peptide_omega.id               1 
_pdbx_validate_peptide_omega.PDB_model_num    1 
_pdbx_validate_peptide_omega.auth_comp_id_1   ALA 
_pdbx_validate_peptide_omega.auth_asym_id_1   A 
_pdbx_validate_peptide_omega.auth_seq_id_1    -4 
_pdbx_validate_peptide_omega.PDB_ins_code_1   ? 
_pdbx_validate_peptide_omega.label_alt_id_1   ? 
_pdbx_validate_peptide_omega.auth_comp_id_2   ALA 
_pdbx_validate_peptide_omega.auth_asym_id_2   A 
_pdbx_validate_peptide_omega.auth_seq_id_2    -3 
_pdbx_validate_peptide_omega.PDB_ins_code_2   ? 
_pdbx_validate_peptide_omega.label_alt_id_2   ? 
_pdbx_validate_peptide_omega.omega            -147.33 
# 
_pdbx_unobs_or_zero_occ_residues.id               1 
_pdbx_unobs_or_zero_occ_residues.PDB_model_num    1 
_pdbx_unobs_or_zero_occ_residues.polymer_flag     Y 
_pdbx_unobs_or_zero_occ_residues.occupancy_flag   1 
_pdbx_unobs_or_zero_occ_residues.auth_asym_id     A 
_pdbx_unobs_or_zero_occ_residues.auth_comp_id     ASP 
_pdbx_unobs_or_zero_occ_residues.auth_seq_id      164 
_pdbx_unobs_or_zero_occ_residues.PDB_ins_code     ? 
_pdbx_unobs_or_zero_occ_residues.label_asym_id    A 
_pdbx_unobs_or_zero_occ_residues.label_comp_id    ASP 
_pdbx_unobs_or_zero_occ_residues.label_seq_id     174 
# 
loop_
_chem_comp_atom.comp_id 
_chem_comp_atom.atom_id 
_chem_comp_atom.type_symbol 
_chem_comp_atom.pdbx_aromatic_flag 
_chem_comp_atom.pdbx_stereo_config 
_chem_comp_atom.pdbx_ordinal 
ALA N    N N N 1   
ALA CA   C N S 2   
ALA C    C N N 3   
ALA O    O N N 4   
ALA CB   C N N 5   
ALA OXT  O N N 6   
ALA H    H N N 7   
ALA H2   H N N 8   
ALA HA   H N N 9   
ALA HB1  H N N 10  
ALA HB2  H N N 11  
ALA HB3  H N N 12  
ALA HXT  H N N 13  
ARG N    N N N 14  
ARG CA   C N S 15  
ARG C    C N N 16  
ARG O    O N N 17  
ARG CB   C N N 18  
ARG CG   C N N 19  
ARG CD   C N N 20  
ARG NE   N N N 21  
ARG CZ   C N N 22  
ARG NH1  N N N 23  
ARG NH2  N N N 24  
ARG OXT  O N N 25  
ARG H    H N N 26  
ARG H2   H N N 27  
ARG HA   H N N 28  
ARG HB2  H N N 29  
ARG HB3  H N N 30  
ARG HG2  H N N 31  
ARG HG3  H N N 32  
ARG HD2  H N N 33  
ARG HD3  H N N 34  
ARG HE   H N N 35  
ARG HH11 H N N 36  
ARG HH12 H N N 37  
ARG HH21 H N N 38  
ARG HH22 H N N 39  
ARG HXT  H N N 40  
ASN N    N N N 41  
ASN CA   C N S 42  
ASN C    C N N 43  
ASN O    O N N 44  
ASN CB   C N N 45  
ASN CG   C N N 46  
ASN OD1  O N N 47  
ASN ND2  N N N 48  
ASN OXT  O N N 49  
ASN H    H N N 50  
ASN H2   H N N 51  
ASN HA   H N N 52  
ASN HB2  H N N 53  
ASN HB3  H N N 54  
ASN HD21 H N N 55  
ASN HD22 H N N 56  
ASN HXT  H N N 57  
ASP N    N N N 58  
ASP CA   C N S 59  
ASP C    C N N 60  
ASP O    O N N 61  
ASP CB   C N N 62  
ASP CG   C N N 63  
ASP OD1  O N N 64  
ASP OD2  O N N 65  
ASP OXT  O N N 66  
ASP H    H N N 67  
ASP H2   H N N 68  
ASP HA   H N N 69  
ASP HB2  H N N 70  
ASP HB3  H N N 71  
ASP HD2  H N N 72  
ASP HXT  H N N 73  
CYS N    N N N 74  
CYS CA   C N R 75  
CYS C    C N N 76  
CYS O    O N N 77  
CYS CB   C N N 78  
CYS SG   S N N 79  
CYS OXT  O N N 80  
CYS H    H N N 81  
CYS H2   H N N 82  
CYS HA   H N N 83  
CYS HB2  H N N 84  
CYS HB3  H N N 85  
CYS HG   H N N 86  
CYS HXT  H N N 87  
EDO C1   C N N 88  
EDO O1   O N N 89  
EDO C2   C N N 90  
EDO O2   O N N 91  
EDO H11  H N N 92  
EDO H12  H N N 93  
EDO HO1  H N N 94  
EDO H21  H N N 95  
EDO H22  H N N 96  
EDO HO2  H N N 97  
GLN N    N N N 98  
GLN CA   C N S 99  
GLN C    C N N 100 
GLN O    O N N 101 
GLN CB   C N N 102 
GLN CG   C N N 103 
GLN CD   C N N 104 
GLN OE1  O N N 105 
GLN NE2  N N N 106 
GLN OXT  O N N 107 
GLN H    H N N 108 
GLN H2   H N N 109 
GLN HA   H N N 110 
GLN HB2  H N N 111 
GLN HB3  H N N 112 
GLN HG2  H N N 113 
GLN HG3  H N N 114 
GLN HE21 H N N 115 
GLN HE22 H N N 116 
GLN HXT  H N N 117 
GLU N    N N N 118 
GLU CA   C N S 119 
GLU C    C N N 120 
GLU O    O N N 121 
GLU CB   C N N 122 
GLU CG   C N N 123 
GLU CD   C N N 124 
GLU OE1  O N N 125 
GLU OE2  O N N 126 
GLU OXT  O N N 127 
GLU H    H N N 128 
GLU H2   H N N 129 
GLU HA   H N N 130 
GLU HB2  H N N 131 
GLU HB3  H N N 132 
GLU HG2  H N N 133 
GLU HG3  H N N 134 
GLU HE2  H N N 135 
GLU HXT  H N N 136 
GLY N    N N N 137 
GLY CA   C N N 138 
GLY C    C N N 139 
GLY O    O N N 140 
GLY OXT  O N N 141 
GLY H    H N N 142 
GLY H2   H N N 143 
GLY HA2  H N N 144 
GLY HA3  H N N 145 
GLY HXT  H N N 146 
HIS N    N N N 147 
HIS CA   C N S 148 
HIS C    C N N 149 
HIS O    O N N 150 
HIS CB   C N N 151 
HIS CG   C Y N 152 
HIS ND1  N Y N 153 
HIS CD2  C Y N 154 
HIS CE1  C Y N 155 
HIS NE2  N Y N 156 
HIS OXT  O N N 157 
HIS H    H N N 158 
HIS H2   H N N 159 
HIS HA   H N N 160 
HIS HB2  H N N 161 
HIS HB3  H N N 162 
HIS HD1  H N N 163 
HIS HD2  H N N 164 
HIS HE1  H N N 165 
HIS HE2  H N N 166 
HIS HXT  H N N 167 
HOH O    O N N 168 
HOH H1   H N N 169 
HOH H2   H N N 170 
ILE N    N N N 171 
ILE CA   C N S 172 
ILE C    C N N 173 
ILE O    O N N 174 
ILE CB   C N S 175 
ILE CG1  C N N 176 
ILE CG2  C N N 177 
ILE CD1  C N N 178 
ILE OXT  O N N 179 
ILE H    H N N 180 
ILE H2   H N N 181 
ILE HA   H N N 182 
ILE HB   H N N 183 
ILE HG12 H N N 184 
ILE HG13 H N N 185 
ILE HG21 H N N 186 
ILE HG22 H N N 187 
ILE HG23 H N N 188 
ILE HD11 H N N 189 
ILE HD12 H N N 190 
ILE HD13 H N N 191 
ILE HXT  H N N 192 
LEU N    N N N 193 
LEU CA   C N S 194 
LEU C    C N N 195 
LEU O    O N N 196 
LEU CB   C N N 197 
LEU CG   C N N 198 
LEU CD1  C N N 199 
LEU CD2  C N N 200 
LEU OXT  O N N 201 
LEU H    H N N 202 
LEU H2   H N N 203 
LEU HA   H N N 204 
LEU HB2  H N N 205 
LEU HB3  H N N 206 
LEU HG   H N N 207 
LEU HD11 H N N 208 
LEU HD12 H N N 209 
LEU HD13 H N N 210 
LEU HD21 H N N 211 
LEU HD22 H N N 212 
LEU HD23 H N N 213 
LEU HXT  H N N 214 
LYS N    N N N 215 
LYS CA   C N S 216 
LYS C    C N N 217 
LYS O    O N N 218 
LYS CB   C N N 219 
LYS CG   C N N 220 
LYS CD   C N N 221 
LYS CE   C N N 222 
LYS NZ   N N N 223 
LYS OXT  O N N 224 
LYS H    H N N 225 
LYS H2   H N N 226 
LYS HA   H N N 227 
LYS HB2  H N N 228 
LYS HB3  H N N 229 
LYS HG2  H N N 230 
LYS HG3  H N N 231 
LYS HD2  H N N 232 
LYS HD3  H N N 233 
LYS HE2  H N N 234 
LYS HE3  H N N 235 
LYS HZ1  H N N 236 
LYS HZ2  H N N 237 
LYS HZ3  H N N 238 
LYS HXT  H N N 239 
MET N    N N N 240 
MET CA   C N S 241 
MET C    C N N 242 
MET O    O N N 243 
MET CB   C N N 244 
MET CG   C N N 245 
MET SD   S N N 246 
MET CE   C N N 247 
MET OXT  O N N 248 
MET H    H N N 249 
MET H2   H N N 250 
MET HA   H N N 251 
MET HB2  H N N 252 
MET HB3  H N N 253 
MET HG2  H N N 254 
MET HG3  H N N 255 
MET HE1  H N N 256 
MET HE2  H N N 257 
MET HE3  H N N 258 
MET HXT  H N N 259 
PHE N    N N N 260 
PHE CA   C N S 261 
PHE C    C N N 262 
PHE O    O N N 263 
PHE CB   C N N 264 
PHE CG   C Y N 265 
PHE CD1  C Y N 266 
PHE CD2  C Y N 267 
PHE CE1  C Y N 268 
PHE CE2  C Y N 269 
PHE CZ   C Y N 270 
PHE OXT  O N N 271 
PHE H    H N N 272 
PHE H2   H N N 273 
PHE HA   H N N 274 
PHE HB2  H N N 275 
PHE HB3  H N N 276 
PHE HD1  H N N 277 
PHE HD2  H N N 278 
PHE HE1  H N N 279 
PHE HE2  H N N 280 
PHE HZ   H N N 281 
PHE HXT  H N N 282 
PRO N    N N N 283 
PRO CA   C N S 284 
PRO C    C N N 285 
PRO O    O N N 286 
PRO CB   C N N 287 
PRO CG   C N N 288 
PRO CD   C N N 289 
PRO OXT  O N N 290 
PRO H    H N N 291 
PRO HA   H N N 292 
PRO HB2  H N N 293 
PRO HB3  H N N 294 
PRO HG2  H N N 295 
PRO HG3  H N N 296 
PRO HD2  H N N 297 
PRO HD3  H N N 298 
PRO HXT  H N N 299 
SER N    N N N 300 
SER CA   C N S 301 
SER C    C N N 302 
SER O    O N N 303 
SER CB   C N N 304 
SER OG   O N N 305 
SER OXT  O N N 306 
SER H    H N N 307 
SER H2   H N N 308 
SER HA   H N N 309 
SER HB2  H N N 310 
SER HB3  H N N 311 
SER HG   H N N 312 
SER HXT  H N N 313 
THR N    N N N 314 
THR CA   C N S 315 
THR C    C N N 316 
THR O    O N N 317 
THR CB   C N R 318 
THR OG1  O N N 319 
THR CG2  C N N 320 
THR OXT  O N N 321 
THR H    H N N 322 
THR H2   H N N 323 
THR HA   H N N 324 
THR HB   H N N 325 
THR HG1  H N N 326 
THR HG21 H N N 327 
THR HG22 H N N 328 
THR HG23 H N N 329 
THR HXT  H N N 330 
TYR N    N N N 331 
TYR CA   C N S 332 
TYR C    C N N 333 
TYR O    O N N 334 
TYR CB   C N N 335 
TYR CG   C Y N 336 
TYR CD1  C Y N 337 
TYR CD2  C Y N 338 
TYR CE1  C Y N 339 
TYR CE2  C Y N 340 
TYR CZ   C Y N 341 
TYR OH   O N N 342 
TYR OXT  O N N 343 
TYR H    H N N 344 
TYR H2   H N N 345 
TYR HA   H N N 346 
TYR HB2  H N N 347 
TYR HB3  H N N 348 
TYR HD1  H N N 349 
TYR HD2  H N N 350 
TYR HE1  H N N 351 
TYR HE2  H N N 352 
TYR HH   H N N 353 
TYR HXT  H N N 354 
VAL N    N N N 355 
VAL CA   C N S 356 
VAL C    C N N 357 
VAL O    O N N 358 
VAL CB   C N N 359 
VAL CG1  C N N 360 
VAL CG2  C N N 361 
VAL OXT  O N N 362 
VAL H    H N N 363 
VAL H2   H N N 364 
VAL HA   H N N 365 
VAL HB   H N N 366 
VAL HG11 H N N 367 
VAL HG12 H N N 368 
VAL HG13 H N N 369 
VAL HG21 H N N 370 
VAL HG22 H N N 371 
VAL HG23 H N N 372 
VAL HXT  H N N 373 
# 
loop_
_chem_comp_bond.comp_id 
_chem_comp_bond.atom_id_1 
_chem_comp_bond.atom_id_2 
_chem_comp_bond.value_order 
_chem_comp_bond.pdbx_aromatic_flag 
_chem_comp_bond.pdbx_stereo_config 
_chem_comp_bond.pdbx_ordinal 
ALA N   CA   sing N N 1   
ALA N   H    sing N N 2   
ALA N   H2   sing N N 3   
ALA CA  C    sing N N 4   
ALA CA  CB   sing N N 5   
ALA CA  HA   sing N N 6   
ALA C   O    doub N N 7   
ALA C   OXT  sing N N 8   
ALA CB  HB1  sing N N 9   
ALA CB  HB2  sing N N 10  
ALA CB  HB3  sing N N 11  
ALA OXT HXT  sing N N 12  
ARG N   CA   sing N N 13  
ARG N   H    sing N N 14  
ARG N   H2   sing N N 15  
ARG CA  C    sing N N 16  
ARG CA  CB   sing N N 17  
ARG CA  HA   sing N N 18  
ARG C   O    doub N N 19  
ARG C   OXT  sing N N 20  
ARG CB  CG   sing N N 21  
ARG CB  HB2  sing N N 22  
ARG CB  HB3  sing N N 23  
ARG CG  CD   sing N N 24  
ARG CG  HG2  sing N N 25  
ARG CG  HG3  sing N N 26  
ARG CD  NE   sing N N 27  
ARG CD  HD2  sing N N 28  
ARG CD  HD3  sing N N 29  
ARG NE  CZ   sing N N 30  
ARG NE  HE   sing N N 31  
ARG CZ  NH1  sing N N 32  
ARG CZ  NH2  doub N N 33  
ARG NH1 HH11 sing N N 34  
ARG NH1 HH12 sing N N 35  
ARG NH2 HH21 sing N N 36  
ARG NH2 HH22 sing N N 37  
ARG OXT HXT  sing N N 38  
ASN N   CA   sing N N 39  
ASN N   H    sing N N 40  
ASN N   H2   sing N N 41  
ASN CA  C    sing N N 42  
ASN CA  CB   sing N N 43  
ASN CA  HA   sing N N 44  
ASN C   O    doub N N 45  
ASN C   OXT  sing N N 46  
ASN CB  CG   sing N N 47  
ASN CB  HB2  sing N N 48  
ASN CB  HB3  sing N N 49  
ASN CG  OD1  doub N N 50  
ASN CG  ND2  sing N N 51  
ASN ND2 HD21 sing N N 52  
ASN ND2 HD22 sing N N 53  
ASN OXT HXT  sing N N 54  
ASP N   CA   sing N N 55  
ASP N   H    sing N N 56  
ASP N   H2   sing N N 57  
ASP CA  C    sing N N 58  
ASP CA  CB   sing N N 59  
ASP CA  HA   sing N N 60  
ASP C   O    doub N N 61  
ASP C   OXT  sing N N 62  
ASP CB  CG   sing N N 63  
ASP CB  HB2  sing N N 64  
ASP CB  HB3  sing N N 65  
ASP CG  OD1  doub N N 66  
ASP CG  OD2  sing N N 67  
ASP OD2 HD2  sing N N 68  
ASP OXT HXT  sing N N 69  
CYS N   CA   sing N N 70  
CYS N   H    sing N N 71  
CYS N   H2   sing N N 72  
CYS CA  C    sing N N 73  
CYS CA  CB   sing N N 74  
CYS CA  HA   sing N N 75  
CYS C   O    doub N N 76  
CYS C   OXT  sing N N 77  
CYS CB  SG   sing N N 78  
CYS CB  HB2  sing N N 79  
CYS CB  HB3  sing N N 80  
CYS SG  HG   sing N N 81  
CYS OXT HXT  sing N N 82  
EDO C1  O1   sing N N 83  
EDO C1  C2   sing N N 84  
EDO C1  H11  sing N N 85  
EDO C1  H12  sing N N 86  
EDO O1  HO1  sing N N 87  
EDO C2  O2   sing N N 88  
EDO C2  H21  sing N N 89  
EDO C2  H22  sing N N 90  
EDO O2  HO2  sing N N 91  
GLN N   CA   sing N N 92  
GLN N   H    sing N N 93  
GLN N   H2   sing N N 94  
GLN CA  C    sing N N 95  
GLN CA  CB   sing N N 96  
GLN CA  HA   sing N N 97  
GLN C   O    doub N N 98  
GLN C   OXT  sing N N 99  
GLN CB  CG   sing N N 100 
GLN CB  HB2  sing N N 101 
GLN CB  HB3  sing N N 102 
GLN CG  CD   sing N N 103 
GLN CG  HG2  sing N N 104 
GLN CG  HG3  sing N N 105 
GLN CD  OE1  doub N N 106 
GLN CD  NE2  sing N N 107 
GLN NE2 HE21 sing N N 108 
GLN NE2 HE22 sing N N 109 
GLN OXT HXT  sing N N 110 
GLU N   CA   sing N N 111 
GLU N   H    sing N N 112 
GLU N   H2   sing N N 113 
GLU CA  C    sing N N 114 
GLU CA  CB   sing N N 115 
GLU CA  HA   sing N N 116 
GLU C   O    doub N N 117 
GLU C   OXT  sing N N 118 
GLU CB  CG   sing N N 119 
GLU CB  HB2  sing N N 120 
GLU CB  HB3  sing N N 121 
GLU CG  CD   sing N N 122 
GLU CG  HG2  sing N N 123 
GLU CG  HG3  sing N N 124 
GLU CD  OE1  doub N N 125 
GLU CD  OE2  sing N N 126 
GLU OE2 HE2  sing N N 127 
GLU OXT HXT  sing N N 128 
GLY N   CA   sing N N 129 
GLY N   H    sing N N 130 
GLY N   H2   sing N N 131 
GLY CA  C    sing N N 132 
GLY CA  HA2  sing N N 133 
GLY CA  HA3  sing N N 134 
GLY C   O    doub N N 135 
GLY C   OXT  sing N N 136 
GLY OXT HXT  sing N N 137 
HIS N   CA   sing N N 138 
HIS N   H    sing N N 139 
HIS N   H2   sing N N 140 
HIS CA  C    sing N N 141 
HIS CA  CB   sing N N 142 
HIS CA  HA   sing N N 143 
HIS C   O    doub N N 144 
HIS C   OXT  sing N N 145 
HIS CB  CG   sing N N 146 
HIS CB  HB2  sing N N 147 
HIS CB  HB3  sing N N 148 
HIS CG  ND1  sing Y N 149 
HIS CG  CD2  doub Y N 150 
HIS ND1 CE1  doub Y N 151 
HIS ND1 HD1  sing N N 152 
HIS CD2 NE2  sing Y N 153 
HIS CD2 HD2  sing N N 154 
HIS CE1 NE2  sing Y N 155 
HIS CE1 HE1  sing N N 156 
HIS NE2 HE2  sing N N 157 
HIS OXT HXT  sing N N 158 
HOH O   H1   sing N N 159 
HOH O   H2   sing N N 160 
ILE N   CA   sing N N 161 
ILE N   H    sing N N 162 
ILE N   H2   sing N N 163 
ILE CA  C    sing N N 164 
ILE CA  CB   sing N N 165 
ILE CA  HA   sing N N 166 
ILE C   O    doub N N 167 
ILE C   OXT  sing N N 168 
ILE CB  CG1  sing N N 169 
ILE CB  CG2  sing N N 170 
ILE CB  HB   sing N N 171 
ILE CG1 CD1  sing N N 172 
ILE CG1 HG12 sing N N 173 
ILE CG1 HG13 sing N N 174 
ILE CG2 HG21 sing N N 175 
ILE CG2 HG22 sing N N 176 
ILE CG2 HG23 sing N N 177 
ILE CD1 HD11 sing N N 178 
ILE CD1 HD12 sing N N 179 
ILE CD1 HD13 sing N N 180 
ILE OXT HXT  sing N N 181 
LEU N   CA   sing N N 182 
LEU N   H    sing N N 183 
LEU N   H2   sing N N 184 
LEU CA  C    sing N N 185 
LEU CA  CB   sing N N 186 
LEU CA  HA   sing N N 187 
LEU C   O    doub N N 188 
LEU C   OXT  sing N N 189 
LEU CB  CG   sing N N 190 
LEU CB  HB2  sing N N 191 
LEU CB  HB3  sing N N 192 
LEU CG  CD1  sing N N 193 
LEU CG  CD2  sing N N 194 
LEU CG  HG   sing N N 195 
LEU CD1 HD11 sing N N 196 
LEU CD1 HD12 sing N N 197 
LEU CD1 HD13 sing N N 198 
LEU CD2 HD21 sing N N 199 
LEU CD2 HD22 sing N N 200 
LEU CD2 HD23 sing N N 201 
LEU OXT HXT  sing N N 202 
LYS N   CA   sing N N 203 
LYS N   H    sing N N 204 
LYS N   H2   sing N N 205 
LYS CA  C    sing N N 206 
LYS CA  CB   sing N N 207 
LYS CA  HA   sing N N 208 
LYS C   O    doub N N 209 
LYS C   OXT  sing N N 210 
LYS CB  CG   sing N N 211 
LYS CB  HB2  sing N N 212 
LYS CB  HB3  sing N N 213 
LYS CG  CD   sing N N 214 
LYS CG  HG2  sing N N 215 
LYS CG  HG3  sing N N 216 
LYS CD  CE   sing N N 217 
LYS CD  HD2  sing N N 218 
LYS CD  HD3  sing N N 219 
LYS CE  NZ   sing N N 220 
LYS CE  HE2  sing N N 221 
LYS CE  HE3  sing N N 222 
LYS NZ  HZ1  sing N N 223 
LYS NZ  HZ2  sing N N 224 
LYS NZ  HZ3  sing N N 225 
LYS OXT HXT  sing N N 226 
MET N   CA   sing N N 227 
MET N   H    sing N N 228 
MET N   H2   sing N N 229 
MET CA  C    sing N N 230 
MET CA  CB   sing N N 231 
MET CA  HA   sing N N 232 
MET C   O    doub N N 233 
MET C   OXT  sing N N 234 
MET CB  CG   sing N N 235 
MET CB  HB2  sing N N 236 
MET CB  HB3  sing N N 237 
MET CG  SD   sing N N 238 
MET CG  HG2  sing N N 239 
MET CG  HG3  sing N N 240 
MET SD  CE   sing N N 241 
MET CE  HE1  sing N N 242 
MET CE  HE2  sing N N 243 
MET CE  HE3  sing N N 244 
MET OXT HXT  sing N N 245 
PHE N   CA   sing N N 246 
PHE N   H    sing N N 247 
PHE N   H2   sing N N 248 
PHE CA  C    sing N N 249 
PHE CA  CB   sing N N 250 
PHE CA  HA   sing N N 251 
PHE C   O    doub N N 252 
PHE C   OXT  sing N N 253 
PHE CB  CG   sing N N 254 
PHE CB  HB2  sing N N 255 
PHE CB  HB3  sing N N 256 
PHE CG  CD1  doub Y N 257 
PHE CG  CD2  sing Y N 258 
PHE CD1 CE1  sing Y N 259 
PHE CD1 HD1  sing N N 260 
PHE CD2 CE2  doub Y N 261 
PHE CD2 HD2  sing N N 262 
PHE CE1 CZ   doub Y N 263 
PHE CE1 HE1  sing N N 264 
PHE CE2 CZ   sing Y N 265 
PHE CE2 HE2  sing N N 266 
PHE CZ  HZ   sing N N 267 
PHE OXT HXT  sing N N 268 
PRO N   CA   sing N N 269 
PRO N   CD   sing N N 270 
PRO N   H    sing N N 271 
PRO CA  C    sing N N 272 
PRO CA  CB   sing N N 273 
PRO CA  HA   sing N N 274 
PRO C   O    doub N N 275 
PRO C   OXT  sing N N 276 
PRO CB  CG   sing N N 277 
PRO CB  HB2  sing N N 278 
PRO CB  HB3  sing N N 279 
PRO CG  CD   sing N N 280 
PRO CG  HG2  sing N N 281 
PRO CG  HG3  sing N N 282 
PRO CD  HD2  sing N N 283 
PRO CD  HD3  sing N N 284 
PRO OXT HXT  sing N N 285 
SER N   CA   sing N N 286 
SER N   H    sing N N 287 
SER N   H2   sing N N 288 
SER CA  C    sing N N 289 
SER CA  CB   sing N N 290 
SER CA  HA   sing N N 291 
SER C   O    doub N N 292 
SER C   OXT  sing N N 293 
SER CB  OG   sing N N 294 
SER CB  HB2  sing N N 295 
SER CB  HB3  sing N N 296 
SER OG  HG   sing N N 297 
SER OXT HXT  sing N N 298 
THR N   CA   sing N N 299 
THR N   H    sing N N 300 
THR N   H2   sing N N 301 
THR CA  C    sing N N 302 
THR CA  CB   sing N N 303 
THR CA  HA   sing N N 304 
THR C   O    doub N N 305 
THR C   OXT  sing N N 306 
THR CB  OG1  sing N N 307 
THR CB  CG2  sing N N 308 
THR CB  HB   sing N N 309 
THR OG1 HG1  sing N N 310 
THR CG2 HG21 sing N N 311 
THR CG2 HG22 sing N N 312 
THR CG2 HG23 sing N N 313 
THR OXT HXT  sing N N 314 
TYR N   CA   sing N N 315 
TYR N   H    sing N N 316 
TYR N   H2   sing N N 317 
TYR CA  C    sing N N 318 
TYR CA  CB   sing N N 319 
TYR CA  HA   sing N N 320 
TYR C   O    doub N N 321 
TYR C   OXT  sing N N 322 
TYR CB  CG   sing N N 323 
TYR CB  HB2  sing N N 324 
TYR CB  HB3  sing N N 325 
TYR CG  CD1  doub Y N 326 
TYR CG  CD2  sing Y N 327 
TYR CD1 CE1  sing Y N 328 
TYR CD1 HD1  sing N N 329 
TYR CD2 CE2  doub Y N 330 
TYR CD2 HD2  sing N N 331 
TYR CE1 CZ   doub Y N 332 
TYR CE1 HE1  sing N N 333 
TYR CE2 CZ   sing Y N 334 
TYR CE2 HE2  sing N N 335 
TYR CZ  OH   sing N N 336 
TYR OH  HH   sing N N 337 
TYR OXT HXT  sing N N 338 
VAL N   CA   sing N N 339 
VAL N   H    sing N N 340 
VAL N   H2   sing N N 341 
VAL CA  C    sing N N 342 
VAL CA  CB   sing N N 343 
VAL CA  HA   sing N N 344 
VAL C   O    doub N N 345 
VAL C   OXT  sing N N 346 
VAL CB  CG1  sing N N 347 
VAL CB  CG2  sing N N 348 
VAL CB  HB   sing N N 349 
VAL CG1 HG11 sing N N 350 
VAL CG1 HG12 sing N N 351 
VAL CG1 HG13 sing N N 352 
VAL CG2 HG21 sing N N 353 
VAL CG2 HG22 sing N N 354 
VAL CG2 HG23 sing N N 355 
VAL OXT HXT  sing N N 356 
# 
loop_
_pdbx_entity_nonpoly.entity_id 
_pdbx_entity_nonpoly.name 
_pdbx_entity_nonpoly.comp_id 
2 1,2-ETHANEDIOL EDO 
3 water          HOH 
# 
_pdbx_initial_refinement_model.id               1 
_pdbx_initial_refinement_model.entity_id_list   ? 
_pdbx_initial_refinement_model.type             'experimental model' 
_pdbx_initial_refinement_model.source_name      PDB 
_pdbx_initial_refinement_model.accession_code   2ACF 
_pdbx_initial_refinement_model.details          'PDB ENTRY 2ACF' 
# 
